data_5ERB
#
_entry.id   5ERB
#
_cell.length_a   70.758
_cell.length_b   319.132
_cell.length_c   103.470
_cell.angle_alpha   90.00
_cell.angle_beta   110.26
_cell.angle_gamma   90.00
#
_symmetry.space_group_name_H-M   'P 1 21 1'
#
_entity_poly.entity_id   1
_entity_poly.type   'polypeptide(L)'
_entity_poly.pdbx_seq_one_letter_code
;MGSSHHHHHHSSGLVPRGSSQQLTEREDIAIIGISGRYPQAENLQEFWKNLSEGTDCITEIPNDRWDHSLYYDADKDKEG
KTYGKWGGFLKDVDKFDPQFFSISPRDAKLMDPQERLFLQCVYETMEDAGYTRKKLTEKSGDLLGANVGVYVGVMYEEYQ
LYGAEEQARGKSLALTGNPSSIANRASYVFGFNGPSMALDTMCSSSLTAIHLACQSLRNGECEAAFAGGVNVSVHPNKYL
MLGQNRFLSSKGRCESFGEGGDGYVPGEGVGAVLLKPLSKAKADGDHIYGLIKGTAVNHDGKTNGYSVPNPNAQAAVIKQ
ALKDAGTDPRAVSYIEAHGTGTSLGDPIEITGLTKAFSEQTQDKQFCAIGSAKSNIGHCESAAGIAGLTKVLLQMKHKQL
APSLHSRTLNPNIDFLATPFKVQQTLEEWKRPVINENGVNKELPRTAGLSSFGAGGVNAHIVIEEYSADEDKETAFAAPH
PSMIVLSAKNEQRLQKRAKRLLDALRSGRYREADLSRIAYTLQVGREPMEERLGMIVSNLRELEEKLDEFTGGKESIDQL
YRGQVKQNKDTMALFTADEDMEKTIEAWLEKGKAAKVLELWVKGLPLNWDKLYQMGRPQKISLPAYPFAKDRYWIDTSAD
;
_entity_poly.pdbx_strand_id   A,B,C,D
#
# COMPACT_ATOMS: atom_id res chain seq x y z
N ARG A 26 -4.47 -33.15 0.69
CA ARG A 26 -4.74 -31.89 1.45
C ARG A 26 -5.88 -31.07 0.78
N GLU A 27 -7.00 -30.98 1.49
CA GLU A 27 -8.23 -30.30 1.03
C GLU A 27 -8.63 -29.09 1.87
N ASP A 28 -9.21 -28.07 1.24
CA ASP A 28 -9.59 -26.84 1.95
C ASP A 28 -10.83 -27.12 2.78
N ILE A 29 -11.00 -26.38 3.86
CA ILE A 29 -12.24 -26.41 4.65
C ILE A 29 -13.02 -25.12 4.44
N ALA A 30 -14.29 -25.25 4.09
CA ALA A 30 -15.20 -24.13 3.97
C ALA A 30 -15.94 -23.91 5.28
N ILE A 31 -16.11 -22.63 5.64
CA ILE A 31 -16.91 -22.23 6.80
C ILE A 31 -18.23 -21.72 6.23
N ILE A 32 -19.32 -22.35 6.63
CA ILE A 32 -20.63 -22.08 6.02
C ILE A 32 -21.62 -21.39 6.95
N GLY A 33 -21.50 -21.64 8.25
CA GLY A 33 -22.36 -21.02 9.24
C GLY A 33 -21.54 -20.43 10.36
N ILE A 34 -21.95 -19.26 10.85
CA ILE A 34 -21.32 -18.63 12.00
C ILE A 34 -22.37 -18.00 12.92
N SER A 35 -21.99 -17.82 14.18
CA SER A 35 -22.77 -17.05 15.14
C SER A 35 -21.93 -16.86 16.40
N GLY A 36 -22.42 -16.03 17.31
CA GLY A 36 -21.75 -15.83 18.58
C GLY A 36 -22.35 -14.66 19.32
N ARG A 37 -22.06 -14.54 20.58
CA ARG A 37 -22.60 -13.49 21.45
C ARG A 37 -21.40 -12.94 22.23
N TYR A 38 -21.17 -11.65 22.08
CA TYR A 38 -20.04 -10.94 22.67
C TYR A 38 -20.53 -9.65 23.31
N PRO A 39 -19.70 -9.02 24.18
CA PRO A 39 -20.10 -7.79 24.89
C PRO A 39 -20.79 -6.73 24.03
N GLN A 40 -21.97 -6.29 24.48
CA GLN A 40 -22.80 -5.32 23.76
C GLN A 40 -23.10 -5.78 22.32
N ALA A 41 -23.31 -7.08 22.13
CA ALA A 41 -23.66 -7.65 20.82
C ALA A 41 -24.76 -8.70 20.98
N GLU A 42 -25.96 -8.32 20.56
CA GLU A 42 -27.12 -9.22 20.56
C GLU A 42 -27.01 -10.28 19.44
N ASN A 43 -26.60 -9.85 18.24
CA ASN A 43 -26.27 -10.76 17.11
C ASN A 43 -25.00 -10.27 16.36
N LEU A 44 -24.57 -11.05 15.38
CA LEU A 44 -23.40 -10.72 14.56
C LEU A 44 -23.56 -9.39 13.81
N GLN A 45 -24.81 -9.07 13.45
CA GLN A 45 -25.12 -7.81 12.73
C GLN A 45 -24.63 -6.65 13.59
N GLU A 46 -25.05 -6.63 14.85
CA GLU A 46 -24.72 -5.54 15.77
C GLU A 46 -23.31 -5.65 16.38
N PHE A 47 -22.72 -6.84 16.37
CA PHE A 47 -21.30 -7.00 16.72
C PHE A 47 -20.43 -6.24 15.73
N TRP A 48 -20.70 -6.45 14.44
CA TRP A 48 -20.00 -5.74 13.37
C TRP A 48 -20.12 -4.22 13.48
N LYS A 49 -21.30 -3.75 13.85
CA LYS A 49 -21.55 -2.35 14.09
C LYS A 49 -20.51 -1.77 15.05
N ASN A 50 -20.39 -2.40 16.22
CA ASN A 50 -19.46 -1.97 17.26
C ASN A 50 -18.00 -2.02 16.82
N LEU A 51 -17.64 -3.03 16.03
CA LEU A 51 -16.30 -3.14 15.46
C LEU A 51 -16.05 -2.06 14.41
N SER A 52 -16.99 -1.88 13.48
CA SER A 52 -16.87 -0.88 12.41
C SER A 52 -16.85 0.55 12.95
N GLU A 53 -17.75 0.87 13.87
CA GLU A 53 -17.80 2.20 14.48
C GLU A 53 -16.98 1.50 15.56
N GLY A 54 -15.85 2.10 15.96
CA GLY A 54 -14.98 1.52 16.97
C GLY A 54 -15.75 2.01 18.18
N THR A 55 -16.09 1.18 19.08
CA THR A 55 -16.96 1.48 20.22
C THR A 55 -16.33 0.59 21.30
N ASP A 56 -15.97 1.20 22.45
CA ASP A 56 -15.49 0.45 23.63
C ASP A 56 -16.71 -0.30 24.21
N CYS A 57 -16.69 -1.62 24.07
CA CYS A 57 -17.78 -2.49 24.55
C CYS A 57 -17.62 -2.95 25.99
N ILE A 58 -16.50 -2.57 26.62
CA ILE A 58 -16.19 -2.96 27.99
C ILE A 58 -16.88 -1.97 28.93
N THR A 59 -17.59 -2.49 29.93
CA THR A 59 -18.44 -1.67 30.82
C THR A 59 -18.40 -2.14 32.27
N GLU A 60 -18.86 -1.27 33.16
CA GLU A 60 -18.90 -1.51 34.62
C GLU A 60 -19.61 -2.82 35.03
N ILE A 61 -19.14 -3.47 36.09
CA ILE A 61 -19.75 -4.75 36.56
C ILE A 61 -21.23 -4.63 36.98
N PRO A 62 -22.14 -5.36 36.29
CA PRO A 62 -23.57 -5.23 36.62
C PRO A 62 -23.96 -5.58 38.06
N ASN A 63 -25.12 -5.08 38.49
CA ASN A 63 -25.64 -5.32 39.85
C ASN A 63 -26.10 -6.78 40.08
N ASP A 64 -26.52 -7.45 39.00
CA ASP A 64 -27.11 -8.79 39.10
C ASP A 64 -26.10 -9.91 39.42
N ARG A 65 -24.79 -9.68 39.30
CA ARG A 65 -23.80 -10.76 39.38
C ARG A 65 -23.34 -10.99 40.83
N TRP A 66 -22.54 -10.06 41.35
CA TRP A 66 -22.13 -10.06 42.75
C TRP A 66 -22.27 -8.63 43.29
N ASP A 67 -22.00 -8.48 44.58
CA ASP A 67 -22.11 -7.16 45.19
C ASP A 67 -20.89 -6.41 44.70
N HIS A 68 -21.10 -5.48 43.76
CA HIS A 68 -20.00 -4.77 43.13
C HIS A 68 -19.16 -4.29 44.26
N SER A 69 -19.87 -3.64 45.16
CA SER A 69 -19.33 -3.15 46.39
C SER A 69 -19.14 -4.31 47.35
N LEU A 70 -18.33 -5.30 47.00
CA LEU A 70 -18.19 -6.36 48.00
C LEU A 70 -16.75 -6.03 47.60
N TYR A 71 -15.85 -6.65 48.33
CA TYR A 71 -14.47 -6.17 48.34
C TYR A 71 -13.42 -6.06 47.22
N TYR A 72 -12.86 -4.86 47.08
CA TYR A 72 -11.85 -4.55 46.10
C TYR A 72 -10.75 -3.76 46.80
N ASP A 73 -9.62 -3.74 46.11
CA ASP A 73 -8.31 -3.33 46.65
C ASP A 73 -7.66 -2.30 45.75
N ALA A 74 -6.87 -1.40 46.37
CA ALA A 74 -5.86 -0.58 45.68
C ALA A 74 -4.76 -1.51 45.19
N ASP A 75 -3.82 -1.09 44.45
CA ASP A 75 -2.86 -1.95 43.69
C ASP A 75 -1.87 -2.75 44.56
N LYS A 76 -1.92 -4.08 44.43
CA LYS A 76 -1.01 -5.10 45.03
C LYS A 76 -0.72 -5.03 46.57
N ASP A 77 -1.79 -5.17 47.37
CA ASP A 77 -1.76 -5.06 48.85
C ASP A 77 -2.21 -6.30 49.67
N LYS A 78 -3.49 -6.65 49.52
CA LYS A 78 -4.17 -7.65 50.39
C LYS A 78 -4.17 -9.07 49.77
N GLU A 79 -4.57 -10.03 50.60
CA GLU A 79 -4.77 -11.44 50.25
C GLU A 79 -6.05 -11.70 49.43
N GLY A 80 -7.18 -11.11 49.83
CA GLY A 80 -8.50 -11.57 49.43
C GLY A 80 -9.14 -10.89 48.25
N LYS A 81 -8.61 -9.75 47.76
CA LYS A 81 -9.25 -8.92 46.70
C LYS A 81 -8.30 -8.40 45.59
N THR A 82 -8.88 -7.87 44.50
CA THR A 82 -8.10 -7.16 43.46
C THR A 82 -8.56 -5.73 43.12
N TYR A 83 -7.89 -5.08 42.18
CA TYR A 83 -8.28 -3.78 41.69
C TYR A 83 -8.89 -4.32 40.43
N GLY A 84 -10.13 -4.80 40.56
CA GLY A 84 -10.87 -5.39 39.46
C GLY A 84 -11.79 -4.26 39.14
N LYS A 85 -11.48 -3.53 38.07
CA LYS A 85 -12.27 -2.36 37.68
C LYS A 85 -13.59 -2.77 37.05
N TRP A 86 -13.50 -3.51 35.97
CA TRP A 86 -14.68 -3.98 35.27
C TRP A 86 -14.22 -4.86 34.13
N GLY A 87 -15.15 -5.21 33.26
CA GLY A 87 -14.83 -6.02 32.08
C GLY A 87 -15.99 -6.18 31.11
N GLY A 88 -15.78 -6.95 30.04
CA GLY A 88 -16.80 -7.15 29.00
C GLY A 88 -17.85 -8.16 29.41
N PHE A 89 -19.13 -7.76 29.40
CA PHE A 89 -20.23 -8.61 29.84
C PHE A 89 -21.45 -8.57 28.91
N LEU A 90 -22.32 -9.58 29.05
CA LEU A 90 -23.58 -9.69 28.31
C LEU A 90 -24.75 -9.49 29.24
N LYS A 91 -25.74 -8.75 28.77
CA LYS A 91 -27.06 -8.76 29.39
C LYS A 91 -27.66 -10.23 29.41
N ASP A 92 -27.53 -10.98 28.30
CA ASP A 92 -28.16 -12.31 28.05
C ASP A 92 -28.04 -13.42 29.16
N VAL A 93 -26.92 -13.42 29.89
CA VAL A 93 -26.36 -14.71 30.36
C VAL A 93 -27.29 -15.73 31.07
N ASP A 94 -28.09 -15.29 32.04
CA ASP A 94 -28.87 -16.20 32.89
C ASP A 94 -30.23 -16.72 32.35
N LYS A 95 -30.47 -16.60 31.02
CA LYS A 95 -31.79 -16.93 30.41
C LYS A 95 -31.70 -18.11 29.44
N PHE A 96 -32.81 -18.85 29.33
CA PHE A 96 -32.93 -19.97 28.41
C PHE A 96 -34.38 -20.28 28.03
N ASP A 97 -34.57 -20.91 26.86
CA ASP A 97 -35.82 -21.51 26.44
C ASP A 97 -35.73 -23.03 26.63
N PRO A 98 -36.15 -23.52 27.81
CA PRO A 98 -35.95 -24.94 28.11
C PRO A 98 -36.75 -25.91 27.21
N GLN A 99 -38.07 -25.70 27.13
CA GLN A 99 -38.98 -26.62 26.44
C GLN A 99 -38.78 -26.71 24.91
N PHE A 100 -38.11 -25.72 24.31
CA PHE A 100 -37.74 -25.78 22.88
C PHE A 100 -36.92 -27.02 22.51
N PHE A 101 -36.00 -27.42 23.39
CA PHE A 101 -35.09 -28.52 23.13
C PHE A 101 -35.54 -29.85 23.76
N SER A 102 -36.80 -29.92 24.20
CA SER A 102 -37.33 -31.05 24.96
C SER A 102 -36.52 -31.29 26.24
N ILE A 103 -36.38 -30.22 27.03
CA ILE A 103 -35.75 -30.27 28.35
C ILE A 103 -36.71 -29.61 29.35
N SER A 104 -36.98 -30.27 30.48
CA SER A 104 -37.93 -29.78 31.47
C SER A 104 -37.34 -28.63 32.31
N PRO A 105 -38.18 -27.65 32.72
CA PRO A 105 -37.72 -26.54 33.57
C PRO A 105 -37.04 -26.92 34.90
N ARG A 106 -37.49 -28.02 35.52
CA ARG A 106 -36.92 -28.49 36.81
C ARG A 106 -35.50 -29.10 36.67
N ASP A 107 -35.13 -29.51 35.46
CA ASP A 107 -33.72 -29.86 35.12
C ASP A 107 -32.93 -28.63 34.63
N ALA A 108 -33.62 -27.66 34.04
CA ALA A 108 -33.02 -26.37 33.68
C ALA A 108 -32.51 -25.62 34.92
N LYS A 109 -33.16 -25.72 36.05
CA LYS A 109 -32.62 -25.15 37.29
C LYS A 109 -31.17 -25.65 37.44
N LEU A 110 -30.96 -26.96 37.33
CA LEU A 110 -29.64 -27.58 37.45
C LEU A 110 -28.72 -27.67 36.21
N MET A 111 -28.43 -26.53 35.62
CA MET A 111 -27.61 -26.48 34.41
C MET A 111 -26.64 -25.26 34.41
N ASP A 112 -25.67 -25.38 33.51
CA ASP A 112 -24.57 -24.45 33.31
C ASP A 112 -24.90 -23.41 32.28
N PRO A 113 -24.72 -22.11 32.60
CA PRO A 113 -24.74 -21.09 31.56
C PRO A 113 -23.84 -21.38 30.34
N GLN A 114 -22.69 -22.00 30.60
CA GLN A 114 -21.78 -22.45 29.53
C GLN A 114 -22.51 -23.34 28.51
N GLU A 115 -23.32 -24.28 28.98
CA GLU A 115 -23.91 -25.30 28.10
C GLU A 115 -25.09 -24.77 27.29
N ARG A 116 -25.95 -23.99 27.93
CA ARG A 116 -27.06 -23.38 27.19
C ARG A 116 -26.55 -22.44 26.15
N LEU A 117 -25.70 -21.50 26.55
CA LEU A 117 -25.25 -20.45 25.63
C LEU A 117 -24.70 -21.04 24.34
N PHE A 118 -23.99 -22.17 24.45
CA PHE A 118 -23.48 -22.86 23.27
C PHE A 118 -24.60 -23.51 22.49
N LEU A 119 -25.35 -24.43 23.11
CA LEU A 119 -26.55 -25.03 22.47
C LEU A 119 -27.35 -24.03 21.65
N GLN A 120 -27.74 -22.94 22.32
CA GLN A 120 -28.50 -21.85 21.70
C GLN A 120 -27.77 -21.27 20.49
N CYS A 121 -26.46 -21.09 20.64
CA CYS A 121 -25.62 -20.53 19.58
C CYS A 121 -25.05 -21.56 18.59
N VAL A 122 -25.21 -22.85 18.85
CA VAL A 122 -25.07 -23.87 17.82
C VAL A 122 -26.31 -23.81 16.94
N TYR A 123 -27.47 -23.74 17.58
CA TYR A 123 -28.73 -23.73 16.85
C TYR A 123 -28.94 -22.48 15.99
N GLU A 124 -28.33 -21.36 16.36
CA GLU A 124 -28.30 -20.20 15.48
C GLU A 124 -27.32 -20.42 14.33
N THR A 125 -26.19 -21.06 14.61
CA THR A 125 -25.22 -21.42 13.57
C THR A 125 -25.83 -22.41 12.56
N MET A 126 -26.60 -23.37 13.05
CA MET A 126 -27.39 -24.26 12.20
C MET A 126 -28.14 -23.51 11.10
N GLU A 127 -28.87 -22.48 11.49
CA GLU A 127 -29.82 -21.83 10.59
C GLU A 127 -29.21 -20.68 9.81
N ASP A 128 -28.16 -20.05 10.35
CA ASP A 128 -27.38 -19.06 9.61
C ASP A 128 -26.65 -19.76 8.45
N ALA A 129 -26.21 -21.00 8.69
CA ALA A 129 -25.70 -21.90 7.64
C ALA A 129 -26.82 -22.31 6.69
N GLY A 130 -27.98 -22.56 7.28
CA GLY A 130 -29.20 -22.82 6.52
C GLY A 130 -29.55 -24.28 6.37
N TYR A 131 -29.30 -25.05 7.42
CA TYR A 131 -29.48 -26.51 7.40
C TYR A 131 -30.43 -26.92 8.52
N THR A 132 -31.26 -27.94 8.28
CA THR A 132 -32.28 -28.33 9.27
C THR A 132 -31.77 -29.37 10.26
N ARG A 133 -32.53 -29.67 11.32
CA ARG A 133 -32.17 -30.82 12.17
C ARG A 133 -32.27 -32.18 11.43
N LYS A 134 -33.16 -32.28 10.43
CA LYS A 134 -33.18 -33.39 9.44
C LYS A 134 -31.94 -33.42 8.55
N LYS A 135 -30.99 -32.49 8.75
CA LYS A 135 -29.64 -32.59 8.17
C LYS A 135 -29.10 -34.02 8.15
N LEU A 136 -29.42 -34.84 9.14
CA LEU A 136 -28.60 -36.01 9.43
C LEU A 136 -28.94 -37.28 8.60
N THR A 137 -30.22 -37.38 8.23
CA THR A 137 -30.76 -38.48 7.42
C THR A 137 -30.51 -38.39 5.89
N GLU A 138 -30.15 -37.20 5.41
CA GLU A 138 -30.04 -36.88 3.98
C GLU A 138 -28.67 -37.21 3.40
N LYS A 139 -27.67 -37.34 4.25
CA LYS A 139 -26.25 -37.52 3.88
C LYS A 139 -25.81 -38.96 3.59
N SER A 140 -26.39 -39.91 4.23
CA SER A 140 -25.89 -41.29 4.23
C SER A 140 -26.91 -42.31 4.73
N GLY A 141 -26.98 -43.44 4.17
CA GLY A 141 -27.77 -44.54 4.69
C GLY A 141 -26.66 -45.13 5.54
N ASP A 142 -26.37 -44.76 6.67
CA ASP A 142 -25.30 -45.31 7.50
C ASP A 142 -26.16 -45.90 8.60
N LEU A 143 -26.62 -45.06 9.51
CA LEU A 143 -27.48 -45.50 10.59
C LEU A 143 -27.97 -44.19 11.17
N LEU A 144 -28.63 -44.16 12.27
CA LEU A 144 -29.11 -42.90 12.85
C LEU A 144 -28.28 -41.63 13.01
N GLY A 145 -28.79 -40.53 12.49
CA GLY A 145 -28.13 -39.22 12.56
C GLY A 145 -26.68 -39.01 12.08
N ALA A 146 -26.46 -39.18 10.77
CA ALA A 146 -25.12 -39.14 10.14
C ALA A 146 -24.11 -38.20 10.82
N ASN A 147 -22.91 -38.72 11.03
CA ASN A 147 -21.90 -38.14 11.90
C ASN A 147 -21.74 -36.62 11.73
N VAL A 148 -21.68 -35.88 12.86
CA VAL A 148 -21.25 -34.47 12.86
C VAL A 148 -20.39 -34.24 14.09
N GLY A 149 -19.20 -33.65 13.89
CA GLY A 149 -18.29 -33.33 14.97
C GLY A 149 -18.72 -32.11 15.76
N VAL A 150 -18.43 -32.13 17.06
CA VAL A 150 -18.58 -30.96 17.91
C VAL A 150 -17.25 -30.79 18.64
N TYR A 151 -16.64 -29.62 18.49
CA TYR A 151 -15.39 -29.31 19.18
C TYR A 151 -15.53 -27.93 19.77
N VAL A 152 -15.64 -27.87 21.09
CA VAL A 152 -15.69 -26.60 21.81
C VAL A 152 -14.63 -26.63 22.88
N GLY A 153 -14.05 -25.47 23.17
CA GLY A 153 -12.92 -25.35 24.10
C GLY A 153 -13.24 -24.38 25.21
N VAL A 154 -13.41 -24.92 26.40
CA VAL A 154 -13.96 -24.15 27.51
C VAL A 154 -13.03 -24.11 28.74
N MET A 155 -13.55 -23.53 29.82
CA MET A 155 -12.87 -23.39 31.14
C MET A 155 -13.65 -24.00 32.32
N TYR A 156 -13.08 -23.79 33.52
CA TYR A 156 -13.71 -24.00 34.85
C TYR A 156 -15.09 -23.43 34.72
N GLU A 157 -16.09 -24.23 35.08
CA GLU A 157 -17.40 -23.65 35.39
C GLU A 157 -17.43 -23.01 36.78
N GLU A 158 -18.20 -21.93 36.88
CA GLU A 158 -18.38 -21.14 38.10
C GLU A 158 -19.45 -21.65 39.06
N TYR A 159 -20.50 -22.30 38.56
CA TYR A 159 -21.56 -22.83 39.46
C TYR A 159 -21.18 -24.09 40.28
N GLN A 160 -19.99 -24.64 40.08
CA GLN A 160 -19.46 -25.64 41.01
C GLN A 160 -19.18 -24.99 42.37
N LEU A 161 -18.86 -23.71 42.29
CA LEU A 161 -18.73 -22.93 43.48
C LEU A 161 -20.12 -22.98 44.15
N TYR A 162 -20.97 -23.85 43.62
CA TYR A 162 -22.32 -24.03 44.12
C TYR A 162 -22.29 -24.00 45.64
N GLY A 163 -23.43 -23.68 46.23
CA GLY A 163 -23.53 -23.62 47.68
C GLY A 163 -22.73 -24.90 47.72
N ALA A 164 -21.59 -24.82 48.42
CA ALA A 164 -20.67 -25.94 48.61
C ALA A 164 -20.80 -26.01 50.11
N GLU A 165 -21.59 -25.09 50.63
CA GLU A 165 -21.91 -25.09 52.02
C GLU A 165 -23.36 -25.50 51.92
N GLU A 166 -23.94 -25.43 50.74
CA GLU A 166 -25.34 -25.81 50.57
C GLU A 166 -25.33 -26.97 49.59
N GLN A 167 -26.00 -28.06 49.94
CA GLN A 167 -25.99 -29.21 49.02
C GLN A 167 -26.56 -28.80 47.65
N ALA A 168 -25.79 -28.99 46.58
CA ALA A 168 -26.28 -28.74 45.22
C ALA A 168 -27.20 -29.91 44.85
N ARG A 169 -28.50 -29.63 44.75
CA ARG A 169 -29.54 -30.67 44.55
C ARG A 169 -29.37 -31.39 43.20
N THR A 176 -23.57 -31.33 38.53
CA THR A 176 -22.99 -29.99 38.31
C THR A 176 -21.81 -30.28 37.37
N GLY A 177 -20.77 -30.82 37.77
CA GLY A 177 -19.44 -30.67 37.16
C GLY A 177 -18.97 -31.48 35.96
N ASN A 178 -18.90 -30.76 34.78
CA ASN A 178 -18.27 -31.39 33.65
C ASN A 178 -18.20 -30.33 32.55
N PRO A 179 -17.04 -30.21 31.97
CA PRO A 179 -16.78 -29.36 30.81
C PRO A 179 -17.16 -30.09 29.50
N SER A 180 -17.29 -31.42 29.55
CA SER A 180 -17.65 -32.27 28.41
C SER A 180 -19.16 -32.39 28.14
N SER A 181 -19.98 -31.88 29.02
CA SER A 181 -21.45 -31.91 28.92
C SER A 181 -21.88 -30.85 27.90
N ILE A 182 -21.05 -29.81 27.73
CA ILE A 182 -21.32 -28.73 26.76
C ILE A 182 -21.49 -29.27 25.35
N ALA A 183 -20.43 -29.92 24.85
CA ALA A 183 -20.46 -30.52 23.51
C ALA A 183 -21.39 -31.73 23.47
N ASN A 184 -21.42 -32.49 24.56
CA ASN A 184 -22.17 -33.75 24.59
C ASN A 184 -23.67 -33.57 24.56
N ARG A 185 -24.18 -32.51 25.19
CA ARG A 185 -25.61 -32.18 25.07
C ARG A 185 -25.92 -31.75 23.65
N ALA A 186 -25.09 -30.86 23.11
CA ALA A 186 -25.29 -30.36 21.74
C ALA A 186 -25.41 -31.49 20.73
N SER A 187 -24.57 -32.50 20.86
CA SER A 187 -24.65 -33.68 19.99
C SER A 187 -25.87 -34.54 20.30
N TYR A 188 -26.17 -34.75 21.59
CA TYR A 188 -27.32 -35.57 22.01
C TYR A 188 -28.65 -34.99 21.56
N VAL A 189 -28.83 -33.70 21.84
CA VAL A 189 -30.09 -33.03 21.57
C VAL A 189 -30.39 -33.02 20.07
N PHE A 190 -29.46 -32.51 19.28
CA PHE A 190 -29.65 -32.43 17.83
C PHE A 190 -29.42 -33.77 17.13
N GLY A 191 -28.82 -34.73 17.81
CA GLY A 191 -28.73 -36.10 17.32
C GLY A 191 -27.60 -36.30 16.33
N PHE A 192 -26.41 -35.83 16.70
CA PHE A 192 -25.20 -36.03 15.89
C PHE A 192 -24.46 -37.28 16.35
N ASN A 193 -23.99 -38.06 15.38
CA ASN A 193 -23.20 -39.29 15.64
C ASN A 193 -21.70 -39.07 15.38
N GLY A 194 -21.19 -37.89 15.75
CA GLY A 194 -19.79 -37.56 15.54
C GLY A 194 -19.16 -37.01 16.80
N PRO A 195 -17.81 -37.04 16.87
CA PRO A 195 -17.07 -36.77 18.11
C PRO A 195 -17.53 -35.50 18.82
N SER A 196 -17.59 -35.59 20.14
CA SER A 196 -18.05 -34.50 20.98
C SER A 196 -17.11 -34.34 22.16
N MET A 197 -16.53 -33.14 22.30
CA MET A 197 -15.56 -32.93 23.37
C MET A 197 -15.23 -31.49 23.75
N ALA A 198 -14.70 -31.39 24.96
CA ALA A 198 -14.35 -30.13 25.58
C ALA A 198 -12.82 -30.08 25.78
N LEU A 199 -12.16 -29.27 24.94
CA LEU A 199 -10.73 -29.12 24.98
C LEU A 199 -10.36 -28.12 26.04
N ASP A 200 -9.05 -28.00 26.30
CA ASP A 200 -8.54 -26.92 27.13
C ASP A 200 -7.09 -26.57 26.82
N THR A 201 -6.91 -25.38 26.24
CA THR A 201 -5.63 -24.69 26.16
C THR A 201 -5.92 -23.27 26.61
N MET A 202 -5.13 -22.76 27.55
CA MET A 202 -5.54 -21.59 28.36
C MET A 202 -6.27 -20.49 27.60
N CYS A 203 -5.60 -19.89 26.62
CA CYS A 203 -6.22 -18.81 25.82
C CYS A 203 -6.83 -19.29 24.50
N SER A 204 -6.10 -20.15 23.80
CA SER A 204 -6.40 -20.49 22.41
C SER A 204 -7.26 -21.75 22.24
N SER A 205 -8.08 -22.07 23.25
CA SER A 205 -8.92 -23.28 23.25
C SER A 205 -9.84 -23.31 22.03
N SER A 206 -10.60 -22.23 21.85
CA SER A 206 -11.45 -22.05 20.67
C SER A 206 -10.71 -22.37 19.37
N LEU A 207 -9.49 -21.86 19.26
CA LEU A 207 -8.71 -22.00 18.04
C LEU A 207 -8.08 -23.40 17.88
N THR A 208 -7.87 -24.11 18.98
CA THR A 208 -7.46 -25.52 18.93
C THR A 208 -8.59 -26.39 18.38
N ALA A 209 -9.81 -26.11 18.85
CA ALA A 209 -11.04 -26.71 18.32
C ALA A 209 -11.12 -26.51 16.83
N ILE A 210 -10.89 -25.28 16.37
CA ILE A 210 -10.83 -25.00 14.95
C ILE A 210 -9.87 -25.99 14.34
N HIS A 211 -8.64 -26.03 14.86
CA HIS A 211 -7.57 -26.91 14.36
C HIS A 211 -8.01 -28.38 14.29
N LEU A 212 -8.49 -28.90 15.41
CA LEU A 212 -8.90 -30.31 15.48
C LEU A 212 -10.10 -30.66 14.64
N ALA A 213 -11.04 -29.73 14.54
CA ALA A 213 -12.18 -29.89 13.65
C ALA A 213 -11.67 -30.08 12.24
N CYS A 214 -10.87 -29.11 11.79
CA CYS A 214 -10.29 -29.13 10.46
C CYS A 214 -9.48 -30.40 10.21
N GLN A 215 -8.71 -30.82 11.22
CA GLN A 215 -7.95 -32.07 11.19
C GLN A 215 -8.87 -33.28 11.02
N SER A 216 -9.98 -33.28 11.76
CA SER A 216 -10.96 -34.37 11.71
C SER A 216 -11.72 -34.46 10.36
N LEU A 217 -11.74 -33.37 9.60
CA LEU A 217 -12.39 -33.35 8.28
C LEU A 217 -11.51 -33.86 7.14
N ARG A 218 -10.22 -33.49 7.13
CA ARG A 218 -9.33 -33.85 5.98
C ARG A 218 -9.18 -35.35 5.87
N ASN A 219 -8.91 -36.01 7.00
CA ASN A 219 -8.77 -37.48 7.02
C ASN A 219 -10.09 -38.21 6.74
N GLY A 220 -11.22 -37.57 7.02
CA GLY A 220 -12.54 -38.06 6.62
C GLY A 220 -13.20 -38.98 7.64
N GLU A 221 -12.91 -38.75 8.91
CA GLU A 221 -13.54 -39.48 9.99
C GLU A 221 -14.94 -38.93 10.25
N CYS A 222 -15.15 -37.64 9.95
CA CYS A 222 -16.46 -36.99 10.13
C CYS A 222 -16.76 -36.02 8.97
N GLU A 223 -18.05 -35.91 8.64
CA GLU A 223 -18.55 -35.10 7.51
C GLU A 223 -18.40 -33.60 7.74
N ALA A 224 -18.72 -33.15 8.95
CA ALA A 224 -18.86 -31.72 9.27
C ALA A 224 -18.64 -31.50 10.76
N ALA A 225 -18.36 -30.25 11.14
CA ALA A 225 -18.01 -29.95 12.52
C ALA A 225 -18.62 -28.66 13.01
N PHE A 226 -18.99 -28.65 14.29
CA PHE A 226 -19.30 -27.43 15.01
C PHE A 226 -18.14 -27.09 15.93
N ALA A 227 -17.26 -26.21 15.45
CA ALA A 227 -16.19 -25.66 16.27
C ALA A 227 -16.69 -24.40 16.96
N GLY A 228 -16.14 -24.11 18.14
CA GLY A 228 -16.53 -22.93 18.90
C GLY A 228 -15.77 -22.74 20.20
N GLY A 229 -16.20 -21.73 20.97
CA GLY A 229 -15.63 -21.46 22.29
C GLY A 229 -16.66 -20.75 23.15
N VAL A 230 -16.63 -21.03 24.45
CA VAL A 230 -17.56 -20.42 25.40
C VAL A 230 -16.82 -19.91 26.61
N ASN A 231 -17.20 -18.72 27.09
CA ASN A 231 -16.57 -18.12 28.25
C ASN A 231 -17.57 -17.27 29.00
N VAL A 232 -17.62 -17.45 30.31
CA VAL A 232 -18.45 -16.61 31.15
C VAL A 232 -17.77 -16.26 32.47
N SER A 233 -18.08 -15.06 32.95
CA SER A 233 -17.63 -14.56 34.23
C SER A 233 -18.67 -14.40 35.34
N VAL A 234 -18.80 -15.46 36.17
CA VAL A 234 -19.91 -15.57 37.15
C VAL A 234 -19.60 -15.52 38.65
N HIS A 235 -18.47 -16.03 39.11
CA HIS A 235 -18.04 -15.87 40.50
C HIS A 235 -16.87 -14.89 40.57
N PRO A 236 -16.67 -14.20 41.72
CA PRO A 236 -15.46 -13.38 41.88
C PRO A 236 -14.13 -14.15 41.96
N ASN A 237 -14.14 -15.49 41.93
CA ASN A 237 -12.91 -16.27 42.01
C ASN A 237 -12.08 -16.02 40.74
N LYS A 238 -12.77 -15.92 39.60
CA LYS A 238 -12.17 -15.53 38.31
C LYS A 238 -11.42 -14.23 38.50
N TYR A 239 -12.11 -13.24 39.10
CA TYR A 239 -11.53 -11.92 39.30
C TYR A 239 -10.51 -11.88 40.44
N LEU A 240 -10.68 -12.72 41.45
CA LEU A 240 -9.63 -12.94 42.45
C LEU A 240 -8.33 -13.43 41.86
N MET A 241 -8.39 -14.60 41.23
CA MET A 241 -7.20 -15.26 40.70
C MET A 241 -6.43 -14.44 39.70
N LEU A 242 -7.18 -13.74 38.85
CA LEU A 242 -6.55 -12.90 37.85
C LEU A 242 -5.75 -11.71 38.42
N GLY A 243 -6.09 -11.27 39.64
CA GLY A 243 -5.40 -10.16 40.31
C GLY A 243 -4.22 -10.51 41.21
N GLN A 244 -4.23 -11.69 41.81
CA GLN A 244 -3.13 -12.14 42.67
C GLN A 244 -1.87 -12.33 41.84
N ASN A 245 -2.06 -12.95 40.68
CA ASN A 245 -1.02 -13.12 39.68
C ASN A 245 -1.43 -11.88 38.88
N ARG A 246 -0.60 -10.97 38.66
CA ARG A 246 -0.90 -9.63 38.17
C ARG A 246 -0.91 -9.87 36.64
N PHE A 247 -2.08 -10.16 36.08
CA PHE A 247 -2.25 -10.30 34.62
C PHE A 247 -3.02 -9.05 34.15
N LEU A 248 -3.75 -8.40 35.05
CA LEU A 248 -4.61 -7.26 34.70
C LEU A 248 -3.96 -5.90 34.89
N SER A 249 -4.57 -4.88 34.28
CA SER A 249 -4.12 -3.50 34.37
C SER A 249 -4.84 -2.72 35.45
N SER A 250 -4.20 -1.63 35.88
CA SER A 250 -4.80 -0.68 36.80
C SER A 250 -5.99 0.04 36.12
N LYS A 251 -5.75 0.54 34.91
CA LYS A 251 -6.82 1.18 34.08
C LYS A 251 -8.00 0.23 33.84
N GLY A 252 -7.69 -1.03 33.53
CA GLY A 252 -8.69 -2.06 33.29
C GLY A 252 -9.28 -2.05 31.88
N ARG A 253 -8.42 -1.76 30.90
CA ARG A 253 -8.76 -1.73 29.45
C ARG A 253 -7.81 -2.63 28.67
N CYS A 254 -8.17 -2.89 27.42
CA CYS A 254 -7.34 -3.63 26.50
C CYS A 254 -6.69 -2.51 25.67
N GLU A 255 -5.39 -2.28 25.95
CA GLU A 255 -4.50 -1.41 25.15
C GLU A 255 -3.72 -2.42 24.26
N SER A 256 -4.16 -2.60 23.02
CA SER A 256 -3.47 -3.50 22.08
C SER A 256 -2.32 -2.76 21.40
N PHE A 257 -1.09 -3.13 21.76
CA PHE A 257 0.15 -2.47 21.30
C PHE A 257 0.28 -1.00 21.74
N GLY A 258 -0.45 -0.60 22.78
CA GLY A 258 -0.49 0.81 23.21
C GLY A 258 0.70 1.21 24.06
N GLU A 259 0.75 2.48 24.50
CA GLU A 259 1.87 2.92 25.35
C GLU A 259 1.72 2.58 26.81
N GLY A 260 0.51 2.68 27.35
CA GLY A 260 0.24 2.20 28.71
C GLY A 260 0.09 0.70 28.75
N GLY A 261 1.13 -0.03 28.37
CA GLY A 261 1.06 -1.48 28.18
C GLY A 261 1.27 -2.19 29.50
N ASP A 262 0.18 -2.37 30.24
CA ASP A 262 0.24 -2.93 31.59
C ASP A 262 -0.81 -3.99 31.14
N GLY A 263 -1.32 -4.75 32.10
CA GLY A 263 -2.18 -5.93 31.85
C GLY A 263 -3.59 -5.83 31.28
N TYR A 264 -4.28 -6.97 31.12
CA TYR A 264 -5.56 -6.92 30.38
C TYR A 264 -6.85 -7.36 31.07
N VAL A 265 -8.01 -7.02 30.53
CA VAL A 265 -9.29 -7.41 31.12
C VAL A 265 -10.08 -8.62 30.60
N PRO A 266 -10.84 -9.31 31.45
CA PRO A 266 -11.51 -10.52 31.00
C PRO A 266 -12.89 -10.16 30.49
N GLY A 267 -13.03 -10.21 29.18
CA GLY A 267 -14.32 -10.14 28.52
C GLY A 267 -14.91 -11.53 28.47
N GLU A 268 -16.19 -11.64 28.83
CA GLU A 268 -16.97 -12.88 28.59
C GLU A 268 -17.13 -13.10 27.07
N GLY A 269 -17.69 -14.23 26.69
CA GLY A 269 -17.99 -14.47 25.27
C GLY A 269 -18.42 -15.88 24.93
N VAL A 270 -19.14 -16.02 23.83
CA VAL A 270 -19.52 -17.33 23.29
C VAL A 270 -19.63 -17.26 21.76
N GLY A 271 -19.26 -18.35 21.09
CA GLY A 271 -19.26 -18.37 19.64
C GLY A 271 -19.23 -19.77 19.08
N ALA A 272 -19.60 -19.87 17.82
CA ALA A 272 -19.70 -21.15 17.13
C ALA A 272 -19.63 -20.99 15.62
N VAL A 273 -18.99 -21.94 14.94
CA VAL A 273 -18.88 -21.96 13.48
C VAL A 273 -19.11 -23.37 12.93
N LEU A 274 -19.65 -23.43 11.71
CA LEU A 274 -19.96 -24.70 11.05
C LEU A 274 -19.02 -24.87 9.86
N LEU A 275 -18.28 -25.98 9.87
CA LEU A 275 -17.23 -26.23 8.91
C LEU A 275 -17.48 -27.50 8.12
N LYS A 276 -17.01 -27.52 6.88
CA LYS A 276 -17.10 -28.68 5.99
C LYS A 276 -16.22 -28.48 4.75
N PRO A 277 -15.76 -29.58 4.11
CA PRO A 277 -14.94 -29.43 2.91
C PRO A 277 -15.53 -28.61 1.77
N LEU A 278 -14.66 -27.85 1.11
CA LEU A 278 -14.96 -27.17 -0.14
C LEU A 278 -15.48 -28.14 -1.20
N SER A 279 -14.92 -29.35 -1.21
CA SER A 279 -15.32 -30.43 -2.12
C SER A 279 -16.84 -30.55 -2.26
N LYS A 280 -17.55 -30.65 -1.13
CA LYS A 280 -19.01 -30.77 -1.13
C LYS A 280 -19.75 -29.42 -1.07
N ALA A 281 -19.13 -28.39 -0.49
CA ALA A 281 -19.72 -27.03 -0.45
C ALA A 281 -20.19 -26.46 -1.82
N LYS A 282 -19.55 -26.88 -2.93
CA LYS A 282 -19.96 -26.52 -4.29
C LYS A 282 -21.20 -27.33 -4.72
N ALA A 283 -21.14 -28.65 -4.57
CA ALA A 283 -22.24 -29.51 -5.03
C ALA A 283 -23.59 -29.32 -4.33
N ASP A 284 -23.56 -29.27 -3.01
CA ASP A 284 -24.73 -29.15 -2.16
C ASP A 284 -24.48 -27.66 -1.99
N GLY A 285 -25.06 -26.83 -2.88
CA GLY A 285 -24.72 -25.41 -2.86
C GLY A 285 -24.93 -24.96 -1.44
N ASP A 286 -24.01 -24.28 -0.86
CA ASP A 286 -24.05 -23.90 0.54
C ASP A 286 -23.51 -22.49 0.50
N HIS A 287 -23.93 -21.71 1.47
CA HIS A 287 -23.47 -20.35 1.48
C HIS A 287 -22.17 -20.26 2.28
N ILE A 288 -21.20 -19.57 1.71
CA ILE A 288 -19.82 -19.55 2.22
C ILE A 288 -19.47 -18.19 2.83
N TYR A 289 -18.85 -18.23 4.01
CA TYR A 289 -18.25 -17.05 4.65
C TYR A 289 -16.77 -16.95 4.33
N GLY A 290 -16.05 -18.07 4.45
CA GLY A 290 -14.61 -18.10 4.18
C GLY A 290 -14.04 -19.50 4.09
N LEU A 291 -12.71 -19.56 3.92
CA LEU A 291 -11.98 -20.81 3.74
C LEU A 291 -10.82 -20.93 4.73
N ILE A 292 -10.90 -21.89 5.64
CA ILE A 292 -9.76 -22.23 6.51
C ILE A 292 -8.82 -23.07 5.67
N LYS A 293 -7.87 -22.38 5.03
CA LYS A 293 -6.91 -23.00 4.12
C LYS A 293 -5.67 -23.55 4.85
N GLY A 294 -5.43 -23.07 6.07
CA GLY A 294 -4.29 -23.50 6.88
C GLY A 294 -4.54 -23.50 8.38
N THR A 295 -3.99 -24.50 9.05
CA THR A 295 -4.15 -24.69 10.50
C THR A 295 -2.82 -25.11 11.12
N ALA A 296 -2.54 -24.65 12.33
CA ALA A 296 -1.29 -24.96 13.01
C ALA A 296 -1.40 -24.79 14.51
N VAL A 297 -0.59 -25.54 15.24
CA VAL A 297 -0.58 -25.50 16.70
C VAL A 297 0.70 -26.16 17.25
N ASN A 298 1.23 -25.63 18.35
CA ASN A 298 2.33 -26.28 19.09
C ASN A 298 2.40 -25.79 20.55
N HIS A 299 3.41 -26.25 21.28
CA HIS A 299 3.73 -25.73 22.60
C HIS A 299 4.97 -24.84 22.51
N ASP A 300 5.14 -23.95 23.49
CA ASP A 300 6.40 -23.23 23.62
C ASP A 300 7.17 -24.35 24.32
N GLY A 301 8.39 -24.60 23.85
CA GLY A 301 9.39 -25.29 24.71
C GLY A 301 9.77 -24.45 25.94
N LYS A 302 10.75 -24.93 26.74
CA LYS A 302 11.12 -24.39 28.08
C LYS A 302 11.46 -22.91 27.94
N THR A 303 10.57 -22.06 28.45
CA THR A 303 10.86 -20.63 28.66
C THR A 303 11.50 -20.43 30.04
N ASN A 304 11.96 -19.21 30.29
CA ASN A 304 12.58 -18.85 31.57
C ASN A 304 11.60 -18.93 32.74
N GLY A 305 10.40 -18.37 32.55
CA GLY A 305 9.30 -18.48 33.50
C GLY A 305 8.18 -19.38 32.98
N TYR A 306 7.17 -19.62 33.82
CA TYR A 306 6.03 -20.50 33.49
C TYR A 306 5.10 -19.82 32.46
N SER A 307 4.68 -18.61 32.80
CA SER A 307 3.71 -17.85 32.01
C SER A 307 4.32 -16.92 30.94
N VAL A 308 5.54 -17.21 30.49
CA VAL A 308 6.23 -16.43 29.46
C VAL A 308 5.98 -17.09 28.09
N PRO A 309 5.81 -16.30 27.02
CA PRO A 309 5.76 -16.85 25.67
C PRO A 309 7.12 -16.77 24.98
N ASN A 310 7.40 -17.75 24.10
CA ASN A 310 8.68 -17.80 23.39
C ASN A 310 8.51 -17.33 21.95
N PRO A 311 9.15 -16.20 21.56
CA PRO A 311 9.02 -15.67 20.19
C PRO A 311 9.49 -16.63 19.10
N ASN A 312 10.58 -17.36 19.36
CA ASN A 312 11.08 -18.38 18.43
C ASN A 312 10.01 -19.45 18.18
N ALA A 313 9.31 -19.83 19.24
CA ALA A 313 8.21 -20.80 19.18
C ALA A 313 6.99 -20.32 18.37
N GLN A 314 6.82 -19.00 18.29
CA GLN A 314 5.63 -18.41 17.67
C GLN A 314 5.63 -18.48 16.14
N ALA A 315 6.79 -18.20 15.54
CA ALA A 315 6.96 -18.34 14.10
C ALA A 315 6.95 -19.81 13.67
N ALA A 316 7.35 -20.71 14.58
CA ALA A 316 7.28 -22.16 14.32
C ALA A 316 5.85 -22.66 14.09
N VAL A 317 4.87 -21.96 14.67
CA VAL A 317 3.46 -22.20 14.36
C VAL A 317 3.18 -21.60 12.98
N ILE A 318 3.45 -20.32 12.84
CA ILE A 318 2.97 -19.53 11.70
C ILE A 318 3.61 -19.99 10.39
N LYS A 319 4.91 -20.31 10.43
CA LYS A 319 5.59 -21.00 9.31
C LYS A 319 4.82 -22.25 8.89
N GLN A 320 4.42 -23.05 9.89
CA GLN A 320 3.70 -24.32 9.69
C GLN A 320 2.27 -24.11 9.22
N ALA A 321 1.63 -23.02 9.66
CA ALA A 321 0.33 -22.62 9.14
C ALA A 321 0.41 -22.29 7.65
N LEU A 322 1.45 -21.55 7.27
CA LEU A 322 1.68 -21.17 5.89
C LEU A 322 2.32 -22.28 5.04
N LYS A 323 2.98 -23.25 5.68
CA LYS A 323 3.54 -24.44 4.97
C LYS A 323 2.39 -25.21 4.28
N ASP A 324 1.41 -25.70 5.07
CA ASP A 324 0.33 -26.55 4.52
C ASP A 324 -0.73 -25.74 3.77
N ALA A 325 -0.87 -24.46 4.10
CA ALA A 325 -1.70 -23.54 3.34
C ALA A 325 -1.17 -23.34 1.92
N GLY A 326 0.15 -23.36 1.76
CA GLY A 326 0.78 -23.19 0.45
C GLY A 326 0.58 -21.79 -0.14
N THR A 327 0.51 -20.80 0.75
CA THR A 327 0.37 -19.40 0.37
C THR A 327 1.55 -18.64 0.95
N ASP A 328 2.05 -17.68 0.19
CA ASP A 328 3.21 -16.87 0.59
C ASP A 328 2.87 -15.98 1.81
N PRO A 329 3.86 -15.68 2.66
CA PRO A 329 3.72 -14.58 3.64
C PRO A 329 3.43 -13.22 2.99
N ARG A 330 3.92 -13.01 1.77
CA ARG A 330 3.68 -11.77 1.02
C ARG A 330 2.28 -11.66 0.41
N ALA A 331 1.51 -12.74 0.42
CA ALA A 331 0.09 -12.67 0.07
C ALA A 331 -0.75 -12.05 1.19
N VAL A 332 -0.31 -12.24 2.45
CA VAL A 332 -1.14 -11.96 3.61
C VAL A 332 -1.29 -10.45 3.83
N SER A 333 -2.53 -10.01 3.99
CA SER A 333 -2.89 -8.58 4.11
C SER A 333 -3.44 -8.16 5.49
N TYR A 334 -3.76 -9.12 6.36
CA TYR A 334 -4.20 -8.82 7.73
C TYR A 334 -3.84 -9.94 8.70
N ILE A 335 -3.43 -9.55 9.92
CA ILE A 335 -3.21 -10.49 11.00
C ILE A 335 -4.10 -10.09 12.17
N GLU A 336 -5.07 -10.95 12.50
CA GLU A 336 -5.80 -10.84 13.74
C GLU A 336 -4.89 -11.42 14.83
N ALA A 337 -4.16 -10.52 15.49
CA ALA A 337 -3.18 -10.91 16.49
C ALA A 337 -3.84 -11.32 17.80
N HIS A 338 -3.07 -12.03 18.64
CA HIS A 338 -3.52 -12.33 19.98
C HIS A 338 -2.77 -11.12 20.52
N GLY A 339 -3.46 -9.98 20.65
CA GLY A 339 -2.94 -8.72 21.22
C GLY A 339 -3.30 -8.99 22.67
N THR A 340 -2.29 -9.28 23.49
CA THR A 340 -2.46 -9.56 24.92
C THR A 340 -2.46 -8.17 25.54
N GLY A 341 -1.45 -7.38 25.18
CA GLY A 341 -1.32 -6.00 25.62
C GLY A 341 -0.33 -5.80 26.75
N THR A 342 0.16 -6.89 27.34
CA THR A 342 1.17 -6.82 28.40
C THR A 342 2.51 -6.26 27.90
N SER A 343 3.30 -5.72 28.82
CA SER A 343 4.60 -5.11 28.49
C SER A 343 5.57 -6.09 27.82
N LEU A 344 5.48 -7.37 28.21
CA LEU A 344 6.31 -8.43 27.64
C LEU A 344 5.66 -9.06 26.39
N GLY A 345 4.35 -9.31 26.47
CA GLY A 345 3.62 -10.09 25.47
C GLY A 345 3.55 -9.55 24.06
N ASP A 346 3.17 -8.27 23.91
CA ASP A 346 2.98 -7.66 22.59
C ASP A 346 4.27 -7.52 21.76
N PRO A 347 5.36 -7.00 22.37
CA PRO A 347 6.63 -6.93 21.63
C PRO A 347 7.15 -8.29 21.17
N ILE A 348 7.01 -9.29 22.03
CA ILE A 348 7.40 -10.67 21.71
C ILE A 348 6.62 -11.20 20.51
N GLU A 349 5.30 -11.00 20.49
CA GLU A 349 4.48 -11.36 19.33
C GLU A 349 4.99 -10.73 18.05
N ILE A 350 5.22 -9.42 18.08
CA ILE A 350 5.67 -8.67 16.91
C ILE A 350 7.01 -9.22 16.41
N THR A 351 7.93 -9.49 17.34
CA THR A 351 9.24 -10.10 17.00
C THR A 351 9.06 -11.51 16.43
N GLY A 352 8.12 -12.27 17.00
CA GLY A 352 7.80 -13.61 16.49
C GLY A 352 7.19 -13.59 15.10
N LEU A 353 6.26 -12.68 14.90
CA LEU A 353 5.67 -12.46 13.57
C LEU A 353 6.74 -12.06 12.56
N THR A 354 7.67 -11.18 12.97
CA THR A 354 8.74 -10.69 12.08
C THR A 354 9.58 -11.84 11.51
N LYS A 355 10.12 -12.68 12.40
CA LYS A 355 10.98 -13.81 12.01
C LYS A 355 10.32 -14.71 10.93
N ALA A 356 9.01 -14.95 11.06
CA ALA A 356 8.26 -15.78 10.09
C ALA A 356 8.23 -15.16 8.70
N PHE A 357 7.92 -13.87 8.65
CA PHE A 357 7.78 -13.14 7.39
C PHE A 357 9.13 -12.76 6.77
N SER A 358 10.18 -12.66 7.58
CA SER A 358 11.51 -12.21 7.10
C SER A 358 12.34 -13.29 6.40
N GLU A 359 11.88 -14.54 6.39
CA GLU A 359 12.65 -15.67 5.82
C GLU A 359 12.74 -15.57 4.30
N GLN A 360 11.65 -15.15 3.63
CA GLN A 360 11.67 -15.05 2.16
C GLN A 360 11.30 -13.73 1.40
N THR A 361 10.77 -12.75 2.11
CA THR A 361 10.39 -11.48 1.52
C THR A 361 10.53 -10.39 2.58
N GLN A 362 10.69 -9.15 2.13
CA GLN A 362 10.85 -8.03 3.06
C GLN A 362 9.70 -7.04 2.80
N GLN A 365 4.36 -5.83 -0.22
CA GLN A 365 3.11 -5.42 0.44
C GLN A 365 3.30 -5.25 1.96
N PHE A 366 2.54 -4.31 2.54
CA PHE A 366 2.48 -4.04 3.99
C PHE A 366 1.23 -4.71 4.57
N CYS A 367 1.41 -5.48 5.64
CA CYS A 367 0.33 -6.25 6.26
C CYS A 367 -0.25 -5.39 7.36
N ALA A 368 -1.56 -5.49 7.55
CA ALA A 368 -2.25 -4.78 8.60
C ALA A 368 -2.38 -5.68 9.83
N ILE A 369 -2.15 -5.12 11.02
CA ILE A 369 -2.37 -5.84 12.28
C ILE A 369 -3.46 -5.15 13.08
N GLY A 370 -4.40 -5.94 13.59
CA GLY A 370 -5.42 -5.45 14.51
C GLY A 370 -5.86 -6.53 15.47
N SER A 371 -6.69 -6.14 16.43
CA SER A 371 -7.21 -7.05 17.45
C SER A 371 -8.68 -6.78 17.71
N ALA A 372 -9.46 -7.86 17.76
CA ALA A 372 -10.84 -7.81 18.21
C ALA A 372 -10.84 -7.57 19.72
N LYS A 373 -9.81 -8.11 20.37
CA LYS A 373 -9.63 -8.00 21.82
C LYS A 373 -9.51 -6.58 22.35
N SER A 374 -9.29 -5.62 21.48
CA SER A 374 -9.38 -4.22 21.86
C SER A 374 -10.83 -3.79 22.07
N ASN A 375 -11.70 -4.14 21.12
CA ASN A 375 -13.09 -3.69 21.14
C ASN A 375 -13.89 -4.39 22.24
N ILE A 376 -13.85 -5.72 22.23
CA ILE A 376 -14.36 -6.56 23.30
C ILE A 376 -13.21 -6.83 24.26
N GLY A 377 -13.43 -7.61 25.32
CA GLY A 377 -12.36 -7.95 26.25
C GLY A 377 -11.60 -9.19 25.82
N HIS A 378 -10.75 -9.70 26.72
CA HIS A 378 -10.00 -10.92 26.45
C HIS A 378 -10.84 -12.17 26.71
N CYS A 379 -11.57 -12.62 25.68
CA CYS A 379 -12.42 -13.77 25.73
C CYS A 379 -11.28 -14.61 26.23
N GLU A 380 -11.54 -15.42 27.25
CA GLU A 380 -10.50 -16.26 27.84
C GLU A 380 -10.38 -17.45 26.93
N SER A 381 -11.52 -18.07 26.71
CA SER A 381 -11.62 -19.23 25.81
C SER A 381 -12.27 -19.04 24.46
N ALA A 382 -12.76 -17.82 24.20
CA ALA A 382 -13.51 -17.53 22.98
C ALA A 382 -12.63 -16.53 22.21
N ALA A 383 -11.33 -16.56 22.50
CA ALA A 383 -10.37 -15.61 21.94
C ALA A 383 -10.23 -15.77 20.44
N GLY A 384 -9.97 -17.01 20.03
CA GLY A 384 -9.84 -17.36 18.63
C GLY A 384 -11.14 -17.19 17.88
N ILE A 385 -12.23 -17.66 18.45
CA ILE A 385 -13.53 -17.63 17.77
C ILE A 385 -14.05 -16.21 17.56
N ALA A 386 -13.82 -15.33 18.54
CA ALA A 386 -14.19 -13.93 18.43
C ALA A 386 -13.37 -13.26 17.34
N GLY A 387 -12.06 -13.51 17.37
CA GLY A 387 -11.15 -13.06 16.33
C GLY A 387 -11.57 -13.57 14.97
N LEU A 388 -11.83 -14.87 14.88
CA LEU A 388 -12.32 -15.48 13.66
C LEU A 388 -13.58 -14.79 13.17
N THR A 389 -14.51 -14.59 14.10
CA THR A 389 -15.75 -13.88 13.80
C THR A 389 -15.44 -12.49 13.26
N LYS A 390 -14.61 -11.71 13.96
CA LYS A 390 -14.19 -10.39 13.45
C LYS A 390 -13.61 -10.49 12.03
N VAL A 391 -12.68 -11.42 11.86
CA VAL A 391 -12.05 -11.66 10.55
C VAL A 391 -13.11 -11.88 9.47
N LEU A 392 -14.07 -12.75 9.75
CA LEU A 392 -15.12 -13.07 8.77
C LEU A 392 -16.09 -11.92 8.54
N LEU A 393 -16.34 -11.11 9.57
CA LEU A 393 -17.14 -9.90 9.41
C LEU A 393 -16.40 -8.85 8.57
N GLN A 394 -15.07 -8.78 8.74
CA GLN A 394 -14.23 -7.92 7.92
C GLN A 394 -14.27 -8.34 6.44
N MET A 395 -14.37 -9.63 6.17
CA MET A 395 -14.50 -10.15 4.80
C MET A 395 -15.80 -9.80 4.09
N LYS A 396 -16.94 -10.04 4.74
CA LYS A 396 -18.26 -9.79 4.10
C LYS A 396 -18.49 -8.34 3.67
N HIS A 397 -18.20 -7.39 4.56
CA HIS A 397 -18.40 -5.96 4.27
C HIS A 397 -17.19 -5.29 3.62
N LYS A 398 -16.15 -6.08 3.32
CA LYS A 398 -14.93 -5.64 2.61
C LYS A 398 -14.15 -4.48 3.25
N GLN A 399 -14.14 -4.41 4.58
CA GLN A 399 -13.51 -3.30 5.31
C GLN A 399 -12.55 -3.78 6.40
N LEU A 400 -11.60 -2.92 6.76
CA LEU A 400 -10.60 -3.18 7.79
C LEU A 400 -10.93 -2.39 9.06
N ALA A 401 -11.43 -3.08 10.08
CA ALA A 401 -11.85 -2.45 11.33
C ALA A 401 -10.65 -2.02 12.17
N PRO A 402 -10.84 -1.03 13.07
CA PRO A 402 -9.74 -0.52 13.89
C PRO A 402 -9.37 -1.34 15.13
N SER A 403 -8.09 -1.31 15.48
CA SER A 403 -7.61 -1.72 16.80
C SER A 403 -7.67 -0.49 17.70
N LEU A 404 -8.52 -0.55 18.73
CA LEU A 404 -8.72 0.57 19.65
C LEU A 404 -7.55 0.72 20.63
N HIS A 405 -7.44 1.91 21.21
CA HIS A 405 -6.40 2.26 22.18
C HIS A 405 -4.96 2.08 21.68
N SER A 406 -4.76 2.34 20.39
CA SER A 406 -3.46 2.36 19.77
C SER A 406 -3.07 3.77 19.31
N ARG A 407 -3.57 4.79 19.99
CA ARG A 407 -3.22 6.22 19.75
C ARG A 407 -1.69 6.45 19.80
N THR A 408 -1.02 5.90 20.82
CA THR A 408 0.46 5.96 20.99
C THR A 408 0.97 4.51 21.16
N LEU A 409 2.13 4.23 20.57
CA LEU A 409 2.62 2.86 20.41
C LEU A 409 3.89 2.62 21.24
N ASN A 410 3.86 1.58 22.07
CA ASN A 410 4.99 1.16 22.94
C ASN A 410 6.35 1.28 22.22
N PRO A 411 7.31 2.09 22.74
CA PRO A 411 8.56 2.33 21.98
C PRO A 411 9.29 1.10 21.42
N ASN A 412 9.06 -0.06 22.03
CA ASN A 412 9.53 -1.35 21.50
C ASN A 412 8.79 -1.88 20.24
N ILE A 413 7.87 -1.09 19.68
CA ILE A 413 7.29 -1.36 18.35
C ILE A 413 8.17 -0.60 17.35
N ASP A 414 9.36 -1.08 17.05
CA ASP A 414 10.26 -0.32 16.23
C ASP A 414 9.81 -1.18 15.04
N PHE A 415 9.14 -0.60 14.09
CA PHE A 415 8.52 -1.38 13.02
C PHE A 415 9.67 -1.43 12.03
N LEU A 416 10.60 -2.28 12.21
CA LEU A 416 12.00 -2.15 11.80
C LEU A 416 12.24 -2.86 10.43
N ALA A 417 12.02 -2.04 9.41
CA ALA A 417 11.89 -2.47 8.03
C ALA A 417 10.86 -3.59 7.91
N THR A 418 9.88 -3.54 8.82
CA THR A 418 9.06 -4.72 9.09
C THR A 418 7.85 -4.55 8.23
N PRO A 419 7.25 -5.66 7.79
CA PRO A 419 6.06 -5.60 6.96
C PRO A 419 4.80 -5.12 7.68
N PHE A 420 4.68 -5.44 8.98
CA PHE A 420 3.47 -5.11 9.75
C PHE A 420 3.28 -3.63 10.00
N LYS A 421 2.01 -3.25 10.15
CA LYS A 421 1.60 -1.91 10.63
C LYS A 421 0.27 -1.95 11.38
N VAL A 422 0.19 -1.21 12.48
CA VAL A 422 -1.01 -1.20 13.30
C VAL A 422 -2.12 -0.45 12.60
N GLN A 423 -3.32 -1.03 12.62
CA GLN A 423 -4.48 -0.54 11.88
C GLN A 423 -5.26 0.49 12.72
N GLN A 424 -4.96 1.78 12.50
CA GLN A 424 -5.53 2.84 13.35
C GLN A 424 -7.04 3.07 13.28
N THR A 425 -7.59 3.00 12.06
CA THR A 425 -8.96 3.48 11.78
C THR A 425 -9.67 2.64 10.71
N LEU A 426 -10.97 2.88 10.59
CA LEU A 426 -11.80 2.18 9.61
C LEU A 426 -11.54 2.66 8.19
N GLU A 427 -10.94 1.79 7.39
CA GLU A 427 -10.68 2.07 6.00
C GLU A 427 -11.10 0.84 5.16
N GLU A 428 -11.26 1.07 3.87
CA GLU A 428 -11.68 0.02 2.94
C GLU A 428 -10.55 -0.97 2.65
N TRP A 429 -10.88 -2.26 2.63
CA TRP A 429 -9.91 -3.33 2.43
C TRP A 429 -9.72 -3.53 0.91
N LYS A 430 -8.50 -3.31 0.41
CA LYS A 430 -8.19 -3.62 -1.02
C LYS A 430 -7.38 -4.93 -1.17
N ARG A 431 -7.52 -5.54 -2.34
CA ARG A 431 -6.89 -6.81 -2.66
C ARG A 431 -5.48 -6.48 -3.17
N PRO A 432 -4.46 -7.25 -2.77
CA PRO A 432 -3.14 -7.05 -3.40
C PRO A 432 -3.12 -7.48 -4.89
N VAL A 433 -2.09 -7.06 -5.63
CA VAL A 433 -2.05 -7.21 -7.11
C VAL A 433 -1.10 -8.34 -7.59
N ILE A 434 -1.31 -8.92 -8.78
CA ILE A 434 -0.30 -9.88 -9.37
C ILE A 434 0.91 -9.19 -10.05
N ASN A 435 0.94 -7.85 -10.01
CA ASN A 435 1.87 -7.05 -10.85
C ASN A 435 3.31 -6.96 -10.31
N GLU A 436 3.45 -7.05 -9.00
CA GLU A 436 4.73 -6.80 -8.33
C GLU A 436 5.98 -7.54 -8.88
N ASN A 437 5.85 -8.55 -9.75
CA ASN A 437 7.02 -9.14 -10.40
C ASN A 437 7.52 -8.26 -11.58
N LEU A 443 -4.77 -11.23 -6.78
CA LEU A 443 -4.45 -12.10 -5.66
C LEU A 443 -5.56 -11.98 -4.60
N PRO A 444 -6.08 -13.12 -4.10
CA PRO A 444 -7.21 -13.01 -3.16
C PRO A 444 -6.89 -12.33 -1.83
N ARG A 445 -7.96 -12.06 -1.08
CA ARG A 445 -7.83 -11.59 0.29
C ARG A 445 -7.33 -12.75 1.13
N THR A 446 -6.32 -12.49 1.94
CA THR A 446 -5.67 -13.53 2.73
C THR A 446 -5.34 -12.94 4.09
N ALA A 447 -5.74 -13.63 5.16
CA ALA A 447 -5.56 -13.09 6.52
C ALA A 447 -5.33 -14.16 7.59
N GLY A 448 -4.38 -13.87 8.48
CA GLY A 448 -3.98 -14.80 9.54
C GLY A 448 -4.66 -14.51 10.86
N LEU A 449 -4.75 -15.53 11.71
CA LEU A 449 -5.45 -15.44 12.98
C LEU A 449 -4.64 -16.15 14.05
N SER A 450 -4.24 -15.39 15.07
CA SER A 450 -3.36 -15.88 16.13
C SER A 450 -4.08 -15.98 17.48
N SER A 451 -3.62 -16.90 18.31
CA SER A 451 -4.00 -16.96 19.73
C SER A 451 -2.97 -17.82 20.50
N PHE A 452 -2.45 -17.29 21.60
CA PHE A 452 -1.33 -17.89 22.32
C PHE A 452 -1.65 -17.97 23.80
N GLY A 453 -1.52 -19.16 24.37
CA GLY A 453 -1.84 -19.39 25.78
C GLY A 453 -0.77 -18.88 26.72
N ALA A 454 -1.20 -18.40 27.88
CA ALA A 454 -0.29 -18.08 28.99
C ALA A 454 0.32 -19.38 29.49
N GLY A 455 -0.53 -20.39 29.65
CA GLY A 455 -0.08 -21.78 29.71
C GLY A 455 0.26 -22.10 28.27
N GLY A 456 1.55 -22.26 27.99
CA GLY A 456 2.10 -22.03 26.66
C GLY A 456 1.38 -23.05 25.79
N VAL A 457 0.57 -22.58 24.86
CA VAL A 457 0.00 -23.43 23.79
C VAL A 457 -0.15 -22.29 22.79
N ASN A 458 0.38 -22.49 21.58
CA ASN A 458 0.31 -21.45 20.53
C ASN A 458 -0.39 -22.02 19.29
N ALA A 459 -1.24 -21.22 18.64
CA ALA A 459 -2.00 -21.65 17.47
C ALA A 459 -2.23 -20.51 16.49
N HIS A 460 -2.16 -20.81 15.20
CA HIS A 460 -2.39 -19.83 14.14
C HIS A 460 -3.16 -20.45 12.98
N ILE A 461 -4.20 -19.73 12.55
CA ILE A 461 -5.07 -20.16 11.46
C ILE A 461 -4.96 -19.13 10.35
N VAL A 462 -5.14 -19.57 9.11
CA VAL A 462 -5.00 -18.72 7.94
C VAL A 462 -6.24 -18.80 7.07
N ILE A 463 -6.96 -17.68 6.93
CA ILE A 463 -8.27 -17.63 6.25
C ILE A 463 -8.20 -16.82 4.94
N GLU A 464 -8.97 -17.29 3.96
CA GLU A 464 -9.07 -16.69 2.62
C GLU A 464 -10.53 -16.59 2.20
N GLU A 465 -10.85 -15.57 1.42
CA GLU A 465 -12.21 -15.33 0.92
C GLU A 465 -12.51 -16.13 -0.30
N TYR A 466 -13.73 -16.64 -0.41
CA TYR A 466 -14.20 -17.32 -1.61
C TYR A 466 -14.78 -16.33 -2.63
N SER A 467 -14.46 -16.52 -3.91
CA SER A 467 -14.94 -15.66 -5.00
C SER A 467 -16.13 -16.31 -5.69
N PRO A 479 -41.50 -12.34 -12.34
CA PRO A 479 -41.15 -13.73 -12.49
C PRO A 479 -42.18 -14.64 -11.81
N HIS A 480 -41.85 -15.92 -11.68
CA HIS A 480 -42.59 -16.80 -10.77
C HIS A 480 -42.99 -16.16 -9.38
N PRO A 481 -44.15 -16.59 -8.87
CA PRO A 481 -44.44 -16.29 -7.46
C PRO A 481 -43.68 -17.29 -6.59
N SER A 482 -43.27 -16.85 -5.40
CA SER A 482 -42.47 -17.67 -4.49
C SER A 482 -43.09 -17.76 -3.11
N MET A 483 -42.77 -18.86 -2.43
CA MET A 483 -43.38 -19.23 -1.15
C MET A 483 -42.47 -18.85 0.02
N ILE A 484 -42.86 -17.84 0.83
CA ILE A 484 -42.08 -17.42 2.01
C ILE A 484 -42.85 -18.16 3.09
N VAL A 485 -42.33 -19.24 3.57
CA VAL A 485 -42.99 -20.05 4.61
C VAL A 485 -42.14 -19.72 5.84
N LEU A 486 -42.76 -19.69 7.02
CA LEU A 486 -42.06 -19.51 8.31
C LEU A 486 -42.80 -20.25 9.43
N SER A 487 -42.07 -20.68 10.45
CA SER A 487 -42.62 -21.55 11.49
C SER A 487 -42.06 -21.29 12.90
N ALA A 488 -42.81 -21.71 13.91
CA ALA A 488 -42.37 -21.63 15.33
C ALA A 488 -43.10 -22.65 16.21
N LYS A 489 -42.72 -22.69 17.50
CA LYS A 489 -43.29 -23.64 18.46
C LYS A 489 -44.53 -23.18 19.21
N ASN A 490 -44.70 -21.87 19.37
CA ASN A 490 -45.95 -21.31 19.94
C ASN A 490 -46.33 -19.93 19.42
N GLU A 491 -47.52 -19.48 19.84
CA GLU A 491 -48.20 -18.24 19.40
C GLU A 491 -47.32 -17.00 19.30
N GLN A 492 -46.70 -16.62 20.40
CA GLN A 492 -46.12 -15.28 20.52
C GLN A 492 -44.76 -15.14 19.83
N ARG A 493 -44.11 -16.25 19.47
CA ARG A 493 -42.80 -16.21 18.78
C ARG A 493 -42.90 -16.19 17.29
N LEU A 494 -44.17 -16.19 16.81
CA LEU A 494 -44.44 -15.78 15.45
C LEU A 494 -44.31 -14.54 14.62
N GLN A 495 -44.42 -13.41 15.27
CA GLN A 495 -44.20 -12.14 14.65
C GLN A 495 -43.17 -11.51 15.52
N LYS A 496 -42.32 -12.30 16.21
CA LYS A 496 -40.96 -11.82 16.42
C LYS A 496 -40.18 -12.38 15.24
N ARG A 497 -40.24 -13.69 15.03
CA ARG A 497 -39.62 -14.33 13.85
C ARG A 497 -39.87 -13.61 12.51
N ALA A 498 -41.05 -12.99 12.37
CA ALA A 498 -41.30 -12.07 11.26
C ALA A 498 -40.64 -10.71 11.53
N LYS A 499 -40.86 -10.16 12.73
CA LYS A 499 -40.29 -8.86 13.16
C LYS A 499 -38.79 -8.74 12.88
N ARG A 500 -38.06 -9.81 13.20
CA ARG A 500 -36.61 -9.89 12.98
C ARG A 500 -36.27 -10.05 11.50
N LEU A 501 -37.12 -10.74 10.74
CA LEU A 501 -37.00 -10.77 9.28
C LEU A 501 -37.40 -9.43 8.65
N LEU A 502 -38.35 -8.72 9.26
CA LEU A 502 -38.72 -7.36 8.86
C LEU A 502 -37.53 -6.42 9.01
N ASP A 503 -36.99 -6.35 10.23
CA ASP A 503 -35.92 -5.37 10.58
C ASP A 503 -34.62 -5.58 9.75
N ALA A 504 -34.45 -6.78 9.18
CA ALA A 504 -33.39 -7.04 8.21
C ALA A 504 -33.70 -6.40 6.85
N LEU A 505 -34.93 -6.60 6.38
CA LEU A 505 -35.39 -6.09 5.09
C LEU A 505 -35.62 -4.57 5.12
N ARG A 506 -35.94 -4.06 6.31
CA ARG A 506 -35.90 -2.60 6.60
C ARG A 506 -34.56 -1.97 6.24
N SER A 507 -33.49 -2.52 6.81
CA SER A 507 -32.13 -2.02 6.58
C SER A 507 -31.60 -2.35 5.18
N GLY A 508 -32.22 -3.33 4.51
CA GLY A 508 -31.95 -3.61 3.12
C GLY A 508 -30.70 -4.41 2.90
N ARG A 509 -30.47 -5.42 3.73
CA ARG A 509 -29.26 -6.22 3.63
C ARG A 509 -29.15 -7.03 2.32
N TYR A 510 -30.28 -7.36 1.67
CA TYR A 510 -30.34 -8.05 0.34
C TYR A 510 -31.18 -7.23 -0.61
N ARG A 511 -31.02 -7.49 -1.91
CA ARG A 511 -31.82 -6.83 -2.94
C ARG A 511 -32.83 -7.82 -3.54
N GLU A 512 -33.59 -7.33 -4.52
CA GLU A 512 -34.60 -8.12 -5.26
C GLU A 512 -34.04 -9.40 -5.93
N ALA A 513 -32.78 -9.37 -6.40
CA ALA A 513 -32.18 -10.47 -7.20
C ALA A 513 -32.23 -11.86 -6.58
N ASP A 514 -32.20 -11.94 -5.24
CA ASP A 514 -32.13 -13.23 -4.53
C ASP A 514 -33.42 -13.68 -3.83
N LEU A 515 -34.56 -13.26 -4.33
CA LEU A 515 -35.87 -13.71 -3.79
C LEU A 515 -36.14 -15.19 -3.72
N SER A 516 -35.62 -15.91 -4.70
CA SER A 516 -35.81 -17.36 -4.83
C SER A 516 -34.91 -18.03 -3.80
N ARG A 517 -33.75 -17.42 -3.59
CA ARG A 517 -32.80 -17.86 -2.58
C ARG A 517 -33.38 -17.77 -1.15
N ILE A 518 -34.03 -16.65 -0.84
CA ILE A 518 -34.64 -16.42 0.49
C ILE A 518 -35.75 -17.43 0.75
N ALA A 519 -36.61 -17.62 -0.25
CA ALA A 519 -37.69 -18.60 -0.19
C ALA A 519 -37.18 -20.02 0.04
N TYR A 520 -36.27 -20.44 -0.84
CA TYR A 520 -35.63 -21.78 -0.78
C TYR A 520 -35.07 -22.14 0.59
N THR A 521 -34.39 -21.19 1.22
CA THR A 521 -33.86 -21.37 2.56
C THR A 521 -34.95 -21.72 3.55
N LEU A 522 -35.96 -20.85 3.63
CA LEU A 522 -37.02 -20.98 4.63
C LEU A 522 -37.89 -22.23 4.47
N GLN A 523 -37.82 -22.85 3.30
CA GLN A 523 -38.52 -24.08 3.01
C GLN A 523 -37.74 -25.30 3.49
N VAL A 524 -36.56 -25.53 2.91
CA VAL A 524 -35.80 -26.76 3.15
C VAL A 524 -34.84 -26.65 4.34
N GLY A 525 -34.26 -25.48 4.56
CA GLY A 525 -33.28 -25.27 5.64
C GLY A 525 -33.80 -24.52 6.86
N ARG A 526 -35.08 -24.69 7.17
CA ARG A 526 -35.66 -24.27 8.44
C ARG A 526 -36.60 -25.37 8.93
N GLU A 527 -36.67 -25.55 10.24
CA GLU A 527 -37.47 -26.64 10.79
C GLU A 527 -38.98 -26.41 10.63
N PRO A 528 -39.73 -27.45 10.21
CA PRO A 528 -41.18 -27.34 10.13
C PRO A 528 -41.78 -27.51 11.52
N MET A 529 -41.81 -26.41 12.27
CA MET A 529 -42.33 -26.41 13.65
C MET A 529 -43.85 -26.44 13.72
N GLU A 530 -44.38 -26.51 14.94
CA GLU A 530 -45.81 -26.76 15.22
C GLU A 530 -46.74 -25.66 14.69
N GLU A 531 -46.49 -24.41 15.10
CA GLU A 531 -47.24 -23.24 14.60
C GLU A 531 -46.61 -22.73 13.30
N ARG A 532 -47.42 -22.18 12.40
CA ARG A 532 -46.98 -21.89 11.03
C ARG A 532 -47.55 -20.62 10.41
N LEU A 533 -46.91 -20.19 9.31
CA LEU A 533 -47.35 -19.05 8.47
C LEU A 533 -46.57 -18.99 7.15
N GLY A 534 -47.26 -18.70 6.04
CA GLY A 534 -46.59 -18.40 4.77
C GLY A 534 -47.22 -17.23 4.01
N MET A 535 -46.57 -16.83 2.92
CA MET A 535 -47.08 -15.75 2.05
C MET A 535 -46.60 -15.88 0.60
N ILE A 536 -47.34 -15.24 -0.32
CA ILE A 536 -47.03 -15.25 -1.76
C ILE A 536 -46.43 -13.93 -2.24
N VAL A 537 -45.28 -13.99 -2.93
CA VAL A 537 -44.60 -12.79 -3.47
C VAL A 537 -44.03 -13.04 -4.87
N SER A 538 -43.86 -11.97 -5.64
CA SER A 538 -43.07 -12.00 -6.88
C SER A 538 -41.98 -10.91 -6.86
N ASN A 539 -41.69 -10.38 -5.66
CA ASN A 539 -41.64 -8.95 -5.43
C ASN A 539 -40.34 -8.29 -5.04
N LEU A 540 -40.25 -6.96 -5.19
CA LEU A 540 -39.50 -6.13 -4.21
C LEU A 540 -40.39 -5.73 -3.00
N ARG A 541 -41.43 -5.00 -3.31
CA ARG A 541 -42.15 -4.23 -2.33
C ARG A 541 -43.17 -5.03 -1.53
N GLU A 542 -43.75 -6.09 -2.12
CA GLU A 542 -44.81 -6.87 -1.46
C GLU A 542 -44.33 -7.75 -0.29
N LEU A 543 -43.00 -7.80 -0.06
CA LEU A 543 -42.44 -8.39 1.15
C LEU A 543 -42.86 -7.63 2.39
N GLU A 544 -42.73 -6.31 2.33
CA GLU A 544 -42.78 -5.48 3.54
C GLU A 544 -44.23 -5.07 3.77
N GLU A 545 -44.97 -4.87 2.67
CA GLU A 545 -46.42 -4.65 2.71
C GLU A 545 -47.19 -5.67 3.56
N LYS A 546 -46.67 -6.89 3.61
CA LYS A 546 -47.19 -7.90 4.50
C LYS A 546 -46.62 -7.83 5.91
N LEU A 547 -45.30 -7.86 6.02
CA LEU A 547 -44.65 -7.98 7.33
C LEU A 547 -45.08 -6.89 8.33
N ASP A 548 -45.26 -5.67 7.82
CA ASP A 548 -45.74 -4.54 8.64
C ASP A 548 -47.18 -4.72 9.14
N GLU A 549 -47.99 -5.46 8.38
CA GLU A 549 -49.38 -5.76 8.74
C GLU A 549 -49.45 -6.71 9.97
N PHE A 550 -48.46 -7.59 10.14
CA PHE A 550 -48.42 -8.45 11.36
C PHE A 550 -48.04 -7.66 12.60
N THR A 551 -47.05 -6.78 12.43
CA THR A 551 -46.65 -5.86 13.49
C THR A 551 -47.76 -4.85 13.82
N GLY A 552 -48.52 -4.44 12.80
CA GLY A 552 -49.62 -3.50 12.96
C GLY A 552 -50.82 -4.10 13.69
N GLY A 553 -51.26 -5.26 13.24
CA GLY A 553 -52.28 -6.02 13.99
C GLY A 553 -52.44 -7.45 13.53
N LYS A 554 -53.56 -8.07 13.94
CA LYS A 554 -53.92 -9.44 13.55
C LYS A 554 -54.89 -9.44 12.36
N GLU A 555 -55.16 -8.24 11.83
CA GLU A 555 -56.04 -8.02 10.66
C GLU A 555 -55.78 -9.02 9.49
N SER A 556 -56.88 -9.48 8.86
CA SER A 556 -56.85 -10.47 7.78
C SER A 556 -57.28 -9.91 6.43
N ILE A 557 -56.32 -9.45 5.63
CA ILE A 557 -56.50 -9.36 4.18
C ILE A 557 -56.21 -10.76 3.63
N ASP A 558 -56.74 -11.13 2.46
CA ASP A 558 -56.47 -12.45 1.82
C ASP A 558 -54.98 -12.78 1.54
N GLN A 559 -54.06 -11.92 2.01
CA GLN A 559 -52.63 -12.16 1.94
C GLN A 559 -52.09 -13.05 3.05
N LEU A 560 -52.83 -13.26 4.15
CA LEU A 560 -52.32 -14.07 5.27
C LEU A 560 -52.83 -15.51 5.13
N TYR A 561 -51.96 -16.50 5.43
CA TYR A 561 -52.39 -17.87 5.64
C TYR A 561 -51.72 -18.36 6.94
N ARG A 562 -52.53 -18.81 7.90
CA ARG A 562 -52.04 -19.24 9.23
C ARG A 562 -52.82 -20.47 9.72
N GLY A 563 -52.11 -21.40 10.37
CA GLY A 563 -52.72 -22.63 10.86
C GLY A 563 -51.84 -23.39 11.85
N GLN A 564 -52.22 -24.65 12.08
CA GLN A 564 -51.48 -25.59 12.91
C GLN A 564 -51.42 -26.93 12.12
N GLN A 567 -52.21 -30.47 14.54
CA GLN A 567 -53.61 -30.09 14.69
C GLN A 567 -54.56 -31.22 14.33
N ASN A 568 -54.70 -31.47 13.01
CA ASN A 568 -55.76 -32.31 12.43
C ASN A 568 -55.05 -33.45 11.77
N LYS A 569 -55.22 -34.64 12.34
CA LYS A 569 -54.31 -35.76 12.17
C LYS A 569 -54.87 -36.89 11.19
N ASP A 570 -56.11 -36.69 10.73
CA ASP A 570 -56.71 -37.49 9.61
C ASP A 570 -55.85 -37.69 8.33
N THR A 571 -54.98 -36.71 8.13
CA THR A 571 -54.32 -36.47 6.87
C THR A 571 -52.87 -36.91 6.82
N MET A 572 -52.18 -36.85 7.96
CA MET A 572 -50.78 -37.27 8.00
C MET A 572 -50.63 -38.71 7.49
N ALA A 573 -51.37 -39.62 8.10
CA ALA A 573 -51.34 -41.04 7.73
C ALA A 573 -51.97 -41.29 6.36
N LEU A 574 -52.93 -40.44 5.98
CA LEU A 574 -53.49 -40.46 4.64
C LEU A 574 -52.47 -40.01 3.57
N PHE A 575 -51.72 -38.94 3.86
CA PHE A 575 -50.84 -38.28 2.88
C PHE A 575 -49.51 -39.05 2.64
N THR A 576 -48.87 -39.52 3.70
CA THR A 576 -47.49 -40.04 3.59
C THR A 576 -47.39 -41.41 2.90
N ALA A 577 -48.17 -42.38 3.39
CA ALA A 577 -48.08 -43.77 2.93
C ALA A 577 -48.94 -44.04 1.68
N ASP A 578 -48.56 -43.40 0.58
CA ASP A 578 -49.31 -43.48 -0.70
C ASP A 578 -48.48 -42.88 -1.82
N GLU A 579 -48.56 -43.49 -3.00
CA GLU A 579 -47.83 -43.02 -4.20
C GLU A 579 -48.59 -41.98 -5.03
N ASP A 580 -49.93 -42.05 -5.05
CA ASP A 580 -50.78 -41.24 -5.93
C ASP A 580 -50.87 -39.75 -5.48
N MET A 581 -51.04 -39.52 -4.18
CA MET A 581 -51.15 -38.14 -3.61
C MET A 581 -49.81 -37.37 -3.70
N GLU A 582 -48.70 -38.09 -3.80
CA GLU A 582 -47.39 -37.48 -4.07
C GLU A 582 -47.30 -37.05 -5.55
N LYS A 583 -47.98 -37.78 -6.44
CA LYS A 583 -48.15 -37.37 -7.86
C LYS A 583 -49.04 -36.12 -8.01
N THR A 584 -49.89 -35.85 -7.02
CA THR A 584 -50.78 -34.67 -7.00
C THR A 584 -50.02 -33.44 -6.51
N ILE A 585 -49.11 -33.64 -5.57
CA ILE A 585 -48.17 -32.59 -5.16
C ILE A 585 -47.16 -32.34 -6.29
N GLU A 586 -46.71 -33.41 -6.97
CA GLU A 586 -45.93 -33.31 -8.23
C GLU A 586 -46.73 -32.55 -9.30
N ALA A 587 -48.00 -32.90 -9.45
CA ALA A 587 -48.91 -32.24 -10.40
C ALA A 587 -49.34 -30.83 -9.97
N TRP A 588 -49.22 -30.50 -8.68
CA TRP A 588 -49.46 -29.12 -8.19
C TRP A 588 -48.37 -28.15 -8.64
N LEU A 589 -47.12 -28.62 -8.70
CA LEU A 589 -46.00 -27.81 -9.19
C LEU A 589 -46.06 -27.53 -10.72
N GLU A 590 -46.51 -28.53 -11.49
CA GLU A 590 -46.77 -28.40 -12.95
C GLU A 590 -47.52 -27.11 -13.32
N LYS A 591 -48.61 -26.84 -12.60
CA LYS A 591 -49.40 -25.59 -12.81
C LYS A 591 -48.75 -24.39 -12.15
N GLY A 592 -48.47 -24.52 -10.86
CA GLY A 592 -47.86 -23.46 -10.07
C GLY A 592 -48.81 -22.42 -9.51
N LYS A 593 -50.10 -22.77 -9.38
CA LYS A 593 -51.06 -21.92 -8.68
C LYS A 593 -50.77 -21.96 -7.19
N ALA A 594 -50.44 -20.80 -6.63
CA ALA A 594 -49.68 -20.73 -5.40
C ALA A 594 -50.52 -20.83 -4.12
N ALA A 595 -51.44 -19.88 -3.94
CA ALA A 595 -52.25 -19.74 -2.72
C ALA A 595 -52.95 -21.01 -2.26
N LYS A 596 -53.38 -21.81 -3.23
CA LYS A 596 -54.19 -22.98 -2.94
C LYS A 596 -53.44 -24.11 -2.21
N VAL A 597 -52.13 -24.19 -2.41
CA VAL A 597 -51.28 -25.18 -1.71
C VAL A 597 -50.91 -24.69 -0.31
N LEU A 598 -50.62 -23.40 -0.19
CA LEU A 598 -50.18 -22.84 1.08
C LEU A 598 -51.22 -22.94 2.21
N GLU A 599 -52.49 -23.04 1.85
CA GLU A 599 -53.57 -23.37 2.80
C GLU A 599 -53.32 -24.73 3.45
N LEU A 600 -52.77 -25.68 2.67
CA LEU A 600 -52.53 -27.04 3.14
C LEU A 600 -51.23 -27.19 3.87
N TRP A 601 -50.26 -26.35 3.56
CA TRP A 601 -49.00 -26.35 4.28
C TRP A 601 -49.20 -25.92 5.72
N VAL A 602 -49.87 -24.79 5.93
CA VAL A 602 -50.12 -24.26 7.28
C VAL A 602 -50.94 -25.20 8.16
N LYS A 603 -51.77 -25.99 7.51
CA LYS A 603 -52.58 -26.98 8.19
C LYS A 603 -51.24 -27.62 7.82
N GLY A 604 -50.88 -28.71 8.52
CA GLY A 604 -49.69 -29.49 8.22
C GLY A 604 -49.79 -30.49 7.10
N LEU A 605 -49.25 -30.09 5.93
CA LEU A 605 -48.92 -31.03 4.87
C LEU A 605 -47.40 -31.07 4.92
N PRO A 606 -46.82 -32.25 5.24
CA PRO A 606 -45.38 -32.39 4.97
C PRO A 606 -45.19 -32.63 3.48
N LEU A 607 -44.17 -32.00 2.90
CA LEU A 607 -43.97 -32.08 1.44
C LEU A 607 -42.48 -32.10 1.11
N ASN A 608 -42.15 -32.81 0.03
CA ASN A 608 -40.79 -32.91 -0.44
C ASN A 608 -40.53 -31.70 -1.33
N TRP A 609 -39.85 -30.69 -0.77
CA TRP A 609 -39.70 -29.40 -1.45
C TRP A 609 -38.80 -29.43 -2.69
N ASP A 610 -37.80 -30.33 -2.71
CA ASP A 610 -36.82 -30.45 -3.84
C ASP A 610 -37.43 -30.44 -5.27
N LYS A 611 -38.70 -30.79 -5.41
CA LYS A 611 -39.49 -30.59 -6.66
C LYS A 611 -39.90 -29.11 -7.05
N LEU A 612 -39.34 -28.08 -6.41
CA LEU A 612 -39.42 -26.68 -6.95
C LEU A 612 -38.47 -26.33 -8.11
N TYR A 613 -37.81 -27.32 -8.72
CA TYR A 613 -36.49 -27.09 -9.24
C TYR A 613 -36.45 -26.72 -10.70
N GLN A 614 -35.63 -25.73 -11.03
CA GLN A 614 -35.13 -25.59 -12.38
C GLN A 614 -34.20 -26.76 -12.34
N MET A 615 -33.50 -27.15 -13.39
CA MET A 615 -32.55 -28.31 -13.32
C MET A 615 -31.43 -28.17 -12.23
N GLY A 616 -31.33 -27.02 -11.56
CA GLY A 616 -30.48 -26.78 -10.37
C GLY A 616 -31.14 -25.96 -9.25
N ARG A 617 -30.97 -26.38 -7.99
CA ARG A 617 -31.56 -25.67 -6.84
C ARG A 617 -30.65 -24.52 -6.41
N PRO A 618 -31.19 -23.28 -6.28
CA PRO A 618 -30.29 -22.15 -5.96
C PRO A 618 -29.66 -22.27 -4.58
N GLN A 619 -28.48 -21.69 -4.42
CA GLN A 619 -27.70 -21.87 -3.20
C GLN A 619 -28.32 -21.15 -2.00
N LYS A 620 -27.75 -21.37 -0.82
CA LYS A 620 -28.32 -20.87 0.43
C LYS A 620 -28.24 -19.33 0.67
N ILE A 621 -28.71 -18.84 1.83
CA ILE A 621 -28.52 -17.45 2.25
C ILE A 621 -28.59 -17.28 3.78
N SER A 622 -27.85 -16.31 4.29
CA SER A 622 -27.87 -15.93 5.71
C SER A 622 -29.19 -15.25 6.08
N LEU A 623 -30.06 -15.98 6.79
CA LEU A 623 -31.28 -15.39 7.35
C LEU A 623 -31.26 -15.44 8.88
N PRO A 624 -32.04 -14.56 9.55
CA PRO A 624 -32.09 -14.48 11.02
C PRO A 624 -32.57 -15.79 11.66
N ALA A 625 -31.83 -16.25 12.66
CA ALA A 625 -32.14 -17.50 13.35
C ALA A 625 -33.30 -17.30 14.31
N TYR A 626 -33.88 -18.43 14.73
CA TYR A 626 -35.01 -18.48 15.67
C TYR A 626 -34.74 -17.67 16.96
N PRO A 627 -35.50 -16.58 17.21
CA PRO A 627 -35.35 -15.87 18.48
C PRO A 627 -35.95 -16.64 19.65
N PHE A 628 -35.26 -16.57 20.77
CA PHE A 628 -35.45 -17.49 21.88
C PHE A 628 -36.21 -16.80 23.01
N ALA A 629 -36.77 -17.64 23.87
CA ALA A 629 -37.50 -17.22 25.06
C ALA A 629 -36.61 -16.58 26.13
N LYS A 630 -37.26 -15.93 27.10
CA LYS A 630 -36.57 -15.08 28.10
C LYS A 630 -36.83 -15.47 29.56
N ASP A 631 -36.88 -16.78 29.83
CA ASP A 631 -37.10 -17.29 31.19
C ASP A 631 -35.83 -17.53 32.01
N ARG A 632 -35.74 -16.88 33.18
CA ARG A 632 -34.56 -16.97 34.07
C ARG A 632 -34.43 -18.31 34.79
N TYR A 633 -33.24 -18.81 34.98
CA TYR A 633 -32.96 -20.03 35.75
C TYR A 633 -31.65 -19.73 36.51
N TRP A 634 -31.54 -20.13 37.73
CA TRP A 634 -30.39 -19.79 38.61
C TRP A 634 -30.50 -20.70 39.87
N ILE A 635 -29.74 -20.37 40.92
CA ILE A 635 -29.71 -20.98 42.26
C ILE A 635 -30.15 -22.49 42.37
N ARG B 26 -1.06 -46.15 5.43
CA ARG B 26 -1.24 -46.84 6.73
C ARG B 26 0.02 -46.92 7.58
N GLU B 27 -0.01 -46.28 8.75
CA GLU B 27 1.05 -46.38 9.80
C GLU B 27 0.49 -46.97 11.09
N ASP B 28 1.03 -48.10 11.54
CA ASP B 28 0.72 -48.62 12.88
C ASP B 28 1.39 -47.68 13.87
N ILE B 29 0.83 -47.61 15.07
CA ILE B 29 1.47 -46.89 16.18
C ILE B 29 1.99 -47.90 17.21
N ALA B 30 3.26 -47.76 17.56
CA ALA B 30 3.89 -48.57 18.60
C ALA B 30 3.81 -47.85 19.94
N ILE B 31 3.56 -48.63 20.98
CA ILE B 31 3.48 -48.10 22.34
C ILE B 31 4.76 -48.62 23.02
N ILE B 32 5.62 -47.69 23.44
CA ILE B 32 6.99 -48.02 23.87
C ILE B 32 7.23 -47.83 25.37
N GLY B 33 6.50 -46.90 25.98
CA GLY B 33 6.60 -46.66 27.42
C GLY B 33 5.23 -46.63 28.05
N ILE B 34 5.12 -47.19 29.25
CA ILE B 34 3.89 -47.15 30.02
C ILE B 34 4.18 -46.94 31.50
N SER B 35 3.17 -46.42 32.20
CA SER B 35 3.19 -46.32 33.66
C SER B 35 1.81 -45.90 34.13
N GLY B 36 1.59 -45.95 35.44
CA GLY B 36 0.34 -45.48 36.01
C GLY B 36 0.24 -45.89 37.46
N ARG B 37 -0.68 -45.30 38.18
CA ARG B 37 -0.86 -45.51 39.60
C ARG B 37 -2.37 -45.70 39.80
N TYR B 38 -2.73 -46.86 40.34
CA TYR B 38 -4.11 -47.27 40.53
C TYR B 38 -4.27 -47.84 41.94
N PRO B 39 -5.53 -47.99 42.42
CA PRO B 39 -5.78 -48.46 43.79
C PRO B 39 -4.95 -49.67 44.22
N GLN B 40 -4.28 -49.55 45.36
CA GLN B 40 -3.41 -50.59 45.90
C GLN B 40 -2.33 -51.01 44.88
N ALA B 41 -1.81 -50.05 44.10
CA ALA B 41 -0.75 -50.30 43.14
C ALA B 41 0.29 -49.19 43.19
N GLU B 42 1.45 -49.51 43.76
CA GLU B 42 2.59 -48.59 43.84
C GLU B 42 3.22 -48.40 42.45
N ASN B 43 3.40 -49.51 41.74
CA ASN B 43 3.88 -49.51 40.36
C ASN B 43 3.12 -50.54 39.51
N LEU B 44 3.42 -50.58 38.21
CA LEU B 44 2.81 -51.54 37.29
C LEU B 44 3.10 -52.99 37.67
N GLN B 45 4.27 -53.24 38.26
CA GLN B 45 4.69 -54.57 38.69
C GLN B 45 3.62 -55.11 39.66
N GLU B 46 3.32 -54.32 40.69
CA GLU B 46 2.36 -54.72 41.72
C GLU B 46 0.88 -54.54 41.32
N PHE B 47 0.61 -53.70 40.32
CA PHE B 47 -0.74 -53.63 39.72
C PHE B 47 -1.10 -54.97 39.07
N TRP B 48 -0.17 -55.51 38.29
CA TRP B 48 -0.34 -56.82 37.65
C TRP B 48 -0.57 -57.93 38.66
N LYS B 49 0.16 -57.87 39.78
CA LYS B 49 -0.02 -58.81 40.88
C LYS B 49 -1.50 -58.89 41.26
N ASN B 50 -2.08 -57.73 41.58
CA ASN B 50 -3.48 -57.64 42.01
C ASN B 50 -4.46 -58.14 40.96
N LEU B 51 -4.17 -57.85 39.69
CA LEU B 51 -4.99 -58.34 38.58
C LEU B 51 -4.86 -59.84 38.42
N SER B 52 -3.63 -60.35 38.42
CA SER B 52 -3.37 -61.78 38.26
C SER B 52 -3.93 -62.62 39.42
N GLU B 53 -3.70 -62.15 40.65
CA GLU B 53 -4.19 -62.79 41.87
C GLU B 53 -5.33 -61.76 41.78
N GLY B 54 -6.57 -62.24 41.70
CA GLY B 54 -7.74 -61.38 41.56
C GLY B 54 -7.62 -60.89 42.98
N THR B 55 -7.93 -59.71 43.28
CA THR B 55 -7.74 -59.10 44.59
C THR B 55 -8.97 -58.22 44.39
N ASP B 56 -9.44 -57.59 45.46
CA ASP B 56 -10.48 -56.57 45.39
C ASP B 56 -9.64 -55.42 45.94
N CYS B 57 -9.36 -54.45 45.08
CA CYS B 57 -8.54 -53.29 45.45
C CYS B 57 -9.35 -52.11 46.01
N ILE B 58 -10.67 -52.24 46.04
CA ILE B 58 -11.56 -51.18 46.53
C ILE B 58 -11.63 -51.30 48.05
N THR B 59 -11.46 -50.17 48.75
CA THR B 59 -11.36 -50.15 50.22
C THR B 59 -12.05 -48.93 50.82
N GLU B 60 -12.30 -49.03 52.13
CA GLU B 60 -12.99 -48.00 52.93
C GLU B 60 -12.32 -46.60 52.81
N ILE B 61 -13.15 -45.55 52.85
CA ILE B 61 -12.67 -44.17 52.75
C ILE B 61 -11.65 -43.75 53.82
N PRO B 62 -10.40 -43.38 53.43
CA PRO B 62 -9.41 -43.04 54.46
C PRO B 62 -9.79 -41.88 55.39
N ASN B 63 -9.13 -41.86 56.55
CA ASN B 63 -9.40 -40.87 57.60
C ASN B 63 -8.88 -39.45 57.23
N ASP B 64 -7.86 -39.38 56.37
CA ASP B 64 -7.20 -38.11 56.00
C ASP B 64 -8.06 -37.12 55.13
N ARG B 65 -9.12 -37.62 54.49
CA ARG B 65 -9.85 -36.83 53.48
C ARG B 65 -11.03 -36.01 54.06
N TRP B 66 -12.17 -36.66 54.37
CA TRP B 66 -13.42 -35.98 54.90
C TRP B 66 -14.03 -36.81 56.03
N ASP B 67 -14.70 -36.21 57.04
CA ASP B 67 -15.40 -37.02 58.05
C ASP B 67 -16.72 -37.44 57.44
N HIS B 68 -16.94 -38.75 57.29
CA HIS B 68 -18.11 -39.32 56.60
C HIS B 68 -19.08 -40.04 57.53
N SER B 69 -18.93 -39.84 58.85
CA SER B 69 -20.02 -40.07 59.80
C SER B 69 -21.00 -38.86 59.79
N LEU B 70 -20.68 -37.81 59.02
CA LEU B 70 -21.56 -36.65 58.76
C LEU B 70 -22.41 -36.66 57.47
N TYR B 71 -22.21 -37.59 56.54
CA TYR B 71 -22.93 -37.62 55.24
C TYR B 71 -23.62 -38.96 54.88
N TYR B 72 -23.62 -39.97 55.77
CA TYR B 72 -24.09 -41.34 55.42
C TYR B 72 -25.58 -41.57 55.68
N ASP B 73 -26.35 -41.92 54.64
CA ASP B 73 -27.73 -42.41 54.83
C ASP B 73 -28.02 -43.62 53.95
N ALA B 74 -29.26 -44.15 54.04
CA ALA B 74 -29.74 -45.15 53.07
C ALA B 74 -30.39 -44.27 52.01
N ASP B 75 -31.01 -44.84 51.01
CA ASP B 75 -31.70 -44.10 49.93
C ASP B 75 -32.77 -43.28 50.70
N LYS B 76 -32.72 -41.99 50.68
CA LYS B 76 -33.61 -41.09 51.45
C LYS B 76 -34.18 -39.95 50.62
N ASP B 77 -35.29 -39.33 51.07
CA ASP B 77 -35.73 -38.01 50.56
C ASP B 77 -35.04 -36.81 51.27
N LYS B 78 -34.00 -37.01 52.02
CA LYS B 78 -33.21 -35.93 52.63
C LYS B 78 -32.60 -34.89 51.72
N GLU B 79 -32.18 -33.77 52.31
CA GLU B 79 -31.36 -32.78 51.62
C GLU B 79 -30.18 -33.68 51.27
N GLY B 80 -29.30 -33.35 50.48
CA GLY B 80 -28.49 -34.35 49.77
C GLY B 80 -27.41 -34.76 50.77
N LYS B 81 -27.70 -35.97 51.33
CA LYS B 81 -26.73 -36.79 52.05
C LYS B 81 -26.75 -38.03 51.16
N THR B 82 -25.60 -38.69 51.00
CA THR B 82 -25.47 -39.78 50.01
C THR B 82 -24.99 -41.11 50.57
N TYR B 83 -25.38 -42.18 49.86
CA TYR B 83 -25.20 -43.57 50.29
C TYR B 83 -23.89 -44.20 49.81
N GLY B 84 -23.38 -43.63 48.67
CA GLY B 84 -22.31 -44.25 47.84
C GLY B 84 -20.85 -44.02 48.14
N LYS B 85 -20.45 -44.73 49.28
CA LYS B 85 -19.33 -44.30 50.12
C LYS B 85 -18.07 -45.08 50.48
N TRP B 86 -17.76 -46.24 49.90
CA TRP B 86 -16.32 -46.58 49.77
C TRP B 86 -15.99 -46.77 48.31
N GLY B 87 -14.71 -46.59 47.98
CA GLY B 87 -14.21 -46.62 46.61
C GLY B 87 -12.71 -46.85 46.52
N GLY B 88 -12.20 -46.91 45.29
CA GLY B 88 -10.77 -47.17 45.06
C GLY B 88 -9.92 -45.94 45.28
N PHE B 89 -8.91 -46.03 46.14
CA PHE B 89 -8.04 -44.88 46.51
C PHE B 89 -6.55 -45.24 46.61
N LEU B 90 -5.70 -44.20 46.57
CA LEU B 90 -4.23 -44.34 46.67
C LEU B 90 -3.89 -44.02 48.10
N LYS B 91 -2.59 -44.49 48.41
CA LYS B 91 -1.72 -43.94 49.47
C LYS B 91 -0.85 -42.77 49.13
N ASP B 92 -1.25 -41.58 49.65
CA ASP B 92 -0.70 -40.24 49.38
C ASP B 92 -0.53 -39.79 47.96
N VAL B 93 -1.77 -39.69 47.44
CA VAL B 93 -2.11 -38.66 46.49
C VAL B 93 -1.58 -37.25 46.84
N ASP B 94 -1.32 -36.94 48.10
CA ASP B 94 -0.99 -35.55 48.54
C ASP B 94 0.52 -35.15 48.37
N LYS B 95 1.41 -36.12 48.09
CA LYS B 95 2.89 -35.85 48.03
C LYS B 95 3.47 -35.45 46.69
N PHE B 96 4.61 -34.75 46.76
CA PHE B 96 5.39 -34.39 45.59
C PHE B 96 6.86 -34.11 45.91
N ASP B 97 7.73 -34.27 44.91
CA ASP B 97 9.10 -33.81 44.93
C ASP B 97 9.20 -32.49 44.13
N PRO B 98 9.01 -31.33 44.79
CA PRO B 98 8.97 -30.07 44.04
C PRO B 98 10.28 -29.69 43.34
N GLN B 99 11.38 -29.66 44.08
CA GLN B 99 12.66 -29.19 43.53
C GLN B 99 13.28 -30.01 42.42
N PHE B 100 12.87 -31.27 42.29
CA PHE B 100 13.31 -32.13 41.18
C PHE B 100 13.05 -31.51 39.82
N PHE B 101 11.90 -30.86 39.68
CA PHE B 101 11.47 -30.28 38.40
C PHE B 101 11.77 -28.78 38.26
N SER B 102 12.62 -28.24 39.13
CA SER B 102 12.87 -26.79 39.23
C SER B 102 11.58 -26.01 39.48
N ILE B 103 10.85 -26.43 40.52
CA ILE B 103 9.65 -25.74 41.01
C ILE B 103 9.81 -25.51 42.52
N SER B 104 9.57 -24.28 42.97
CA SER B 104 9.77 -23.92 44.37
C SER B 104 8.64 -24.46 45.27
N PRO B 105 8.95 -24.84 46.53
CA PRO B 105 7.94 -25.32 47.48
C PRO B 105 6.76 -24.38 47.74
N ARG B 106 6.99 -23.06 47.72
CA ARG B 106 5.91 -22.08 47.95
C ARG B 106 4.84 -22.11 46.81
N ASP B 107 5.29 -22.38 45.59
CA ASP B 107 4.37 -22.54 44.46
C ASP B 107 3.99 -24.01 44.24
N ALA B 108 4.38 -24.87 45.19
CA ALA B 108 3.90 -26.26 45.25
C ALA B 108 2.89 -26.35 46.41
N LYS B 109 2.67 -25.23 47.13
CA LYS B 109 1.60 -25.18 48.14
C LYS B 109 0.35 -24.84 47.30
N LEU B 110 0.45 -24.02 46.26
CA LEU B 110 -0.67 -23.70 45.36
C LEU B 110 -0.49 -24.82 44.31
N MET B 111 -1.17 -25.88 44.35
CA MET B 111 -0.91 -27.02 43.47
C MET B 111 -2.18 -27.83 43.27
N ASP B 112 -2.27 -28.53 42.12
CA ASP B 112 -3.30 -29.54 41.80
C ASP B 112 -2.66 -30.92 41.89
N PRO B 113 -3.21 -31.80 42.75
CA PRO B 113 -2.83 -33.21 42.69
C PRO B 113 -2.93 -33.85 41.30
N GLN B 114 -3.91 -33.42 40.51
CA GLN B 114 -4.05 -33.85 39.12
C GLN B 114 -2.75 -33.62 38.34
N GLU B 115 -2.14 -32.44 38.51
CA GLU B 115 -1.02 -32.03 37.66
C GLU B 115 0.30 -32.70 38.05
N ARG B 116 0.55 -32.79 39.36
CA ARG B 116 1.75 -33.49 39.87
C ARG B 116 1.69 -34.96 39.46
N LEU B 117 0.60 -35.63 39.82
CA LEU B 117 0.50 -37.07 39.60
C LEU B 117 0.80 -37.45 38.16
N PHE B 118 0.37 -36.63 37.21
CA PHE B 118 0.67 -36.85 35.80
C PHE B 118 2.14 -36.58 35.50
N LEU B 119 2.61 -35.36 35.73
CA LEU B 119 4.06 -35.02 35.60
C LEU B 119 4.96 -36.16 36.08
N GLN B 120 4.73 -36.56 37.32
CA GLN B 120 5.47 -37.64 37.98
C GLN B 120 5.38 -38.93 37.16
N CYS B 121 4.19 -39.22 36.66
CA CYS B 121 3.94 -40.42 35.87
C CYS B 121 4.21 -40.31 34.38
N VAL B 122 4.42 -39.10 33.88
CA VAL B 122 5.00 -38.91 32.57
C VAL B 122 6.47 -39.25 32.68
N TYR B 123 7.10 -38.72 33.73
CA TYR B 123 8.52 -38.92 33.94
C TYR B 123 8.90 -40.38 34.21
N GLU B 124 7.99 -41.16 34.78
CA GLU B 124 8.21 -42.60 34.89
C GLU B 124 8.03 -43.28 33.54
N THR B 125 7.05 -42.81 32.76
CA THR B 125 6.85 -43.30 31.39
C THR B 125 8.06 -43.00 30.51
N MET B 126 8.62 -41.80 30.65
CA MET B 126 9.90 -41.45 30.02
C MET B 126 10.95 -42.55 30.14
N GLU B 127 11.16 -43.01 31.37
CA GLU B 127 12.30 -43.88 31.66
C GLU B 127 11.99 -45.36 31.52
N ASP B 128 10.72 -45.73 31.68
CA ASP B 128 10.27 -47.09 31.38
C ASP B 128 10.38 -47.35 29.86
N ALA B 129 10.10 -46.31 29.08
CA ALA B 129 10.38 -46.30 27.63
C ALA B 129 11.80 -45.95 27.30
N GLY B 130 12.61 -45.80 28.35
CA GLY B 130 14.05 -45.58 28.21
C GLY B 130 14.66 -44.47 27.39
N TYR B 131 14.05 -43.31 27.45
CA TYR B 131 14.47 -42.17 26.70
C TYR B 131 14.61 -41.32 27.94
N THR B 132 15.10 -40.08 27.69
CA THR B 132 14.96 -39.08 28.70
C THR B 132 14.82 -37.68 28.05
N ARG B 133 14.81 -36.70 28.93
CA ARG B 133 14.81 -35.25 28.57
C ARG B 133 15.79 -34.87 27.45
N LYS B 134 16.81 -35.71 27.22
CA LYS B 134 17.73 -35.63 26.05
C LYS B 134 17.02 -35.87 24.71
N LYS B 135 15.68 -36.02 24.71
CA LYS B 135 14.92 -36.10 23.40
C LYS B 135 15.27 -35.09 22.27
N LEU B 136 15.37 -33.79 22.56
CA LEU B 136 15.42 -32.75 21.50
C LEU B 136 16.84 -32.28 21.10
N THR B 137 17.86 -32.72 21.83
CA THR B 137 19.29 -32.58 21.44
C THR B 137 19.73 -33.52 20.29
N GLU B 138 18.92 -34.54 19.99
CA GLU B 138 19.17 -35.54 18.93
C GLU B 138 18.63 -35.10 17.55
N LYS B 139 17.39 -34.62 17.59
CA LYS B 139 16.57 -34.32 16.39
C LYS B 139 17.06 -33.20 15.46
N SER B 140 17.25 -32.02 16.05
CA SER B 140 17.39 -30.73 15.38
C SER B 140 18.73 -30.06 15.63
N ASN B 147 9.38 -31.61 18.55
CA ASN B 147 7.98 -31.61 18.93
C ASN B 147 7.55 -32.94 19.57
N VAL B 148 6.92 -32.90 20.75
CA VAL B 148 6.28 -34.09 21.34
C VAL B 148 4.88 -33.73 21.82
N GLY B 149 3.90 -34.53 21.42
CA GLY B 149 2.51 -34.31 21.80
C GLY B 149 2.26 -34.72 23.23
N VAL B 150 1.35 -34.01 23.89
CA VAL B 150 0.79 -34.42 25.18
C VAL B 150 -0.73 -34.36 25.05
N TYR B 151 -1.38 -35.50 25.31
CA TYR B 151 -2.84 -35.57 25.28
C TYR B 151 -3.28 -36.31 26.53
N VAL B 152 -3.87 -35.56 27.46
CA VAL B 152 -4.42 -36.14 28.67
C VAL B 152 -5.86 -35.68 28.80
N GLY B 153 -6.71 -36.54 29.35
CA GLY B 153 -8.14 -36.29 29.41
C GLY B 153 -8.61 -36.36 30.84
N VAL B 154 -8.97 -35.20 31.36
CA VAL B 154 -9.17 -35.03 32.78
C VAL B 154 -10.58 -34.57 33.10
N MET B 155 -10.76 -34.40 34.40
CA MET B 155 -12.02 -34.08 35.01
C MET B 155 -11.61 -33.19 36.15
N TYR B 156 -11.39 -31.92 35.89
CA TYR B 156 -11.07 -31.07 37.04
C TYR B 156 -12.26 -30.88 37.97
N GLU B 157 -12.05 -31.27 39.23
CA GLU B 157 -13.10 -31.31 40.20
C GLU B 157 -12.75 -30.32 41.34
N GLU B 158 -11.71 -30.57 42.16
CA GLU B 158 -11.87 -30.37 43.61
C GLU B 158 -11.39 -29.10 44.36
N TYR B 159 -10.22 -28.56 44.08
CA TYR B 159 -9.64 -27.50 44.96
C TYR B 159 -10.14 -26.08 44.72
N GLN B 160 -10.93 -25.90 43.65
CA GLN B 160 -11.63 -24.63 43.45
C GLN B 160 -12.68 -24.51 44.58
N LEU B 161 -13.19 -25.64 45.09
CA LEU B 161 -14.15 -25.62 46.21
C LEU B 161 -13.43 -25.42 47.56
N TYR B 162 -12.44 -26.28 47.86
CA TYR B 162 -11.60 -26.10 49.06
C TYR B 162 -11.12 -24.66 49.22
N GLY B 163 -10.83 -24.01 48.09
CA GLY B 163 -10.41 -22.63 48.10
C GLY B 163 -11.41 -21.58 48.52
N ALA B 164 -12.68 -21.96 48.77
CA ALA B 164 -13.70 -20.94 48.92
C ALA B 164 -14.40 -19.78 49.52
N GLU B 165 -14.34 -19.76 50.85
CA GLU B 165 -14.80 -18.71 51.77
C GLU B 165 -13.31 -18.62 52.19
N GLU B 166 -12.75 -17.40 52.18
CA GLU B 166 -11.27 -17.12 51.97
C GLU B 166 -10.16 -17.83 51.19
N LYS B 171 -6.10 -22.18 45.93
CA LYS B 171 -6.56 -22.30 44.54
C LYS B 171 -6.13 -21.05 43.72
N SER B 172 -6.19 -21.15 42.39
CA SER B 172 -5.71 -20.09 41.49
C SER B 172 -6.14 -20.36 40.02
N LEU B 173 -5.69 -19.60 39.02
CA LEU B 173 -6.13 -19.81 37.61
C LEU B 173 -5.34 -20.79 36.78
N ALA B 174 -4.03 -20.59 36.63
CA ALA B 174 -3.14 -21.50 35.89
C ALA B 174 -2.43 -22.49 36.82
N LEU B 175 -2.62 -22.17 38.12
CA LEU B 175 -2.27 -22.97 39.28
C LEU B 175 -3.61 -23.55 39.82
N THR B 176 -3.94 -24.78 39.43
CA THR B 176 -5.22 -25.48 39.77
C THR B 176 -6.55 -24.74 39.49
N GLY B 177 -6.68 -23.84 38.52
CA GLY B 177 -8.00 -23.26 38.17
C GLY B 177 -8.17 -23.66 36.71
N ASN B 178 -7.39 -24.62 36.21
CA ASN B 178 -7.47 -25.05 34.82
C ASN B 178 -7.10 -26.52 34.67
N PRO B 179 -7.89 -27.28 33.90
CA PRO B 179 -7.43 -28.61 33.47
C PRO B 179 -6.28 -28.59 32.45
N SER B 180 -6.18 -27.53 31.64
CA SER B 180 -5.12 -27.44 30.61
C SER B 180 -3.72 -27.49 31.22
N SER B 181 -3.55 -26.81 32.36
CA SER B 181 -2.28 -26.77 33.10
C SER B 181 -1.59 -28.13 33.27
N ILE B 182 -2.38 -29.20 33.34
CA ILE B 182 -1.86 -30.56 33.48
C ILE B 182 -0.89 -30.93 32.36
N ALA B 183 -1.40 -30.89 31.12
CA ALA B 183 -0.58 -31.18 29.95
C ALA B 183 0.44 -30.07 29.68
N ASN B 184 0.03 -28.83 29.92
CA ASN B 184 0.84 -27.67 29.54
C ASN B 184 2.11 -27.52 30.44
N ARG B 185 2.02 -27.93 31.70
CA ARG B 185 3.23 -27.99 32.51
C ARG B 185 4.15 -29.12 32.08
N ALA B 186 3.57 -30.29 31.85
CA ALA B 186 4.35 -31.45 31.40
C ALA B 186 5.18 -31.13 30.17
N SER B 187 4.59 -30.39 29.22
CA SER B 187 5.32 -29.96 28.04
C SER B 187 6.35 -28.86 28.34
N TYR B 188 5.98 -27.90 29.19
CA TYR B 188 6.88 -26.79 29.57
C TYR B 188 8.12 -27.27 30.32
N VAL B 189 7.88 -28.09 31.34
CA VAL B 189 8.94 -28.55 32.21
C VAL B 189 9.95 -29.35 31.43
N PHE B 190 9.49 -30.41 30.75
CA PHE B 190 10.39 -31.28 29.99
C PHE B 190 10.82 -30.70 28.65
N GLY B 191 10.14 -29.65 28.20
CA GLY B 191 10.57 -28.87 27.05
C GLY B 191 10.17 -29.49 25.73
N PHE B 192 8.89 -29.85 25.62
CA PHE B 192 8.33 -30.38 24.37
C PHE B 192 7.71 -29.24 23.56
N ASN B 193 7.95 -29.28 22.24
CA ASN B 193 7.38 -28.30 21.29
C ASN B 193 6.21 -28.88 20.49
N GLY B 194 5.38 -29.69 21.14
CA GLY B 194 4.24 -30.33 20.48
C GLY B 194 2.97 -30.15 21.26
N PRO B 195 1.81 -30.32 20.60
CA PRO B 195 0.50 -29.97 21.16
C PRO B 195 0.28 -30.47 22.58
N SER B 196 -0.33 -29.62 23.39
CA SER B 196 -0.56 -29.93 24.79
C SER B 196 -1.99 -29.54 25.15
N MET B 197 -2.77 -30.50 25.64
CA MET B 197 -4.17 -30.23 25.94
C MET B 197 -4.91 -31.21 26.83
N ALA B 198 -5.99 -30.67 27.39
CA ALA B 198 -6.85 -31.38 28.32
C ALA B 198 -8.22 -31.56 27.67
N LEU B 199 -8.49 -32.79 27.23
CA LEU B 199 -9.79 -33.11 26.59
C LEU B 199 -10.80 -33.45 27.70
N ASP B 200 -12.07 -33.63 27.30
CA ASP B 200 -13.11 -34.10 28.21
C ASP B 200 -14.23 -34.81 27.47
N THR B 201 -14.29 -36.12 27.68
CA THR B 201 -15.44 -36.94 27.35
C THR B 201 -15.69 -37.76 28.61
N MET B 202 -16.93 -37.75 29.10
CA MET B 202 -17.22 -38.13 30.50
C MET B 202 -16.42 -39.32 31.02
N CYS B 203 -16.57 -40.48 30.40
CA CYS B 203 -15.84 -41.65 30.85
C CYS B 203 -14.58 -41.97 30.05
N SER B 204 -14.68 -41.84 28.73
CA SER B 204 -13.65 -42.33 27.82
C SER B 204 -12.61 -41.27 27.43
N SER B 205 -12.40 -40.28 28.30
CA SER B 205 -11.45 -39.18 28.02
C SER B 205 -10.06 -39.70 27.71
N SER B 206 -9.53 -40.53 28.61
CA SER B 206 -8.23 -41.19 28.40
C SER B 206 -8.13 -41.81 27.02
N LEU B 207 -9.18 -42.51 26.62
CA LEU B 207 -9.19 -43.26 25.37
C LEU B 207 -9.37 -42.36 24.14
N THR B 208 -9.97 -41.19 24.31
CA THR B 208 -10.05 -40.19 23.26
C THR B 208 -8.65 -39.61 22.98
N ALA B 209 -7.92 -39.36 24.06
CA ALA B 209 -6.52 -38.95 24.02
C ALA B 209 -5.71 -39.95 23.23
N ILE B 210 -5.90 -41.24 23.54
CA ILE B 210 -5.27 -42.30 22.78
C ILE B 210 -5.58 -42.04 21.31
N HIS B 211 -6.87 -41.94 21.00
CA HIS B 211 -7.34 -41.73 19.62
C HIS B 211 -6.67 -40.52 18.95
N LEU B 212 -6.74 -39.36 19.60
CA LEU B 212 -6.19 -38.11 19.04
C LEU B 212 -4.68 -38.11 18.91
N ALA B 213 -4.00 -38.74 19.89
CA ALA B 213 -2.56 -38.91 19.82
C ALA B 213 -2.24 -39.69 18.56
N CYS B 214 -2.85 -40.86 18.42
CA CYS B 214 -2.65 -41.72 17.26
C CYS B 214 -2.97 -41.01 15.95
N GLN B 215 -4.05 -40.23 15.96
CA GLN B 215 -4.44 -39.39 14.82
C GLN B 215 -3.36 -38.35 14.49
N SER B 216 -2.82 -37.72 15.53
CA SER B 216 -1.76 -36.71 15.36
C SER B 216 -0.42 -37.27 14.86
N LEU B 217 -0.21 -38.58 15.02
CA LEU B 217 1.01 -39.25 14.53
C LEU B 217 0.95 -39.68 13.06
N ARG B 218 -0.20 -40.20 12.62
CA ARG B 218 -0.33 -40.74 11.25
C ARG B 218 -0.10 -39.64 10.19
N ASN B 219 -0.76 -38.51 10.40
CA ASN B 219 -0.62 -37.36 9.49
C ASN B 219 0.76 -36.70 9.54
N GLY B 220 1.44 -36.87 10.68
CA GLY B 220 2.85 -36.47 10.81
C GLY B 220 3.05 -35.03 11.24
N GLU B 221 2.10 -34.50 12.01
CA GLU B 221 2.24 -33.15 12.58
C GLU B 221 3.17 -33.22 13.80
N CYS B 222 3.27 -34.40 14.43
CA CYS B 222 4.11 -34.61 15.59
C CYS B 222 4.83 -35.97 15.57
N GLU B 223 6.03 -35.99 16.14
CA GLU B 223 6.93 -37.16 16.22
C GLU B 223 6.42 -38.27 17.16
N ALA B 224 5.95 -37.86 18.34
CA ALA B 224 5.62 -38.78 19.44
C ALA B 224 4.63 -38.14 20.38
N ALA B 225 3.97 -38.95 21.21
CA ALA B 225 2.90 -38.46 22.07
C ALA B 225 2.93 -39.09 23.45
N PHE B 226 2.58 -38.29 24.45
CA PHE B 226 2.25 -38.78 25.78
C PHE B 226 0.73 -38.74 25.97
N ALA B 227 0.08 -39.87 25.71
CA ALA B 227 -1.33 -40.02 25.98
C ALA B 227 -1.50 -40.53 27.41
N GLY B 228 -2.63 -40.18 28.03
CA GLY B 228 -2.90 -40.60 29.40
C GLY B 228 -4.24 -40.15 29.94
N GLY B 229 -4.47 -40.42 31.22
CA GLY B 229 -5.67 -39.96 31.93
C GLY B 229 -5.38 -39.85 33.41
N VAL B 230 -6.02 -38.88 34.06
CA VAL B 230 -5.82 -38.63 35.49
C VAL B 230 -7.16 -38.44 36.17
N ASN B 231 -7.31 -39.04 37.35
CA ASN B 231 -8.55 -38.95 38.11
C ASN B 231 -8.25 -39.01 39.59
N VAL B 232 -8.82 -38.09 40.35
CA VAL B 232 -8.72 -38.13 41.80
C VAL B 232 -10.02 -37.73 42.48
N SER B 233 -10.23 -38.31 43.66
CA SER B 233 -11.38 -38.04 44.49
C SER B 233 -11.08 -37.32 45.80
N VAL B 234 -11.24 -35.97 45.78
CA VAL B 234 -10.81 -35.11 46.91
C VAL B 234 -11.86 -34.33 47.72
N HIS B 235 -12.95 -33.85 47.13
CA HIS B 235 -14.06 -33.26 47.89
C HIS B 235 -15.25 -34.23 47.90
N PRO B 236 -16.13 -34.15 48.93
CA PRO B 236 -17.36 -34.93 48.87
C PRO B 236 -18.38 -34.53 47.80
N ASN B 237 -18.12 -33.47 47.03
CA ASN B 237 -19.06 -33.04 46.00
C ASN B 237 -19.14 -34.09 44.91
N LYS B 238 -17.99 -34.69 44.59
CA LYS B 238 -17.92 -35.84 43.70
C LYS B 238 -18.86 -36.94 44.17
N TYR B 239 -18.76 -37.26 45.46
CA TYR B 239 -19.58 -38.30 46.07
C TYR B 239 -21.04 -37.86 46.30
N LEU B 240 -21.27 -36.58 46.54
CA LEU B 240 -22.63 -35.99 46.55
C LEU B 240 -23.33 -36.18 45.17
N MET B 241 -22.74 -35.60 44.11
CA MET B 241 -23.38 -35.59 42.77
C MET B 241 -23.59 -36.98 42.21
N LEU B 242 -22.67 -37.89 42.47
CA LEU B 242 -22.84 -39.27 42.00
C LEU B 242 -24.02 -40.03 42.65
N GLY B 243 -24.46 -39.61 43.84
CA GLY B 243 -25.57 -40.24 44.58
C GLY B 243 -26.96 -39.66 44.33
N GLN B 244 -27.03 -38.37 44.03
CA GLN B 244 -28.33 -37.71 43.76
C GLN B 244 -28.89 -38.32 42.47
N ASN B 245 -28.08 -38.37 41.44
CA ASN B 245 -28.37 -39.05 40.19
C ASN B 245 -27.83 -40.44 40.53
N ARG B 246 -28.58 -41.44 40.56
CA ARG B 246 -28.24 -42.72 41.20
C ARG B 246 -27.46 -43.45 40.11
N PHE B 247 -26.14 -43.30 40.17
CA PHE B 247 -25.25 -44.00 39.25
C PHE B 247 -24.74 -45.17 40.11
N LEU B 248 -24.49 -44.94 41.41
CA LEU B 248 -23.88 -45.95 42.29
C LEU B 248 -24.78 -47.03 42.86
N SER B 249 -24.14 -48.07 43.39
CA SER B 249 -24.83 -49.21 44.02
C SER B 249 -24.93 -49.06 45.52
N SER B 250 -25.88 -49.79 46.10
CA SER B 250 -26.02 -49.90 47.55
C SER B 250 -24.82 -50.63 48.14
N LYS B 251 -24.50 -51.79 47.56
CA LYS B 251 -23.32 -52.58 47.97
C LYS B 251 -21.99 -51.80 47.82
N GLY B 252 -21.86 -51.03 46.74
CA GLY B 252 -20.70 -50.16 46.51
C GLY B 252 -19.50 -50.87 45.91
N ARG B 253 -19.76 -51.82 45.01
CA ARG B 253 -18.74 -52.63 44.30
C ARG B 253 -18.96 -52.54 42.79
N CYS B 254 -17.96 -52.98 42.00
CA CYS B 254 -18.13 -53.10 40.53
C CYS B 254 -18.40 -54.53 40.07
N GLU B 255 -19.67 -54.92 40.17
CA GLU B 255 -20.17 -56.17 39.58
C GLU B 255 -20.21 -56.05 38.06
N SER B 256 -19.16 -56.54 37.41
CA SER B 256 -19.07 -56.51 35.95
C SER B 256 -19.83 -57.71 35.37
N PHE B 257 -20.98 -57.42 34.76
CA PHE B 257 -21.89 -58.44 34.22
C PHE B 257 -22.50 -59.37 35.27
N GLY B 258 -22.50 -58.95 36.54
CA GLY B 258 -22.95 -59.79 37.65
C GLY B 258 -24.46 -59.81 37.80
N GLU B 259 -24.95 -60.57 38.78
CA GLU B 259 -26.37 -60.67 39.02
C GLU B 259 -26.90 -59.40 39.69
N GLY B 260 -26.27 -59.01 40.79
CA GLY B 260 -26.67 -57.81 41.53
C GLY B 260 -26.26 -56.57 40.75
N GLY B 261 -26.79 -56.41 39.54
CA GLY B 261 -26.37 -55.36 38.63
C GLY B 261 -27.09 -54.08 38.95
N ASP B 262 -26.52 -53.30 39.87
CA ASP B 262 -27.16 -52.08 40.36
C ASP B 262 -26.59 -50.68 39.98
N GLY B 263 -25.35 -50.44 40.16
CA GLY B 263 -24.71 -49.11 40.02
C GLY B 263 -23.23 -49.31 40.32
N TYR B 264 -22.38 -48.30 40.19
CA TYR B 264 -20.93 -48.54 40.20
C TYR B 264 -20.19 -47.63 41.18
N VAL B 265 -18.91 -47.87 41.41
CA VAL B 265 -18.12 -47.06 42.34
C VAL B 265 -17.12 -46.16 41.61
N PRO B 266 -16.61 -45.10 42.27
CA PRO B 266 -15.62 -44.26 41.62
C PRO B 266 -14.27 -44.60 42.21
N GLY B 267 -13.46 -45.31 41.43
CA GLY B 267 -12.06 -45.52 41.73
C GLY B 267 -11.28 -44.33 41.20
N GLU B 268 -10.38 -43.82 42.02
CA GLU B 268 -9.33 -42.90 41.56
C GLU B 268 -8.50 -43.52 40.45
N GLY B 269 -7.58 -42.76 39.88
CA GLY B 269 -6.51 -43.34 39.05
C GLY B 269 -5.72 -42.34 38.25
N VAL B 270 -4.52 -42.74 37.85
CA VAL B 270 -3.68 -41.94 36.95
C VAL B 270 -2.81 -42.86 36.09
N GLY B 271 -2.58 -42.46 34.85
CA GLY B 271 -1.83 -43.29 33.92
C GLY B 271 -1.30 -42.50 32.73
N ALA B 272 -0.31 -43.09 32.07
CA ALA B 272 0.34 -42.45 30.95
C ALA B 272 1.05 -43.48 30.06
N VAL B 273 1.03 -43.22 28.75
CA VAL B 273 1.69 -44.09 27.76
C VAL B 273 2.42 -43.26 26.72
N LEU B 274 3.51 -43.81 26.19
CA LEU B 274 4.33 -43.13 25.19
C LEU B 274 4.19 -43.86 23.85
N LEU B 275 3.77 -43.11 22.83
CA LEU B 275 3.42 -43.66 21.54
C LEU B 275 4.28 -43.07 20.44
N LYS B 276 4.56 -43.86 19.41
CA LYS B 276 5.37 -43.45 18.24
C LYS B 276 5.18 -44.48 17.11
N PRO B 277 5.33 -44.05 15.84
CA PRO B 277 5.20 -45.02 14.75
C PRO B 277 6.12 -46.23 14.79
N LEU B 278 5.58 -47.38 14.36
CA LEU B 278 6.36 -48.59 14.13
C LEU B 278 7.52 -48.35 13.16
N SER B 279 7.28 -47.49 12.17
CA SER B 279 8.31 -47.12 11.19
C SER B 279 9.66 -46.84 11.82
N LYS B 280 9.68 -45.98 12.83
CA LYS B 280 10.92 -45.60 13.53
C LYS B 280 11.26 -46.50 14.71
N ALA B 281 10.26 -47.10 15.34
CA ALA B 281 10.48 -48.02 16.46
C ALA B 281 11.48 -49.16 16.17
N LYS B 282 11.60 -49.57 14.91
CA LYS B 282 12.63 -50.56 14.51
C LYS B 282 14.01 -49.92 14.43
N ALA B 283 14.08 -48.74 13.80
CA ALA B 283 15.34 -48.11 13.44
C ALA B 283 16.11 -47.61 14.66
N ASP B 284 15.44 -46.85 15.52
CA ASP B 284 15.99 -46.41 16.79
C ASP B 284 15.37 -47.54 17.57
N GLY B 285 16.16 -48.57 17.84
CA GLY B 285 15.67 -49.74 18.56
C GLY B 285 15.05 -49.37 19.88
N ASP B 286 13.72 -49.43 19.96
CA ASP B 286 13.05 -49.08 21.23
C ASP B 286 12.34 -50.36 21.72
N HIS B 287 12.04 -50.36 23.02
CA HIS B 287 11.33 -51.41 23.73
C HIS B 287 9.86 -51.29 23.40
N ILE B 288 9.23 -52.36 22.91
CA ILE B 288 7.81 -52.36 22.54
C ILE B 288 6.95 -53.16 23.52
N TYR B 289 5.83 -52.56 23.93
CA TYR B 289 4.78 -53.24 24.71
C TYR B 289 3.69 -53.78 23.79
N GLY B 290 3.22 -52.94 22.85
CA GLY B 290 2.16 -53.33 21.92
C GLY B 290 1.98 -52.37 20.75
N LEU B 291 0.98 -52.67 19.93
CA LEU B 291 0.69 -51.91 18.71
C LEU B 291 -0.77 -51.45 18.67
N ILE B 292 -0.99 -50.15 18.73
CA ILE B 292 -2.33 -49.59 18.50
C ILE B 292 -2.55 -49.58 17.00
N LYS B 293 -3.12 -50.67 16.51
CA LYS B 293 -3.34 -50.89 15.09
C LYS B 293 -4.65 -50.24 14.57
N GLY B 294 -5.57 -49.96 15.51
CA GLY B 294 -6.86 -49.36 15.19
C GLY B 294 -7.44 -48.44 16.27
N THR B 295 -8.06 -47.35 15.83
CA THR B 295 -8.63 -46.33 16.71
C THR B 295 -9.99 -45.90 16.17
N ALA B 296 -10.93 -45.61 17.07
CA ALA B 296 -12.27 -45.19 16.67
C ALA B 296 -12.99 -44.43 17.78
N VAL B 297 -13.91 -43.56 17.38
CA VAL B 297 -14.68 -42.75 18.32
C VAL B 297 -15.91 -42.15 17.63
N ASN B 298 -17.02 -42.04 18.35
CA ASN B 298 -18.20 -41.30 17.88
C ASN B 298 -19.10 -40.86 19.05
N HIS B 299 -20.24 -40.24 18.72
CA HIS B 299 -21.28 -39.94 19.70
C HIS B 299 -22.46 -40.89 19.50
N ASP B 300 -23.28 -41.03 20.54
CA ASP B 300 -24.44 -41.96 20.54
C ASP B 300 -25.80 -41.42 19.97
N GLY B 301 -25.82 -40.26 19.29
CA GLY B 301 -27.06 -39.69 18.72
C GLY B 301 -28.13 -39.34 19.75
N LYS B 302 -29.37 -39.13 19.29
CA LYS B 302 -30.49 -39.03 20.21
C LYS B 302 -30.94 -40.39 20.74
N THR B 303 -30.64 -40.65 22.01
CA THR B 303 -31.27 -41.72 22.78
C THR B 303 -32.56 -41.20 23.43
N ASN B 304 -33.30 -42.11 24.05
CA ASN B 304 -34.55 -41.79 24.75
C ASN B 304 -34.33 -40.87 25.95
N GLY B 305 -33.32 -41.19 26.78
CA GLY B 305 -32.87 -40.33 27.89
C GLY B 305 -31.51 -39.72 27.61
N TYR B 306 -31.06 -38.85 28.50
CA TYR B 306 -29.75 -38.20 28.33
C TYR B 306 -28.59 -39.15 28.58
N SER B 307 -28.63 -39.81 29.73
CA SER B 307 -27.53 -40.68 30.19
C SER B 307 -27.66 -42.15 29.74
N VAL B 308 -28.40 -42.41 28.68
CA VAL B 308 -28.59 -43.75 28.12
C VAL B 308 -27.56 -43.97 27.01
N PRO B 309 -27.01 -45.19 26.88
CA PRO B 309 -26.17 -45.54 25.73
C PRO B 309 -26.97 -46.25 24.63
N ASN B 310 -26.57 -46.05 23.37
CA ASN B 310 -27.26 -46.65 22.22
C ASN B 310 -26.48 -47.84 21.67
N PRO B 311 -27.04 -49.07 21.77
CA PRO B 311 -26.31 -50.26 21.29
C PRO B 311 -25.98 -50.23 19.79
N ASN B 312 -26.89 -49.70 18.97
CA ASN B 312 -26.63 -49.54 17.54
C ASN B 312 -25.42 -48.65 17.31
N ALA B 313 -25.31 -47.59 18.13
CA ALA B 313 -24.17 -46.67 18.08
C ALA B 313 -22.83 -47.28 18.48
N GLN B 314 -22.88 -48.34 19.29
CA GLN B 314 -21.68 -48.97 19.84
C GLN B 314 -20.89 -49.80 18.85
N ALA B 315 -21.60 -50.58 18.03
CA ALA B 315 -20.98 -51.33 16.94
C ALA B 315 -20.48 -50.40 15.82
N ALA B 316 -21.11 -49.24 15.65
CA ALA B 316 -20.64 -48.24 14.70
C ALA B 316 -19.24 -47.72 15.00
N VAL B 317 -18.85 -47.75 16.27
CA VAL B 317 -17.46 -47.49 16.67
C VAL B 317 -16.63 -48.69 16.29
N ILE B 318 -17.02 -49.85 16.82
CA ILE B 318 -16.16 -51.04 16.80
C ILE B 318 -15.94 -51.56 15.39
N LYS B 319 -16.98 -51.54 14.58
CA LYS B 319 -16.84 -51.78 13.17
C LYS B 319 -15.77 -50.86 12.52
N GLN B 320 -15.81 -49.58 12.88
CA GLN B 320 -14.88 -48.56 12.38
C GLN B 320 -13.46 -48.74 12.93
N ALA B 321 -13.36 -49.22 14.16
CA ALA B 321 -12.08 -49.60 14.75
C ALA B 321 -11.44 -50.74 13.95
N LEU B 322 -12.25 -51.74 13.63
CA LEU B 322 -11.79 -52.90 12.86
C LEU B 322 -11.67 -52.62 11.36
N LYS B 323 -12.37 -51.60 10.87
CA LYS B 323 -12.23 -51.18 9.47
C LYS B 323 -10.80 -50.75 9.15
N ASP B 324 -10.31 -49.72 9.85
CA ASP B 324 -8.98 -49.17 9.56
C ASP B 324 -7.85 -50.04 10.10
N ALA B 325 -8.14 -50.86 11.12
CA ALA B 325 -7.22 -51.88 11.60
C ALA B 325 -6.98 -52.98 10.56
N GLY B 326 -8.01 -53.29 9.77
CA GLY B 326 -7.89 -54.29 8.71
C GLY B 326 -7.68 -55.69 9.25
N THR B 327 -8.25 -55.95 10.42
CA THR B 327 -8.19 -57.25 11.07
C THR B 327 -9.62 -57.73 11.27
N ASP B 328 -9.83 -59.03 11.08
CA ASP B 328 -11.16 -59.63 11.21
C ASP B 328 -11.65 -59.57 12.66
N PRO B 329 -12.99 -59.53 12.87
CA PRO B 329 -13.57 -59.80 14.19
C PRO B 329 -13.24 -61.21 14.71
N ARG B 330 -13.05 -62.15 13.78
CA ARG B 330 -12.67 -63.53 14.11
C ARG B 330 -11.21 -63.72 14.56
N ALA B 331 -10.38 -62.71 14.34
CA ALA B 331 -9.03 -62.71 14.91
C ALA B 331 -9.04 -62.40 16.41
N VAL B 332 -10.01 -61.60 16.87
CA VAL B 332 -9.97 -61.00 18.21
C VAL B 332 -10.23 -62.03 19.29
N SER B 333 -9.35 -62.07 20.29
CA SER B 333 -9.39 -63.05 21.38
C SER B 333 -9.72 -62.50 22.78
N TYR B 334 -9.71 -61.16 22.95
CA TYR B 334 -10.11 -60.52 24.21
C TYR B 334 -10.69 -59.14 24.00
N ILE B 335 -11.73 -58.82 24.77
CA ILE B 335 -12.30 -57.48 24.79
C ILE B 335 -12.23 -56.95 26.21
N GLU B 336 -11.43 -55.92 26.41
CA GLU B 336 -11.48 -55.14 27.63
C GLU B 336 -12.69 -54.21 27.52
N ALA B 337 -13.81 -54.65 28.08
CA ALA B 337 -15.07 -53.94 27.98
C ALA B 337 -15.11 -52.70 28.88
N HIS B 338 -16.12 -51.84 28.65
CA HIS B 338 -16.49 -50.72 29.60
C HIS B 338 -17.43 -51.54 30.48
N GLY B 339 -17.03 -52.26 31.47
CA GLY B 339 -18.10 -53.01 32.21
C GLY B 339 -18.54 -51.98 33.19
N THR B 340 -19.65 -51.31 32.88
CA THR B 340 -20.22 -50.28 33.75
C THR B 340 -20.98 -50.89 34.91
N GLY B 341 -21.52 -52.08 34.65
CA GLY B 341 -22.21 -52.86 35.64
C GLY B 341 -23.66 -52.53 35.96
N THR B 342 -24.17 -51.41 35.43
CA THR B 342 -25.58 -51.02 35.62
C THR B 342 -26.54 -52.00 34.93
N SER B 343 -27.78 -52.04 35.42
CA SER B 343 -28.81 -52.95 34.90
C SER B 343 -29.10 -52.74 33.41
N LEU B 344 -28.99 -51.49 32.96
CA LEU B 344 -29.19 -51.15 31.55
C LEU B 344 -27.90 -51.27 30.75
N GLY B 345 -26.80 -50.78 31.32
CA GLY B 345 -25.52 -50.61 30.62
C GLY B 345 -24.83 -51.85 30.08
N ASP B 346 -24.69 -52.88 30.92
CA ASP B 346 -23.96 -54.09 30.54
C ASP B 346 -24.65 -54.91 29.45
N PRO B 347 -25.97 -55.18 29.57
CA PRO B 347 -26.67 -55.89 28.49
C PRO B 347 -26.62 -55.19 27.14
N ILE B 348 -26.76 -53.87 27.17
CA ILE B 348 -26.67 -53.04 25.97
C ILE B 348 -25.30 -53.19 25.29
N GLU B 349 -24.24 -53.11 26.09
CA GLU B 349 -22.88 -53.35 25.57
C GLU B 349 -22.78 -54.68 24.85
N ILE B 350 -23.22 -55.74 25.53
CA ILE B 350 -23.14 -57.09 25.00
C ILE B 350 -23.90 -57.20 23.68
N THR B 351 -25.10 -56.61 23.63
CA THR B 351 -25.90 -56.57 22.40
C THR B 351 -25.21 -55.75 21.31
N GLY B 352 -24.57 -54.65 21.70
CA GLY B 352 -23.80 -53.83 20.76
C GLY B 352 -22.57 -54.55 20.21
N LEU B 353 -21.84 -55.21 21.09
CA LEU B 353 -20.72 -56.05 20.69
C LEU B 353 -21.17 -57.16 19.73
N THR B 354 -22.31 -57.78 20.02
CA THR B 354 -22.85 -58.88 19.20
C THR B 354 -23.04 -58.47 17.73
N LYS B 355 -23.79 -57.38 17.51
CA LYS B 355 -24.08 -56.87 16.15
C LYS B 355 -22.81 -56.67 15.30
N ALA B 356 -21.75 -56.16 15.93
CA ALA B 356 -20.48 -55.93 15.23
C ALA B 356 -19.84 -57.23 14.74
N PHE B 357 -19.80 -58.22 15.60
CA PHE B 357 -19.16 -59.51 15.31
C PHE B 357 -20.04 -60.43 14.45
N SER B 358 -21.36 -60.23 14.48
CA SER B 358 -22.30 -61.11 13.78
C SER B 358 -22.38 -60.88 12.26
N GLU B 359 -21.64 -59.88 11.75
CA GLU B 359 -21.40 -59.78 10.31
C GLU B 359 -20.58 -60.97 9.81
N GLN B 360 -19.59 -61.38 10.60
CA GLN B 360 -18.92 -62.69 10.43
C GLN B 360 -19.68 -63.70 11.26
N THR B 361 -19.19 -64.94 11.33
CA THR B 361 -19.94 -66.03 11.91
C THR B 361 -19.86 -66.13 13.44
N GLN B 362 -20.86 -66.73 14.05
CA GLN B 362 -20.88 -66.92 15.50
C GLN B 362 -20.33 -68.30 15.86
N ASP B 363 -19.66 -68.39 17.01
CA ASP B 363 -19.07 -69.65 17.49
C ASP B 363 -19.00 -69.55 19.04
N LYS B 364 -18.64 -70.69 19.62
CA LYS B 364 -18.58 -70.88 21.04
C LYS B 364 -17.22 -70.49 21.52
N GLN B 365 -17.18 -70.00 22.76
CA GLN B 365 -15.94 -69.57 23.40
C GLN B 365 -15.01 -69.06 22.32
N PHE B 366 -15.44 -68.03 21.61
CA PHE B 366 -14.64 -67.48 20.55
C PHE B 366 -13.74 -66.37 21.08
N CYS B 367 -14.33 -65.37 21.75
CA CYS B 367 -13.63 -64.27 22.41
C CYS B 367 -13.87 -64.21 23.92
N ALA B 368 -12.84 -63.76 24.66
CA ALA B 368 -12.93 -63.57 26.10
C ALA B 368 -13.28 -62.12 26.40
N ILE B 369 -14.19 -61.91 27.36
CA ILE B 369 -14.52 -60.58 27.85
C ILE B 369 -14.15 -60.45 29.32
N GLY B 370 -13.48 -59.36 29.66
CA GLY B 370 -13.19 -59.03 31.05
C GLY B 370 -13.13 -57.54 31.25
N SER B 371 -13.00 -57.13 32.51
CA SER B 371 -12.91 -55.73 32.89
C SER B 371 -11.74 -55.59 33.88
N ALA B 372 -11.09 -54.41 33.81
CA ALA B 372 -10.10 -54.01 34.81
C ALA B 372 -10.92 -53.32 35.90
N LYS B 373 -12.00 -52.68 35.48
CA LYS B 373 -12.89 -51.96 36.38
C LYS B 373 -13.30 -52.82 37.57
N SER B 374 -13.48 -54.12 37.35
CA SER B 374 -13.87 -55.00 38.44
C SER B 374 -12.86 -54.95 39.57
N ASN B 375 -11.57 -55.08 39.20
CA ASN B 375 -10.50 -55.15 40.20
C ASN B 375 -10.27 -53.82 40.89
N ILE B 376 -10.04 -52.79 40.08
CA ILE B 376 -10.01 -51.38 40.54
C ILE B 376 -11.39 -50.80 40.29
N GLY B 377 -11.63 -49.56 40.74
CA GLY B 377 -12.93 -48.93 40.54
C GLY B 377 -13.12 -48.34 39.16
N HIS B 378 -14.25 -47.63 38.98
CA HIS B 378 -14.44 -46.83 37.77
C HIS B 378 -13.43 -45.68 37.94
N CYS B 379 -12.47 -45.64 37.01
CA CYS B 379 -11.48 -44.58 36.98
C CYS B 379 -12.28 -43.68 36.04
N GLU B 380 -12.83 -42.61 36.52
CA GLU B 380 -13.82 -41.82 35.75
C GLU B 380 -13.20 -41.32 34.47
N SER B 381 -11.99 -40.78 34.56
CA SER B 381 -11.24 -40.39 33.38
C SER B 381 -10.29 -41.48 32.92
N ALA B 382 -9.57 -42.06 33.86
CA ALA B 382 -8.53 -43.05 33.56
C ALA B 382 -9.32 -44.36 33.52
N ALA B 383 -10.15 -44.55 32.52
CA ALA B 383 -10.99 -45.75 32.39
C ALA B 383 -10.73 -46.47 31.09
N GLY B 384 -9.97 -45.80 30.22
CA GLY B 384 -9.41 -46.39 29.02
C GLY B 384 -7.92 -46.63 29.20
N ILE B 385 -7.26 -45.96 30.09
CA ILE B 385 -5.80 -45.99 30.22
C ILE B 385 -5.52 -47.15 31.17
N ALA B 386 -6.38 -47.31 32.18
CA ALA B 386 -6.28 -48.43 33.11
C ALA B 386 -6.54 -49.74 32.40
N GLY B 387 -7.60 -49.76 31.59
CA GLY B 387 -7.91 -50.89 30.73
C GLY B 387 -6.76 -51.21 29.80
N LEU B 388 -6.26 -50.19 29.12
CA LEU B 388 -5.11 -50.32 28.25
C LEU B 388 -3.93 -50.92 28.99
N THR B 389 -3.65 -50.36 30.16
CA THR B 389 -2.60 -50.87 31.02
C THR B 389 -2.85 -52.35 31.32
N LYS B 390 -4.05 -52.71 31.78
CA LYS B 390 -4.39 -54.14 32.02
C LYS B 390 -4.12 -54.98 30.77
N VAL B 391 -4.64 -54.52 29.64
CA VAL B 391 -4.46 -55.21 28.36
C VAL B 391 -2.97 -55.46 28.09
N LEU B 392 -2.15 -54.44 28.26
CA LEU B 392 -0.72 -54.57 27.99
C LEU B 392 0.01 -55.44 29.02
N LEU B 393 -0.46 -55.43 30.26
CA LEU B 393 0.08 -56.34 31.26
C LEU B 393 -0.32 -57.79 30.96
N GLN B 394 -1.52 -57.99 30.42
CA GLN B 394 -1.96 -59.31 29.99
C GLN B 394 -1.10 -59.84 28.84
N MET B 395 -0.64 -58.94 27.98
CA MET B 395 0.27 -59.30 26.89
C MET B 395 1.66 -59.77 27.31
N LYS B 396 2.32 -59.00 28.17
CA LYS B 396 3.69 -59.30 28.62
C LYS B 396 3.85 -60.69 29.27
N HIS B 397 2.98 -60.97 30.23
CA HIS B 397 3.03 -62.24 30.96
C HIS B 397 2.21 -63.35 30.32
N LYS B 398 1.65 -63.08 29.13
CA LYS B 398 0.94 -64.08 28.33
C LYS B 398 -0.29 -64.76 28.98
N GLN B 399 -0.99 -64.04 29.86
CA GLN B 399 -2.10 -64.61 30.64
C GLN B 399 -3.36 -63.76 30.56
N LEU B 400 -4.51 -64.42 30.81
CA LEU B 400 -5.82 -63.78 30.80
C LEU B 400 -6.33 -63.61 32.22
N ALA B 401 -6.31 -62.38 32.72
CA ALA B 401 -6.72 -62.09 34.09
C ALA B 401 -8.25 -62.17 34.26
N PRO B 402 -8.73 -62.39 35.49
CA PRO B 402 -10.17 -62.51 35.74
C PRO B 402 -10.95 -61.20 35.86
N SER B 403 -12.21 -61.26 35.45
CA SER B 403 -13.21 -60.26 35.79
C SER B 403 -13.86 -60.69 37.10
N LEU B 404 -13.66 -59.88 38.15
CA LEU B 404 -14.17 -60.20 39.49
C LEU B 404 -15.69 -59.94 39.59
N HIS B 405 -16.30 -60.58 40.58
CA HIS B 405 -17.74 -60.46 40.88
C HIS B 405 -18.67 -60.89 39.73
N SER B 406 -18.20 -61.87 38.97
CA SER B 406 -18.98 -62.48 37.91
C SER B 406 -19.35 -63.94 38.24
N ARG B 407 -19.42 -64.25 39.51
CA ARG B 407 -19.85 -65.58 39.97
C ARG B 407 -21.19 -66.02 39.34
N THR B 408 -22.16 -65.10 39.33
CA THR B 408 -23.47 -65.33 38.73
C THR B 408 -23.73 -64.20 37.74
N LEU B 409 -24.39 -64.53 36.62
CA LEU B 409 -24.49 -63.63 35.49
C LEU B 409 -25.94 -63.19 35.20
N ASN B 410 -26.15 -61.87 35.12
CA ASN B 410 -27.47 -61.24 34.83
C ASN B 410 -28.26 -61.99 33.75
N PRO B 411 -29.49 -62.49 34.04
CA PRO B 411 -30.20 -63.36 33.07
C PRO B 411 -30.29 -62.83 31.63
N ASN B 412 -30.20 -61.52 31.46
CA ASN B 412 -30.11 -60.89 30.14
C ASN B 412 -28.75 -61.05 29.42
N ILE B 413 -27.80 -61.79 29.98
CA ILE B 413 -26.55 -62.11 29.24
C ILE B 413 -26.88 -63.53 28.62
N ASP B 414 -27.67 -63.66 27.59
CA ASP B 414 -28.12 -65.00 27.08
C ASP B 414 -27.00 -65.01 26.01
N PHE B 415 -25.92 -65.75 26.25
CA PHE B 415 -24.69 -65.73 25.39
C PHE B 415 -24.51 -67.04 24.56
N LEU B 416 -25.42 -67.96 24.58
CA LEU B 416 -25.18 -69.32 24.05
C LEU B 416 -25.28 -69.28 22.53
N ALA B 417 -25.80 -68.20 21.91
CA ALA B 417 -25.63 -67.97 20.47
C ALA B 417 -24.67 -66.83 20.04
N THR B 418 -23.88 -66.35 20.93
CA THR B 418 -22.81 -65.39 20.67
C THR B 418 -21.33 -65.87 20.74
N PRO B 419 -20.37 -65.02 20.34
CA PRO B 419 -18.96 -65.41 20.32
C PRO B 419 -18.35 -65.15 21.71
N PHE B 420 -18.85 -64.13 22.38
CA PHE B 420 -18.27 -63.67 23.64
C PHE B 420 -18.54 -64.60 24.81
N LYS B 421 -17.62 -64.59 25.78
CA LYS B 421 -17.72 -65.35 27.01
C LYS B 421 -16.97 -64.68 28.18
N VAL B 422 -17.62 -64.60 29.35
CA VAL B 422 -17.05 -63.89 30.50
C VAL B 422 -15.90 -64.70 31.05
N GLN B 423 -14.81 -63.99 31.33
CA GLN B 423 -13.56 -64.61 31.76
C GLN B 423 -13.54 -64.80 33.28
N GLN B 424 -13.91 -65.99 33.75
CA GLN B 424 -14.06 -66.24 35.20
C GLN B 424 -12.79 -66.20 36.04
N THR B 425 -11.69 -66.73 35.51
CA THR B 425 -10.51 -67.06 36.30
C THR B 425 -9.19 -66.85 35.53
N LEU B 426 -8.07 -66.89 36.26
CA LEU B 426 -6.73 -66.76 35.66
C LEU B 426 -6.32 -68.02 34.91
N GLU B 427 -6.24 -67.89 33.58
CA GLU B 427 -5.79 -68.96 32.70
C GLU B 427 -4.78 -68.43 31.71
N GLU B 428 -4.02 -69.35 31.10
CA GLU B 428 -3.01 -69.00 30.07
C GLU B 428 -3.69 -68.53 28.80
N TRP B 429 -3.14 -67.47 28.22
CA TRP B 429 -3.64 -66.92 26.96
C TRP B 429 -3.01 -67.65 25.78
N LYS B 430 -3.84 -68.33 24.97
CA LYS B 430 -3.39 -69.00 23.76
C LYS B 430 -3.63 -68.15 22.52
N ARG B 431 -2.83 -68.39 21.49
CA ARG B 431 -2.95 -67.70 20.21
C ARG B 431 -3.92 -68.50 19.35
N PRO B 432 -4.82 -67.84 18.60
CA PRO B 432 -5.65 -68.58 17.65
C PRO B 432 -4.84 -69.12 16.45
N VAL B 433 -5.44 -70.06 15.71
CA VAL B 433 -4.71 -70.82 14.68
C VAL B 433 -5.05 -70.42 13.26
N ILE B 434 -4.18 -70.86 12.36
CA ILE B 434 -4.02 -70.29 11.00
C ILE B 434 -3.99 -71.33 9.85
N ASN B 435 -4.21 -72.61 10.16
CA ASN B 435 -3.98 -73.71 9.19
C ASN B 435 -5.19 -74.11 8.27
N GLU B 436 -6.33 -73.52 8.43
CA GLU B 436 -7.62 -73.97 7.84
C GLU B 436 -7.43 -73.38 6.44
N ASN B 437 -7.18 -74.26 5.47
CA ASN B 437 -7.06 -73.94 4.00
C ASN B 437 -6.30 -75.03 3.21
N GLU B 442 0.92 -69.15 13.05
CA GLU B 442 0.38 -68.32 14.12
C GLU B 442 -0.37 -67.07 13.68
N LEU B 443 -1.64 -66.95 14.09
CA LEU B 443 -2.39 -65.68 14.00
C LEU B 443 -2.03 -64.97 15.30
N PRO B 444 -1.63 -63.68 15.24
CA PRO B 444 -1.21 -63.02 16.47
C PRO B 444 -2.28 -62.83 17.53
N ARG B 445 -1.82 -62.40 18.70
CA ARG B 445 -2.72 -62.00 19.77
C ARG B 445 -3.35 -60.69 19.36
N THR B 446 -4.66 -60.60 19.51
CA THR B 446 -5.43 -59.44 19.06
C THR B 446 -6.52 -59.17 20.08
N ALA B 447 -6.62 -57.92 20.55
CA ALA B 447 -7.55 -57.59 21.64
C ALA B 447 -8.10 -56.17 21.57
N GLY B 448 -9.40 -56.05 21.82
CA GLY B 448 -10.13 -54.78 21.75
C GLY B 448 -10.29 -54.12 23.11
N LEU B 449 -10.45 -52.80 23.10
CA LEU B 449 -10.53 -51.99 24.30
C LEU B 449 -11.62 -50.95 24.17
N SER B 450 -12.63 -51.04 25.04
CA SER B 450 -13.82 -50.19 24.97
C SER B 450 -13.90 -49.22 26.15
N SER B 451 -14.55 -48.08 25.90
CA SER B 451 -14.94 -47.14 26.95
C SER B 451 -16.03 -46.20 26.40
N PHE B 452 -17.13 -46.06 27.14
CA PHE B 452 -18.33 -45.36 26.67
C PHE B 452 -18.80 -44.38 27.73
N GLY B 453 -18.99 -43.12 27.33
CA GLY B 453 -19.40 -42.06 28.25
C GLY B 453 -20.87 -42.11 28.58
N ALA B 454 -21.20 -41.74 29.81
CA ALA B 454 -22.58 -41.51 30.23
C ALA B 454 -23.17 -40.21 29.68
N GLY B 455 -22.21 -39.29 29.36
CA GLY B 455 -22.45 -38.20 28.43
C GLY B 455 -22.00 -38.99 27.23
N GLY B 456 -22.70 -39.07 26.19
CA GLY B 456 -22.66 -40.18 25.25
C GLY B 456 -21.58 -40.03 24.21
N VAL B 457 -20.32 -40.23 24.62
CA VAL B 457 -19.18 -40.37 23.70
C VAL B 457 -18.76 -41.82 23.81
N ASN B 458 -18.55 -42.47 22.67
CA ASN B 458 -18.09 -43.87 22.66
C ASN B 458 -16.79 -44.01 21.89
N ALA B 459 -15.90 -44.89 22.37
CA ALA B 459 -14.58 -45.10 21.77
C ALA B 459 -14.09 -46.53 21.93
N HIS B 460 -13.41 -47.04 20.91
CA HIS B 460 -12.86 -48.40 20.93
C HIS B 460 -11.51 -48.45 20.23
N ILE B 461 -10.55 -49.06 20.89
CA ILE B 461 -9.19 -49.19 20.42
C ILE B 461 -8.90 -50.68 20.27
N VAL B 462 -8.03 -51.02 19.31
CA VAL B 462 -7.71 -52.41 19.00
C VAL B 462 -6.19 -52.62 19.05
N ILE B 463 -5.73 -53.47 19.98
CA ILE B 463 -4.30 -53.67 20.21
C ILE B 463 -3.84 -55.07 19.82
N GLU B 464 -2.60 -55.14 19.33
CA GLU B 464 -1.95 -56.38 18.90
C GLU B 464 -0.53 -56.43 19.45
N GLU B 465 -0.06 -57.63 19.75
CA GLU B 465 1.31 -57.79 20.29
C GLU B 465 2.35 -57.91 19.17
N TYR B 466 3.52 -57.33 19.42
CA TYR B 466 4.64 -57.40 18.49
C TYR B 466 5.46 -58.68 18.73
N SER B 467 5.86 -59.34 17.64
CA SER B 467 6.67 -60.58 17.68
C SER B 467 8.14 -60.25 17.45
N ALA B 468 9.03 -60.92 18.17
CA ALA B 468 10.46 -60.62 18.09
C ALA B 468 10.98 -61.39 16.85
N ASP B 469 11.30 -60.62 15.80
CA ASP B 469 11.44 -61.14 14.42
C ASP B 469 12.88 -61.47 14.06
N GLU B 470 13.18 -62.76 13.95
CA GLU B 470 14.45 -63.25 13.42
C GLU B 470 14.28 -64.72 12.99
N ASP B 471 14.77 -65.05 11.79
CA ASP B 471 14.63 -66.38 11.16
C ASP B 471 13.16 -66.83 11.03
N PHE B 476 26.78 -56.42 17.61
CA PHE B 476 26.07 -56.64 18.86
C PHE B 476 27.03 -56.96 20.03
N ALA B 477 28.20 -56.30 20.04
CA ALA B 477 29.19 -56.49 21.08
C ALA B 477 29.53 -55.23 21.93
N ALA B 478 29.07 -55.23 23.19
CA ALA B 478 29.78 -54.52 24.26
C ALA B 478 30.88 -55.51 24.62
N PRO B 479 32.01 -55.01 25.18
CA PRO B 479 33.10 -55.92 25.50
C PRO B 479 32.75 -56.78 26.72
N HIS B 480 33.68 -57.63 27.15
CA HIS B 480 33.43 -58.57 28.26
C HIS B 480 32.86 -57.80 29.45
N PRO B 481 33.54 -56.75 29.95
CA PRO B 481 32.94 -56.00 31.05
C PRO B 481 31.99 -54.88 30.59
N SER B 482 30.96 -54.59 31.39
CA SER B 482 29.95 -53.55 31.07
C SER B 482 29.76 -52.55 32.23
N MET B 483 29.34 -51.34 31.86
CA MET B 483 29.26 -50.19 32.76
C MET B 483 27.83 -49.97 33.26
N ILE B 484 27.58 -50.23 34.54
CA ILE B 484 26.24 -50.05 35.10
C ILE B 484 26.52 -48.69 35.74
N VAL B 485 25.97 -47.66 35.19
CA VAL B 485 26.11 -46.31 35.72
C VAL B 485 24.69 -46.00 36.25
N LEU B 486 24.60 -45.21 37.33
CA LEU B 486 23.31 -44.74 37.87
C LEU B 486 23.47 -43.37 38.54
N SER B 487 22.41 -42.57 38.54
CA SER B 487 22.50 -41.17 38.98
C SER B 487 21.25 -40.67 39.73
N ALA B 488 21.42 -39.60 40.51
CA ALA B 488 20.32 -38.92 41.23
C ALA B 488 20.66 -37.48 41.59
N LYS B 489 19.69 -36.78 42.18
CA LYS B 489 19.85 -35.36 42.54
C LYS B 489 20.41 -35.07 43.92
N ASN B 490 20.23 -35.99 44.87
CA ASN B 490 20.87 -35.87 46.18
C ASN B 490 21.24 -37.21 46.84
N GLU B 491 21.93 -37.09 47.97
CA GLU B 491 22.55 -38.24 48.68
C GLU B 491 21.64 -39.45 48.90
N GLN B 492 20.50 -39.23 49.53
CA GLN B 492 19.72 -40.34 50.11
C GLN B 492 18.88 -41.10 49.07
N ARG B 493 18.74 -40.52 47.87
CA ARG B 493 17.95 -41.15 46.81
C ARG B 493 18.76 -42.22 46.07
N LEU B 494 20.08 -42.08 46.09
CA LEU B 494 20.99 -43.14 45.60
C LEU B 494 20.97 -44.45 46.42
N GLN B 495 20.65 -44.36 47.71
CA GLN B 495 20.32 -45.54 48.55
C GLN B 495 19.09 -46.33 48.07
N LYS B 496 18.18 -45.70 47.30
CA LYS B 496 16.93 -46.34 46.87
C LYS B 496 16.95 -46.75 45.41
N ARG B 497 17.30 -45.81 44.53
CA ARG B 497 17.54 -46.10 43.09
C ARG B 497 18.21 -47.44 42.84
N ALA B 498 19.19 -47.77 43.67
CA ALA B 498 19.82 -49.09 43.67
C ALA B 498 18.89 -50.12 44.29
N LYS B 499 18.36 -49.83 45.47
CA LYS B 499 17.46 -50.78 46.16
C LYS B 499 16.31 -51.26 45.32
N ARG B 500 15.72 -50.36 44.53
CA ARG B 500 14.62 -50.70 43.62
C ARG B 500 15.12 -51.50 42.41
N LEU B 501 16.35 -51.23 41.96
CA LEU B 501 17.01 -52.07 40.96
C LEU B 501 17.41 -53.43 41.54
N LEU B 502 17.78 -53.44 42.83
CA LEU B 502 18.05 -54.68 43.55
C LEU B 502 16.81 -55.57 43.58
N ASP B 503 15.70 -55.03 44.11
CA ASP B 503 14.46 -55.80 44.33
C ASP B 503 13.86 -56.36 43.04
N ALA B 504 14.21 -55.76 41.90
CA ALA B 504 13.87 -56.31 40.59
C ALA B 504 14.71 -57.54 40.27
N LEU B 505 16.01 -57.42 40.48
CA LEU B 505 16.98 -58.50 40.19
C LEU B 505 16.88 -59.65 41.20
N ARG B 506 16.46 -59.32 42.42
CA ARG B 506 16.03 -60.31 43.42
C ARG B 506 14.98 -61.26 42.88
N SER B 507 13.88 -60.70 42.38
CA SER B 507 12.77 -61.49 41.83
C SER B 507 13.64 -61.22 40.59
N GLY B 508 13.96 -62.30 39.85
CA GLY B 508 14.64 -62.19 38.54
C GLY B 508 13.44 -61.65 37.76
N ARG B 509 13.83 -60.50 36.99
CA ARG B 509 13.07 -59.90 35.84
C ARG B 509 13.32 -60.65 34.55
N TYR B 510 14.60 -60.96 34.38
CA TYR B 510 15.03 -61.73 33.24
C TYR B 510 16.48 -62.23 33.57
N ARG B 511 17.14 -62.87 32.57
CA ARG B 511 18.40 -63.59 32.78
C ARG B 511 19.68 -62.86 32.37
N GLU B 512 20.80 -63.58 32.44
CA GLU B 512 22.11 -63.11 32.03
C GLU B 512 22.21 -62.53 30.61
N ALA B 513 21.42 -63.09 29.69
CA ALA B 513 21.50 -62.78 28.25
C ALA B 513 21.43 -61.29 27.85
N ASP B 514 20.70 -60.48 28.63
CA ASP B 514 20.53 -59.04 28.28
C ASP B 514 21.33 -58.02 29.12
N LEU B 515 22.43 -58.43 29.68
CA LEU B 515 23.33 -57.55 30.43
C LEU B 515 23.78 -56.26 29.75
N SER B 516 24.07 -56.37 28.45
CA SER B 516 24.51 -55.24 27.61
C SER B 516 23.34 -54.28 27.42
N ARG B 517 22.15 -54.86 27.31
CA ARG B 517 20.91 -54.11 27.21
C ARG B 517 20.63 -53.26 28.46
N ILE B 518 20.82 -53.84 29.65
CA ILE B 518 20.59 -53.14 30.92
C ILE B 518 21.56 -51.96 31.06
N ALA B 519 22.84 -52.22 30.77
CA ALA B 519 23.88 -51.21 30.82
C ALA B 519 23.57 -50.06 29.88
N TYR B 520 23.34 -50.41 28.60
CA TYR B 520 23.03 -49.43 27.54
C TYR B 520 21.92 -48.45 27.90
N THR B 521 20.87 -48.98 28.50
CA THR B 521 19.76 -48.16 28.97
C THR B 521 20.21 -47.11 29.95
N LEU B 522 20.87 -47.55 31.02
CA LEU B 522 21.26 -46.67 32.12
C LEU B 522 22.29 -45.61 31.74
N GLN B 523 22.95 -45.81 30.60
CA GLN B 523 23.91 -44.85 30.06
C GLN B 523 23.24 -43.76 29.25
N VAL B 524 22.58 -44.14 28.15
CA VAL B 524 22.04 -43.16 27.20
C VAL B 524 20.61 -42.72 27.53
N GLY B 525 19.80 -43.63 28.04
CA GLY B 525 18.39 -43.34 28.34
C GLY B 525 18.04 -43.14 29.80
N ARG B 526 18.99 -42.58 30.56
CA ARG B 526 18.74 -42.07 31.90
C ARG B 526 19.47 -40.74 32.05
N GLU B 527 18.87 -39.80 32.80
CA GLU B 527 19.46 -38.44 32.92
C GLU B 527 20.76 -38.49 33.75
N PRO B 528 21.80 -37.78 33.27
CA PRO B 528 23.03 -37.63 34.03
C PRO B 528 22.85 -36.59 35.12
N MET B 529 22.30 -37.01 36.26
CA MET B 529 22.00 -36.12 37.37
C MET B 529 23.25 -35.76 38.20
N GLU B 530 23.06 -34.90 39.20
CA GLU B 530 24.15 -34.28 39.97
C GLU B 530 25.02 -35.28 40.76
N GLU B 531 24.38 -36.09 41.61
CA GLU B 531 25.04 -37.18 42.36
C GLU B 531 25.09 -38.45 41.51
N ARG B 532 26.14 -39.25 41.69
CA ARG B 532 26.42 -40.35 40.76
C ARG B 532 26.99 -41.62 41.42
N LEU B 533 26.97 -42.72 40.64
CA LEU B 533 27.56 -44.02 41.00
C LEU B 533 27.59 -44.96 39.79
N GLY B 534 28.69 -45.71 39.62
CA GLY B 534 28.74 -46.80 38.64
C GLY B 534 29.46 -48.03 39.14
N MET B 535 29.42 -49.09 38.34
CA MET B 535 30.10 -50.33 38.67
C MET B 535 30.52 -51.14 37.45
N ILE B 536 31.50 -52.03 37.62
CA ILE B 536 31.94 -52.97 36.57
C ILE B 536 31.42 -54.41 36.74
N VAL B 537 30.84 -55.00 35.69
CA VAL B 537 30.36 -56.39 35.69
C VAL B 537 30.68 -57.12 34.39
N SER B 538 30.76 -58.45 34.47
CA SER B 538 30.82 -59.33 33.28
C SER B 538 29.76 -60.46 33.31
N ASN B 539 28.86 -60.43 34.29
CA ASN B 539 27.87 -61.48 34.65
C ASN B 539 26.71 -60.89 35.46
N LEU B 540 25.58 -61.60 35.56
CA LEU B 540 24.45 -61.11 36.35
C LEU B 540 24.66 -61.37 37.86
N ARG B 541 25.62 -62.22 38.25
CA ARG B 541 25.83 -62.64 39.67
C ARG B 541 26.61 -61.58 40.47
N GLU B 542 27.67 -61.04 39.88
CA GLU B 542 28.41 -59.90 40.46
C GLU B 542 27.62 -58.55 40.41
N LEU B 543 26.43 -58.57 39.82
CA LEU B 543 25.48 -57.47 39.97
C LEU B 543 24.92 -57.35 41.40
N GLU B 544 24.60 -58.47 42.01
CA GLU B 544 23.86 -58.49 43.27
C GLU B 544 24.87 -58.39 44.43
N GLU B 545 26.02 -59.05 44.26
CA GLU B 545 27.13 -58.96 45.24
C GLU B 545 27.55 -57.52 45.54
N LYS B 546 27.35 -56.60 44.58
CA LYS B 546 27.54 -55.16 44.84
C LYS B 546 26.30 -54.51 45.46
N LEU B 547 25.14 -54.68 44.84
CA LEU B 547 23.93 -53.97 45.27
C LEU B 547 23.59 -54.19 46.75
N ASP B 548 23.77 -55.41 47.23
CA ASP B 548 23.52 -55.74 48.65
C ASP B 548 24.49 -55.04 49.61
N GLU B 549 25.71 -54.77 49.13
CA GLU B 549 26.74 -54.08 49.90
C GLU B 549 26.36 -52.59 50.15
N PHE B 550 25.61 -51.97 49.24
CA PHE B 550 25.14 -50.59 49.44
C PHE B 550 24.03 -50.52 50.48
N THR B 551 23.11 -51.47 50.37
CA THR B 551 22.05 -51.64 51.35
C THR B 551 22.50 -52.20 52.71
N GLY B 552 23.68 -52.75 52.71
CA GLY B 552 24.21 -53.44 53.86
C GLY B 552 25.14 -52.51 54.58
N GLY B 553 25.84 -53.09 55.55
CA GLY B 553 26.78 -52.39 56.37
C GLY B 553 27.82 -51.77 55.46
N LYS B 554 28.68 -50.96 56.07
CA LYS B 554 29.74 -50.24 55.38
C LYS B 554 30.84 -50.95 54.61
N GLU B 555 30.88 -50.77 53.30
CA GLU B 555 31.89 -51.47 52.53
C GLU B 555 32.46 -50.80 51.28
N SER B 556 33.77 -50.57 51.32
CA SER B 556 34.51 -50.03 50.21
C SER B 556 35.46 -51.20 49.88
N ILE B 557 34.82 -52.33 49.55
CA ILE B 557 35.47 -53.63 49.39
C ILE B 557 35.64 -54.00 47.90
N ASP B 558 34.53 -54.40 47.25
CA ASP B 558 34.41 -54.48 45.78
C ASP B 558 34.60 -53.10 45.19
N GLN B 559 34.78 -52.99 43.88
CA GLN B 559 35.02 -51.68 43.29
C GLN B 559 33.75 -50.79 43.27
N LEU B 560 33.60 -49.99 44.31
CA LEU B 560 32.58 -48.94 44.35
C LEU B 560 33.25 -47.68 43.79
N TYR B 561 32.54 -46.92 42.94
CA TYR B 561 33.01 -45.60 42.49
C TYR B 561 31.87 -44.61 42.67
N ARG B 562 32.13 -43.54 43.44
CA ARG B 562 31.11 -42.54 43.77
C ARG B 562 31.72 -41.13 43.77
N GLY B 563 30.96 -40.16 43.28
CA GLY B 563 31.44 -38.76 43.19
C GLY B 563 30.33 -37.74 42.94
N GLN B 564 30.72 -36.52 42.58
CA GLN B 564 29.77 -35.43 42.27
C GLN B 564 30.20 -34.48 41.15
N VAL B 565 29.21 -33.98 40.40
CA VAL B 565 29.43 -32.92 39.42
C VAL B 565 29.70 -31.58 40.12
N LYS B 566 29.07 -31.37 41.27
CA LYS B 566 29.13 -30.11 42.04
C LYS B 566 30.53 -29.72 42.54
N GLN B 567 31.41 -30.70 42.75
CA GLN B 567 32.73 -30.49 43.36
C GLN B 567 33.71 -30.01 42.32
N ASN B 568 33.86 -30.79 41.25
CA ASN B 568 34.92 -30.55 40.27
C ASN B 568 34.59 -29.61 39.10
N LYS B 569 34.82 -28.33 39.34
CA LYS B 569 34.69 -27.27 38.35
C LYS B 569 35.94 -27.23 37.49
N ASP B 570 35.88 -26.50 36.39
CA ASP B 570 36.93 -26.32 35.40
C ASP B 570 37.47 -27.58 34.70
N THR B 571 36.63 -28.64 34.62
CA THR B 571 36.92 -29.81 33.77
C THR B 571 35.83 -29.77 32.68
N MET B 572 34.62 -29.32 33.03
CA MET B 572 33.54 -29.12 32.04
C MET B 572 33.98 -28.30 30.82
N ALA B 573 34.49 -27.09 31.08
CA ALA B 573 34.96 -26.18 30.05
C ALA B 573 36.27 -26.66 29.40
N LEU B 574 37.07 -27.40 30.18
CA LEU B 574 38.26 -28.08 29.66
C LEU B 574 37.90 -29.21 28.69
N PHE B 575 36.89 -30.01 29.04
CA PHE B 575 36.57 -31.21 28.26
C PHE B 575 35.82 -30.95 26.95
N THR B 576 34.79 -30.10 27.01
CA THR B 576 33.80 -29.99 25.93
C THR B 576 34.37 -29.30 24.68
N ALA B 577 34.96 -28.12 24.86
CA ALA B 577 35.40 -27.26 23.75
C ALA B 577 36.82 -27.61 23.29
N ASP B 578 36.98 -28.82 22.75
CA ASP B 578 38.29 -29.34 22.34
C ASP B 578 38.12 -30.61 21.53
N GLU B 579 38.93 -30.76 20.49
CA GLU B 579 38.88 -31.95 19.61
C GLU B 579 39.76 -33.12 20.09
N ASP B 580 40.88 -32.81 20.75
CA ASP B 580 41.89 -33.84 21.13
C ASP B 580 41.42 -34.76 22.25
N MET B 581 40.82 -34.20 23.28
CA MET B 581 40.36 -35.00 24.44
C MET B 581 39.20 -35.91 24.10
N GLU B 582 38.48 -35.57 23.03
CA GLU B 582 37.46 -36.47 22.48
C GLU B 582 38.11 -37.66 21.79
N LYS B 583 39.29 -37.44 21.19
CA LYS B 583 40.10 -38.54 20.64
C LYS B 583 40.67 -39.46 21.73
N THR B 584 40.79 -38.95 22.95
CA THR B 584 41.29 -39.71 24.12
C THR B 584 40.18 -40.58 24.70
N ILE B 585 38.95 -40.07 24.66
CA ILE B 585 37.76 -40.85 25.01
C ILE B 585 37.51 -41.88 23.92
N GLU B 586 37.71 -41.50 22.66
CA GLU B 586 37.75 -42.44 21.56
C GLU B 586 38.83 -43.51 21.74
N ALA B 587 40.04 -43.07 22.10
CA ALA B 587 41.17 -43.96 22.35
C ALA B 587 41.04 -44.76 23.63
N TRP B 588 40.16 -44.32 24.55
CA TRP B 588 39.85 -45.09 25.75
C TRP B 588 38.99 -46.35 25.45
N LEU B 589 38.09 -46.25 24.47
CA LEU B 589 37.33 -47.43 24.02
C LEU B 589 38.16 -48.47 23.29
N GLU B 590 39.11 -48.01 22.48
CA GLU B 590 40.07 -48.87 21.74
C GLU B 590 40.63 -49.98 22.63
N LYS B 591 41.10 -49.61 23.82
CA LYS B 591 41.66 -50.56 24.79
C LYS B 591 40.53 -51.25 25.63
N GLY B 592 39.61 -50.47 26.19
CA GLY B 592 38.45 -51.00 26.94
C GLY B 592 38.74 -51.35 28.40
N LYS B 593 39.83 -50.81 28.96
CA LYS B 593 40.13 -50.94 30.41
C LYS B 593 39.11 -50.05 31.18
N ALA B 594 38.31 -50.71 32.02
CA ALA B 594 37.01 -50.20 32.44
C ALA B 594 37.07 -49.22 33.61
N ALA B 595 37.58 -49.70 34.75
CA ALA B 595 37.59 -48.97 36.02
C ALA B 595 38.17 -47.56 35.94
N LYS B 596 39.18 -47.39 35.08
CA LYS B 596 39.95 -46.15 34.97
C LYS B 596 39.10 -44.97 34.45
N VAL B 597 38.11 -45.26 33.61
CA VAL B 597 37.22 -44.23 33.06
C VAL B 597 36.09 -43.90 34.03
N LEU B 598 35.55 -44.92 34.69
CA LEU B 598 34.43 -44.73 35.59
C LEU B 598 34.73 -43.81 36.78
N GLU B 599 36.01 -43.69 37.16
CA GLU B 599 36.47 -42.67 38.13
C GLU B 599 36.15 -41.25 37.62
N LEU B 600 36.28 -41.07 36.30
CA LEU B 600 36.16 -39.79 35.62
C LEU B 600 34.68 -39.47 35.30
N TRP B 601 33.86 -40.51 35.14
CA TRP B 601 32.42 -40.32 34.96
C TRP B 601 31.76 -39.79 36.23
N VAL B 602 32.02 -40.44 37.37
CA VAL B 602 31.43 -40.03 38.66
C VAL B 602 31.85 -38.61 39.08
N LYS B 603 33.03 -38.24 38.60
CA LYS B 603 33.62 -36.93 38.69
C LYS B 603 32.81 -36.75 37.44
N GLY B 604 32.34 -35.58 37.14
CA GLY B 604 31.44 -35.43 36.00
C GLY B 604 32.17 -35.21 34.69
N LEU B 605 32.47 -36.30 34.00
CA LEU B 605 32.82 -36.26 32.59
C LEU B 605 31.53 -36.50 31.82
N PRO B 606 31.06 -35.50 31.05
CA PRO B 606 30.04 -35.83 30.06
C PRO B 606 30.70 -36.51 28.87
N LEU B 607 30.06 -37.55 28.32
CA LEU B 607 30.67 -38.35 27.25
C LEU B 607 29.61 -38.81 26.26
N ASN B 608 30.02 -38.94 25.00
CA ASN B 608 29.15 -39.40 23.93
C ASN B 608 29.20 -40.93 23.96
N TRP B 609 28.17 -41.54 24.54
CA TRP B 609 28.17 -42.98 24.81
C TRP B 609 27.87 -43.82 23.58
N ASP B 610 27.78 -43.14 22.40
CA ASP B 610 27.74 -43.91 21.18
C ASP B 610 29.19 -43.95 21.70
N LYS B 611 29.66 -45.16 21.74
CA LYS B 611 30.94 -45.63 22.23
C LYS B 611 30.81 -46.35 20.94
N LEU B 612 31.81 -47.15 20.61
CA LEU B 612 31.70 -48.03 19.45
C LEU B 612 30.77 -49.15 19.98
N TYR B 613 29.58 -49.29 19.39
CA TYR B 613 28.57 -50.24 19.83
C TYR B 613 28.40 -51.20 18.57
N GLN B 614 29.51 -51.36 17.83
CA GLN B 614 29.61 -52.05 16.53
C GLN B 614 28.82 -51.42 15.35
N MET B 615 28.37 -50.19 15.59
CA MET B 615 27.43 -49.43 14.74
C MET B 615 26.03 -50.11 14.60
N GLY B 616 25.71 -51.12 15.44
CA GLY B 616 24.33 -51.47 15.80
C GLY B 616 24.25 -51.56 17.33
N ARG B 617 23.58 -50.60 17.94
CA ARG B 617 23.42 -50.49 19.43
C ARG B 617 22.25 -51.37 19.86
N PRO B 618 22.41 -52.24 20.90
CA PRO B 618 21.28 -53.11 21.29
C PRO B 618 20.06 -52.33 21.78
N GLN B 619 18.87 -52.92 21.62
CA GLN B 619 17.62 -52.20 21.88
C GLN B 619 17.41 -51.97 23.39
N LYS B 620 16.36 -51.22 23.73
CA LYS B 620 16.09 -50.84 25.14
C LYS B 620 15.68 -51.97 26.08
N ILE B 621 15.37 -51.61 27.33
CA ILE B 621 14.75 -52.49 28.31
C ILE B 621 13.99 -51.69 29.39
N SER B 622 12.92 -52.30 29.92
CA SER B 622 12.13 -51.75 31.02
C SER B 622 12.90 -51.82 32.33
N LEU B 623 13.40 -50.67 32.80
CA LEU B 623 14.03 -50.60 34.11
C LEU B 623 13.23 -49.68 35.04
N PRO B 624 13.39 -49.85 36.38
CA PRO B 624 12.66 -49.03 37.36
C PRO B 624 12.96 -47.54 37.24
N ALA B 625 11.91 -46.73 37.21
CA ALA B 625 12.04 -45.28 37.08
C ALA B 625 12.48 -44.66 38.40
N TYR B 626 12.95 -43.42 38.32
CA TYR B 626 13.41 -42.63 39.47
C TYR B 626 12.37 -42.57 40.61
N PRO B 627 12.68 -43.15 41.80
CA PRO B 627 11.77 -43.00 42.94
C PRO B 627 11.82 -41.59 43.54
N PHE B 628 10.66 -41.12 43.94
CA PHE B 628 10.41 -39.71 44.21
C PHE B 628 10.35 -39.45 45.71
N ALA B 629 10.53 -38.18 46.05
CA ALA B 629 10.47 -37.69 47.42
C ALA B 629 9.05 -37.76 48.02
N LYS B 630 8.97 -37.59 49.34
CA LYS B 630 7.74 -37.82 50.12
C LYS B 630 7.25 -36.59 50.92
N ASP B 631 7.41 -35.39 50.36
CA ASP B 631 6.98 -34.16 51.03
C ASP B 631 5.50 -33.86 50.77
N ARG B 632 4.79 -33.43 51.80
CA ARG B 632 3.36 -33.17 51.80
C ARG B 632 3.07 -31.72 51.44
N TYR B 633 2.09 -31.45 50.58
CA TYR B 633 1.68 -30.08 50.23
C TYR B 633 0.41 -29.19 50.30
N TRP B 634 -0.64 -29.69 50.96
CA TRP B 634 -2.01 -29.08 50.94
C TRP B 634 -2.60 -27.71 51.34
N ILE B 635 -2.46 -27.32 52.65
CA ILE B 635 -3.39 -26.33 53.25
C ILE B 635 -2.68 -25.45 54.28
N ASP B 636 -2.58 -24.15 54.01
CA ASP B 636 -2.29 -23.16 55.07
C ASP B 636 -2.60 -21.74 54.58
N ARG C 26 12.74 30.74 2.30
CA ARG C 26 12.03 32.07 2.41
C ARG C 26 10.80 32.21 1.50
N GLU C 27 10.91 31.88 0.21
CA GLU C 27 9.83 32.16 -0.76
C GLU C 27 9.22 30.86 -1.33
N ASP C 28 7.95 30.60 -0.95
CA ASP C 28 7.02 29.68 -1.65
C ASP C 28 6.04 30.40 -2.58
N ILE C 29 5.58 29.71 -3.63
CA ILE C 29 4.40 30.19 -4.40
C ILE C 29 3.18 29.31 -4.18
N ALA C 30 2.07 29.98 -3.90
CA ALA C 30 0.77 29.32 -3.74
C ALA C 30 0.03 29.31 -5.08
N ILE C 31 -0.63 28.19 -5.36
CA ILE C 31 -1.50 28.06 -6.53
C ILE C 31 -2.91 28.18 -5.98
N ILE C 32 -3.64 29.17 -6.48
CA ILE C 32 -4.94 29.50 -5.92
C ILE C 32 -6.12 29.21 -6.85
N GLY C 33 -5.88 29.27 -8.16
CA GLY C 33 -6.91 28.97 -9.16
C GLY C 33 -6.40 28.00 -10.19
N ILE C 34 -7.25 27.08 -10.61
CA ILE C 34 -6.92 26.13 -11.67
C ILE C 34 -8.11 25.91 -12.60
N SER C 35 -7.82 25.49 -13.82
CA SER C 35 -8.83 25.03 -14.77
C SER C 35 -8.12 24.41 -15.96
N GLY C 36 -8.90 23.78 -16.83
CA GLY C 36 -8.35 23.20 -18.05
C GLY C 36 -9.38 22.33 -18.73
N ARG C 37 -9.13 21.97 -19.96
CA ARG C 37 -10.03 21.18 -20.78
C ARG C 37 -9.15 20.12 -21.46
N TYR C 38 -9.48 18.86 -21.19
CA TYR C 38 -8.70 17.71 -21.67
C TYR C 38 -9.68 16.66 -22.22
N PRO C 39 -9.17 15.68 -23.00
CA PRO C 39 -10.04 14.68 -23.67
C PRO C 39 -11.13 14.09 -22.76
N GLN C 40 -12.38 14.15 -23.24
CA GLN C 40 -13.55 13.68 -22.49
C GLN C 40 -13.65 14.32 -21.10
N ALA C 41 -13.30 15.61 -21.03
CA ALA C 41 -13.41 16.37 -19.79
C ALA C 41 -13.97 17.76 -20.06
N GLU C 42 -15.23 17.95 -19.69
CA GLU C 42 -15.93 19.24 -19.80
C GLU C 42 -15.38 20.23 -18.79
N ASN C 43 -15.19 19.77 -17.55
CA ASN C 43 -14.54 20.55 -16.48
C ASN C 43 -13.60 19.69 -15.65
N LEU C 44 -12.91 20.30 -14.69
CA LEU C 44 -12.00 19.59 -13.79
C LEU C 44 -12.71 18.53 -12.95
N GLN C 45 -13.96 18.79 -12.63
CA GLN C 45 -14.76 17.87 -11.86
C GLN C 45 -14.83 16.51 -12.56
N GLU C 46 -15.20 16.53 -13.84
CA GLU C 46 -15.34 15.32 -14.67
C GLU C 46 -14.00 14.79 -15.21
N PHE C 47 -12.96 15.64 -15.25
CA PHE C 47 -11.60 15.16 -15.54
C PHE C 47 -11.12 14.20 -14.45
N TRP C 48 -11.32 14.61 -13.20
CA TRP C 48 -10.99 13.78 -12.04
C TRP C 48 -11.73 12.44 -12.05
N LYS C 49 -12.99 12.47 -12.44
CA LYS C 49 -13.81 11.27 -12.59
C LYS C 49 -13.06 10.24 -13.45
N ASN C 50 -12.68 10.66 -14.66
CA ASN C 50 -11.99 9.79 -15.61
C ASN C 50 -10.65 9.27 -15.10
N LEU C 51 -9.92 10.12 -14.37
CA LEU C 51 -8.66 9.72 -13.75
C LEU C 51 -8.89 8.72 -12.61
N SER C 52 -9.83 9.04 -11.72
CA SER C 52 -10.15 8.16 -10.58
C SER C 52 -10.72 6.81 -11.02
N GLU C 53 -11.66 6.82 -11.96
CA GLU C 53 -12.25 5.58 -12.48
C GLU C 53 -11.24 5.76 -13.61
N GLY C 54 -10.37 4.76 -13.82
CA GLY C 54 -9.36 4.81 -14.86
C GLY C 54 -10.24 4.55 -16.06
N THR C 55 -10.26 5.47 -16.99
CA THR C 55 -11.09 5.38 -18.18
C THR C 55 -10.13 5.84 -19.29
N ASP C 56 -10.04 5.05 -20.36
CA ASP C 56 -9.30 5.45 -21.56
C ASP C 56 -10.06 6.57 -22.25
N CYS C 57 -9.50 7.77 -22.22
CA CYS C 57 -10.12 8.95 -22.83
C CYS C 57 -9.74 9.17 -24.30
N ILE C 58 -8.87 8.33 -24.84
CA ILE C 58 -8.40 8.45 -26.23
C ILE C 58 -9.42 7.75 -27.14
N THR C 59 -9.83 8.43 -28.21
CA THR C 59 -10.93 7.94 -29.05
C THR C 59 -10.71 8.30 -30.54
N GLU C 60 -11.46 7.62 -31.42
CA GLU C 60 -11.38 7.75 -32.89
C GLU C 60 -11.49 9.20 -33.40
N ILE C 61 -10.76 9.51 -34.48
CA ILE C 61 -10.78 10.90 -35.06
C ILE C 61 -12.17 11.36 -35.53
N PRO C 62 -12.70 12.47 -34.95
CA PRO C 62 -14.05 12.91 -35.32
C PRO C 62 -14.23 13.27 -36.80
N ASN C 63 -15.49 13.24 -37.24
CA ASN C 63 -15.86 13.53 -38.63
C ASN C 63 -15.68 15.01 -39.01
N ASP C 64 -15.78 15.92 -38.03
CA ASP C 64 -15.75 17.38 -38.32
C ASP C 64 -14.41 17.93 -38.80
N ARG C 65 -13.32 17.23 -38.55
CA ARG C 65 -11.99 17.82 -38.72
C ARG C 65 -11.45 17.58 -40.13
N TRP C 66 -11.04 16.34 -40.43
CA TRP C 66 -10.55 15.93 -41.76
C TRP C 66 -11.28 14.66 -42.15
N ASP C 67 -11.07 14.20 -43.39
CA ASP C 67 -11.37 12.82 -43.80
C ASP C 67 -10.12 11.94 -43.82
N HIS C 68 -10.11 10.86 -43.05
CA HIS C 68 -8.95 9.98 -42.90
C HIS C 68 -9.10 8.59 -43.53
N SER C 69 -10.10 8.42 -44.39
CA SER C 69 -10.07 7.34 -45.40
C SER C 69 -9.13 7.73 -46.58
N LEU C 70 -8.63 8.98 -46.58
CA LEU C 70 -7.65 9.50 -47.55
C LEU C 70 -6.17 9.46 -47.15
N TYR C 71 -5.83 9.11 -45.90
CA TYR C 71 -4.43 9.09 -45.43
C TYR C 71 -3.95 7.84 -44.65
N TYR C 72 -4.76 6.78 -44.56
CA TYR C 72 -4.44 5.64 -43.68
C TYR C 72 -3.61 4.53 -44.37
N ASP C 73 -2.44 4.19 -43.82
CA ASP C 73 -1.69 2.98 -44.23
C ASP C 73 -1.16 2.25 -42.99
N ALA C 74 -0.54 1.08 -43.18
CA ALA C 74 0.20 0.39 -42.10
C ALA C 74 1.60 0.96 -42.22
N ASP C 75 2.52 0.51 -41.37
CA ASP C 75 3.95 0.90 -41.38
C ASP C 75 4.11 0.72 -42.90
N LYS C 76 4.81 1.57 -43.56
CA LYS C 76 4.98 1.51 -45.02
C LYS C 76 6.11 2.52 -45.46
N ASP C 77 6.47 2.41 -46.72
CA ASP C 77 7.35 3.37 -47.40
C ASP C 77 6.67 4.37 -48.35
N LYS C 78 5.39 4.61 -48.13
CA LYS C 78 4.61 5.50 -48.99
C LYS C 78 5.08 6.95 -49.10
N GLU C 79 4.72 7.58 -50.21
CA GLU C 79 5.11 8.97 -50.48
C GLU C 79 4.63 9.91 -49.36
N GLY C 80 3.32 9.96 -49.09
CA GLY C 80 2.65 10.91 -48.21
C GLY C 80 1.96 10.46 -46.93
N LYS C 81 1.68 9.15 -46.77
CA LYS C 81 0.58 8.71 -45.86
C LYS C 81 1.04 8.12 -44.51
N THR C 82 0.24 8.32 -43.45
CA THR C 82 0.65 7.93 -42.08
C THR C 82 -0.28 6.91 -41.44
N TYR C 83 0.15 6.40 -40.29
CA TYR C 83 -0.50 5.30 -39.59
C TYR C 83 -1.18 5.81 -38.33
N GLY C 84 -1.31 7.13 -38.19
CA GLY C 84 -1.67 7.75 -36.93
C GLY C 84 -3.16 7.81 -36.93
N LYS C 85 -3.77 6.74 -36.41
CA LYS C 85 -5.19 6.49 -36.60
C LYS C 85 -5.97 7.43 -35.66
N TRP C 86 -5.79 7.26 -34.35
CA TRP C 86 -6.61 7.99 -33.39
C TRP C 86 -5.83 8.62 -32.23
N GLY C 87 -6.46 9.58 -31.54
CA GLY C 87 -5.84 10.34 -30.44
C GLY C 87 -6.85 11.04 -29.54
N GLY C 88 -6.36 11.73 -28.52
CA GLY C 88 -7.23 12.42 -27.55
C GLY C 88 -7.76 13.74 -28.09
N PHE C 89 -9.07 13.91 -28.09
CA PHE C 89 -9.72 15.11 -28.65
C PHE C 89 -10.88 15.62 -27.81
N LEU C 90 -11.27 16.86 -28.09
CA LEU C 90 -12.40 17.49 -27.43
C LEU C 90 -13.51 17.72 -28.40
N LYS C 91 -14.72 17.40 -27.98
CA LYS C 91 -15.81 18.03 -28.64
C LYS C 91 -15.73 19.56 -28.40
N ASP C 92 -16.26 20.22 -29.39
CA ASP C 92 -16.42 21.65 -29.44
C ASP C 92 -15.19 22.59 -29.36
N VAL C 93 -13.96 22.13 -29.69
CA VAL C 93 -12.82 23.05 -29.99
C VAL C 93 -13.22 24.30 -30.79
N ASP C 94 -14.11 24.15 -31.78
CA ASP C 94 -14.44 25.22 -32.73
C ASP C 94 -15.46 26.29 -32.29
N LYS C 95 -15.72 26.41 -30.99
CA LYS C 95 -16.82 27.23 -30.48
C LYS C 95 -16.33 28.35 -29.51
N PHE C 96 -17.03 29.49 -29.52
CA PHE C 96 -16.67 30.67 -28.71
C PHE C 96 -17.86 31.59 -28.42
N ASP C 97 -17.77 32.34 -27.32
CA ASP C 97 -18.67 33.45 -26.99
C ASP C 97 -17.96 34.76 -27.31
N PRO C 98 -18.11 35.27 -28.54
CA PRO C 98 -17.34 36.46 -28.93
C PRO C 98 -17.69 37.73 -28.16
N GLN C 99 -18.97 38.09 -28.13
CA GLN C 99 -19.43 39.36 -27.56
C GLN C 99 -19.23 39.51 -26.04
N PHE C 100 -19.04 38.40 -25.33
CA PHE C 100 -18.70 38.42 -23.90
C PHE C 100 -17.46 39.26 -23.58
N PHE C 101 -16.44 39.15 -24.44
CA PHE C 101 -15.15 39.81 -24.22
C PHE C 101 -15.01 41.13 -24.99
N SER C 102 -16.12 41.69 -25.48
CA SER C 102 -16.12 42.86 -26.37
C SER C 102 -15.26 42.62 -27.62
N ILE C 103 -15.56 41.53 -28.32
CA ILE C 103 -14.95 41.19 -29.60
C ILE C 103 -16.08 40.88 -30.58
N SER C 104 -16.01 41.49 -31.77
CA SER C 104 -17.08 41.34 -32.78
C SER C 104 -17.01 39.98 -33.48
N PRO C 105 -18.18 39.41 -33.85
CA PRO C 105 -18.23 38.12 -34.58
C PRO C 105 -17.43 38.06 -35.89
N ARG C 106 -17.37 39.16 -36.63
CA ARG C 106 -16.65 39.17 -37.90
C ARG C 106 -15.11 39.18 -37.76
N ASP C 107 -14.60 39.52 -36.57
CA ASP C 107 -13.19 39.29 -36.20
C ASP C 107 -12.99 37.90 -35.58
N ALA C 108 -14.04 37.38 -34.95
CA ALA C 108 -14.04 36.00 -34.46
C ALA C 108 -14.01 34.93 -35.56
N LYS C 109 -14.38 35.30 -36.78
CA LYS C 109 -14.19 34.41 -37.93
C LYS C 109 -12.69 34.25 -38.28
N LEU C 110 -11.91 35.26 -37.92
CA LEU C 110 -10.47 35.28 -38.16
C LEU C 110 -9.75 35.14 -36.80
N MET C 111 -10.29 34.28 -35.94
CA MET C 111 -9.74 34.03 -34.61
C MET C 111 -9.21 32.62 -34.56
N ASP C 112 -8.25 32.38 -33.67
CA ASP C 112 -7.48 31.14 -33.58
C ASP C 112 -8.02 30.31 -32.41
N PRO C 113 -8.33 29.02 -32.62
CA PRO C 113 -8.71 28.14 -31.50
C PRO C 113 -7.79 28.13 -30.26
N GLN C 114 -6.49 28.20 -30.51
CA GLN C 114 -5.47 28.30 -29.47
C GLN C 114 -5.74 29.51 -28.54
N GLU C 115 -6.09 30.66 -29.13
CA GLU C 115 -6.22 31.90 -28.34
C GLU C 115 -7.55 31.97 -27.55
N ARG C 116 -8.65 31.56 -28.18
CA ARG C 116 -9.96 31.49 -27.50
C ARG C 116 -9.88 30.52 -26.33
N LEU C 117 -9.50 29.27 -26.60
CA LEU C 117 -9.51 28.23 -25.59
C LEU C 117 -8.79 28.65 -24.32
N PHE C 118 -7.69 29.38 -24.46
CA PHE C 118 -6.95 29.89 -23.31
C PHE C 118 -7.72 31.02 -22.64
N LEU C 119 -8.01 32.11 -23.36
CA LEU C 119 -8.86 33.20 -22.83
C LEU C 119 -10.01 32.69 -21.99
N GLN C 120 -10.80 31.79 -22.59
CA GLN C 120 -11.95 31.18 -21.96
C GLN C 120 -11.55 30.45 -20.66
N CYS C 121 -10.41 29.74 -20.72
CA CYS C 121 -9.91 28.98 -19.58
C CYS C 121 -8.98 29.76 -18.63
N VAL C 122 -8.59 30.98 -19.01
CA VAL C 122 -8.06 31.94 -18.04
C VAL C 122 -9.23 32.46 -17.22
N TYR C 123 -10.31 32.83 -17.91
CA TYR C 123 -11.48 33.40 -17.26
C TYR C 123 -12.19 32.43 -16.31
N GLU C 124 -12.10 31.13 -16.58
CA GLU C 124 -12.59 30.12 -15.66
C GLU C 124 -11.61 29.99 -14.47
N THR C 125 -10.30 30.11 -14.71
CA THR C 125 -9.29 30.14 -13.64
C THR C 125 -9.46 31.37 -12.74
N MET C 126 -9.74 32.52 -13.34
CA MET C 126 -10.13 33.73 -12.60
C MET C 126 -11.14 33.43 -11.49
N GLU C 127 -12.22 32.76 -11.85
CA GLU C 127 -13.37 32.63 -10.96
C GLU C 127 -13.29 31.40 -10.06
N ASP C 128 -12.58 30.37 -10.50
CA ASP C 128 -12.29 29.21 -9.64
C ASP C 128 -11.36 29.63 -8.50
N ALA C 129 -10.45 30.55 -8.81
CA ALA C 129 -9.65 31.25 -7.81
C ALA C 129 -10.36 32.42 -7.14
N GLY C 130 -11.60 32.64 -7.56
CA GLY C 130 -12.49 33.62 -6.94
C GLY C 130 -12.26 35.11 -6.95
N TYR C 131 -11.49 35.56 -7.96
CA TYR C 131 -11.01 36.94 -7.96
C TYR C 131 -10.91 37.86 -9.20
N THR C 132 -12.17 38.36 -9.62
CA THR C 132 -12.34 38.83 -11.02
C THR C 132 -11.65 39.94 -11.80
N ARG C 133 -11.85 41.20 -11.43
CA ARG C 133 -11.52 42.37 -12.20
C ARG C 133 -10.71 43.27 -11.24
N LYS C 134 -10.64 42.75 -9.99
CA LYS C 134 -10.21 43.56 -8.82
C LYS C 134 -9.01 44.51 -8.75
N LYS C 135 -7.92 44.06 -9.24
CA LYS C 135 -6.62 44.45 -8.81
C LYS C 135 -5.79 44.74 -10.10
N LEU C 136 -5.74 46.08 -10.35
CA LEU C 136 -4.79 46.72 -11.23
C LEU C 136 -4.34 47.92 -10.40
N THR C 137 -3.64 47.65 -9.30
CA THR C 137 -3.53 48.58 -8.16
C THR C 137 -2.57 49.73 -8.28
N ASN C 147 -0.13 45.02 -12.13
CA ASN C 147 0.59 44.10 -12.99
C ASN C 147 0.22 42.64 -12.72
N VAL C 148 -0.15 41.88 -13.76
CA VAL C 148 -0.31 40.42 -13.65
C VAL C 148 0.39 39.74 -14.82
N GLY C 149 1.23 38.75 -14.51
CA GLY C 149 1.96 38.00 -15.52
C GLY C 149 1.07 37.00 -16.24
N VAL C 150 1.37 36.79 -17.51
CA VAL C 150 0.78 35.70 -18.29
C VAL C 150 1.93 34.95 -18.94
N TYR C 151 2.00 33.66 -18.68
CA TYR C 151 3.02 32.80 -19.27
C TYR C 151 2.33 31.55 -19.77
N VAL C 152 2.22 31.43 -21.09
CA VAL C 152 1.67 30.24 -21.72
C VAL C 152 2.66 29.74 -22.75
N GLY C 153 2.71 28.42 -22.94
CA GLY C 153 3.70 27.78 -23.80
C GLY C 153 3.09 26.90 -24.87
N VAL C 154 3.34 27.22 -26.14
CA VAL C 154 2.85 26.42 -27.28
C VAL C 154 3.36 26.82 -28.69
N MET C 155 3.70 25.82 -29.52
CA MET C 155 4.18 26.02 -30.89
C MET C 155 3.37 25.39 -32.09
N TYR C 156 2.04 25.31 -32.06
CA TYR C 156 1.32 24.71 -33.20
C TYR C 156 0.63 25.73 -34.13
N GLU C 157 0.47 25.39 -35.41
CA GLU C 157 -0.19 26.33 -36.33
C GLU C 157 -1.55 25.81 -36.87
N GLU C 158 -2.63 26.57 -36.64
CA GLU C 158 -3.95 26.23 -37.08
C GLU C 158 -4.54 26.05 -38.47
N TYR C 159 -4.66 27.15 -39.20
CA TYR C 159 -5.22 27.16 -40.55
C TYR C 159 -4.12 28.21 -40.55
N GLN C 160 -2.91 27.92 -40.74
CA GLN C 160 -1.85 28.86 -41.09
C GLN C 160 -1.65 28.20 -42.43
N LEU C 161 -2.05 27.00 -42.56
CA LEU C 161 -2.14 26.17 -43.77
C LEU C 161 -3.44 25.97 -44.53
N TYR C 162 -4.57 25.98 -43.81
CA TYR C 162 -5.90 25.88 -44.44
C TYR C 162 -5.77 27.41 -44.22
N GLY C 163 -5.37 28.22 -45.07
CA GLY C 163 -5.63 29.19 -46.11
C GLY C 163 -5.63 28.00 -47.12
N ALA C 164 -6.27 28.04 -48.26
CA ALA C 164 -6.22 27.01 -49.37
C ALA C 164 -5.64 27.92 -50.44
N GLU C 165 -5.28 27.64 -51.71
CA GLU C 165 -4.82 29.00 -51.93
C GLU C 165 -6.20 29.64 -52.03
N GLU C 166 -6.68 30.25 -51.00
CA GLU C 166 -7.94 30.99 -51.04
C GLU C 166 -7.19 32.18 -50.47
N GLN C 167 -7.42 33.41 -50.94
CA GLN C 167 -6.56 34.51 -50.59
C GLN C 167 -7.15 34.93 -49.26
N ALA C 168 -6.39 34.76 -48.20
CA ALA C 168 -6.98 34.67 -46.86
C ALA C 168 -7.21 36.03 -46.25
N ARG C 169 -8.49 36.40 -46.09
CA ARG C 169 -8.92 37.72 -45.61
C ARG C 169 -8.51 38.03 -44.16
N LYS C 171 -3.70 32.02 -42.31
CA LYS C 171 -3.35 33.44 -42.21
C LYS C 171 -2.63 33.74 -40.91
N SER C 172 -2.36 35.02 -40.67
CA SER C 172 -1.64 35.44 -39.44
C SER C 172 -1.32 36.33 -38.19
N LEU C 173 -1.10 37.54 -38.26
CA LEU C 173 -0.73 38.40 -37.15
C LEU C 173 -1.52 38.32 -35.87
N ALA C 174 -2.78 38.73 -35.96
CA ALA C 174 -3.67 38.60 -34.80
C ALA C 174 -4.37 37.26 -34.89
N LEU C 175 -4.75 36.94 -36.12
CA LEU C 175 -5.70 35.89 -36.40
C LEU C 175 -5.16 34.50 -36.02
N THR C 176 -4.06 34.08 -36.64
CA THR C 176 -3.47 32.75 -36.47
C THR C 176 -1.91 32.69 -36.37
N GLY C 177 -1.20 33.64 -36.94
CA GLY C 177 0.21 33.46 -37.27
C GLY C 177 1.11 34.22 -36.32
N ASN C 178 0.65 34.38 -35.09
CA ASN C 178 1.55 34.60 -33.98
C ASN C 178 1.12 33.77 -32.79
N PRO C 179 2.06 33.03 -32.18
CA PRO C 179 1.78 32.44 -30.86
C PRO C 179 1.68 33.47 -29.72
N SER C 180 2.36 34.62 -29.84
CA SER C 180 2.35 35.64 -28.78
C SER C 180 0.94 36.15 -28.49
N SER C 181 0.16 36.36 -29.55
CA SER C 181 -1.22 36.81 -29.47
C SER C 181 -2.08 36.10 -28.40
N ILE C 182 -1.77 34.83 -28.12
CA ILE C 182 -2.48 34.05 -27.10
C ILE C 182 -2.43 34.73 -25.73
N ALA C 183 -1.22 34.93 -25.22
CA ALA C 183 -1.02 35.60 -23.94
C ALA C 183 -1.37 37.08 -24.03
N ASN C 184 -1.06 37.69 -25.16
CA ASN C 184 -1.22 39.13 -25.33
C ASN C 184 -2.66 39.58 -25.35
N ARG C 185 -3.55 38.77 -25.92
CA ARG C 185 -4.99 39.08 -25.87
C ARG C 185 -5.47 38.93 -24.45
N ALA C 186 -5.10 37.84 -23.81
CA ALA C 186 -5.52 37.58 -22.43
C ALA C 186 -5.18 38.75 -21.51
N SER C 187 -3.99 39.32 -21.66
CA SER C 187 -3.60 40.49 -20.89
C SER C 187 -4.35 41.75 -21.32
N TYR C 188 -4.51 41.95 -22.63
CA TYR C 188 -5.21 43.13 -23.16
C TYR C 188 -6.66 43.19 -22.74
N VAL C 189 -7.35 42.07 -22.94
CA VAL C 189 -8.78 41.99 -22.70
C VAL C 189 -9.09 42.25 -21.24
N PHE C 190 -8.46 41.46 -20.36
CA PHE C 190 -8.71 41.59 -18.92
C PHE C 190 -7.97 42.77 -18.28
N GLY C 191 -7.01 43.33 -19.00
CA GLY C 191 -6.36 44.58 -18.60
C GLY C 191 -5.28 44.39 -17.56
N PHE C 192 -4.37 43.45 -17.83
CA PHE C 192 -3.21 43.20 -16.98
C PHE C 192 -2.02 44.01 -17.48
N ASN C 193 -1.28 44.60 -16.54
CA ASN C 193 -0.05 45.36 -16.84
C ASN C 193 1.22 44.58 -16.52
N GLY C 194 1.20 43.28 -16.78
CA GLY C 194 2.36 42.42 -16.48
C GLY C 194 2.72 41.56 -17.66
N PRO C 195 3.97 41.05 -17.67
CA PRO C 195 4.54 40.36 -18.83
C PRO C 195 3.61 39.34 -19.47
N SER C 196 3.60 39.33 -20.80
CA SER C 196 2.76 38.46 -21.58
C SER C 196 3.58 37.81 -22.68
N MET C 197 3.62 36.48 -22.71
CA MET C 197 4.45 35.79 -23.70
C MET C 197 4.16 34.32 -23.95
N ALA C 198 4.63 33.91 -25.13
CA ALA C 198 4.44 32.58 -25.65
C ALA C 198 5.81 31.90 -25.74
N LEU C 199 6.06 30.97 -24.83
CA LEU C 199 7.31 30.22 -24.79
C LEU C 199 7.24 29.06 -25.75
N ASP C 200 8.37 28.39 -25.94
CA ASP C 200 8.41 27.14 -26.67
C ASP C 200 9.58 26.25 -26.27
N THR C 201 9.24 25.16 -25.61
CA THR C 201 10.11 24.01 -25.41
C THR C 201 9.27 22.79 -25.78
N MET C 202 9.80 21.94 -26.66
CA MET C 202 9.02 20.94 -27.42
C MET C 202 7.84 20.32 -26.62
N CYS C 203 8.16 19.60 -25.55
CA CYS C 203 7.13 18.98 -24.72
C CYS C 203 6.76 19.74 -23.45
N SER C 204 7.78 20.27 -22.77
CA SER C 204 7.62 20.82 -21.42
C SER C 204 7.36 22.34 -21.39
N SER C 205 6.76 22.87 -22.46
CA SER C 205 6.49 24.31 -22.58
C SER C 205 5.66 24.83 -21.41
N SER C 206 4.52 24.17 -21.19
CA SER C 206 3.63 24.46 -20.05
C SER C 206 4.42 24.57 -18.74
N LEU C 207 5.32 23.61 -18.53
CA LEU C 207 6.07 23.51 -17.29
C LEU C 207 7.22 24.53 -17.20
N THR C 208 7.72 25.01 -18.35
CA THR C 208 8.67 26.13 -18.37
C THR C 208 7.99 27.43 -17.94
N ALA C 209 6.78 27.63 -18.44
CA ALA C 209 5.90 28.72 -18.01
C ALA C 209 5.70 28.71 -16.52
N ILE C 210 5.40 27.53 -15.97
CA ILE C 210 5.32 27.37 -14.53
C ILE C 210 6.61 27.93 -13.95
N HIS C 211 7.75 27.41 -14.40
CA HIS C 211 9.07 27.82 -13.92
C HIS C 211 9.28 29.33 -13.96
N LEU C 212 9.08 29.92 -15.15
CA LEU C 212 9.28 31.36 -15.35
C LEU C 212 8.31 32.25 -14.59
N ALA C 213 7.07 31.80 -14.48
CA ALA C 213 6.08 32.49 -13.65
C ALA C 213 6.60 32.57 -12.23
N CYS C 214 6.92 31.40 -11.67
CA CYS C 214 7.45 31.29 -10.32
C CYS C 214 8.70 32.13 -10.12
N GLN C 215 9.59 32.11 -11.12
CA GLN C 215 10.80 32.94 -11.15
C GLN C 215 10.45 34.43 -11.11
N SER C 216 9.46 34.83 -11.91
CA SER C 216 9.01 36.22 -11.97
C SER C 216 8.33 36.73 -10.68
N LEU C 217 7.84 35.81 -9.84
CA LEU C 217 7.22 36.17 -8.57
C LEU C 217 8.22 36.35 -7.41
N ARG C 218 9.24 35.48 -7.32
CA ARG C 218 10.18 35.51 -6.18
C ARG C 218 10.96 36.82 -6.14
N ASN C 219 11.49 37.23 -7.30
CA ASN C 219 12.21 38.51 -7.40
C ASN C 219 11.31 39.75 -7.22
N GLY C 220 10.02 39.60 -7.51
CA GLY C 220 9.02 40.63 -7.21
C GLY C 220 8.83 41.65 -8.30
N GLU C 221 9.04 41.24 -9.56
CA GLU C 221 8.78 42.11 -10.71
C GLU C 221 7.27 42.14 -11.00
N CYS C 222 6.55 41.08 -10.58
CA CYS C 222 5.11 40.95 -10.78
C CYS C 222 4.39 40.34 -9.58
N GLU C 223 3.16 40.79 -9.36
CA GLU C 223 2.32 40.32 -8.22
C GLU C 223 1.86 38.88 -8.35
N ALA C 224 1.40 38.51 -9.55
CA ALA C 224 0.69 37.25 -9.77
C ALA C 224 0.83 36.83 -11.22
N ALA C 225 0.58 35.56 -11.49
CA ALA C 225 0.80 35.02 -12.83
C ALA C 225 -0.29 34.05 -13.26
N PHE C 226 -0.61 34.08 -14.55
CA PHE C 226 -1.40 33.04 -15.20
C PHE C 226 -0.46 32.18 -16.03
N ALA C 227 -0.03 31.07 -15.43
CA ALA C 227 0.73 30.07 -16.16
C ALA C 227 -0.23 29.07 -16.79
N GLY C 228 0.18 28.48 -17.91
CA GLY C 228 -0.66 27.49 -18.61
C GLY C 228 -0.02 26.89 -19.85
N GLY C 229 -0.81 26.09 -20.55
CA GLY C 229 -0.39 25.50 -21.83
C GLY C 229 -1.61 25.20 -22.69
N VAL C 230 -1.45 25.33 -24.00
CA VAL C 230 -2.54 25.09 -24.95
C VAL C 230 -2.05 24.21 -26.09
N ASN C 231 -2.86 23.25 -26.49
CA ASN C 231 -2.51 22.35 -27.57
C ASN C 231 -3.76 21.94 -28.31
N VAL C 232 -3.73 22.03 -29.64
CA VAL C 232 -4.82 21.52 -30.47
C VAL C 232 -4.31 20.86 -31.73
N SER C 233 -5.09 19.87 -32.17
CA SER C 233 -4.84 19.12 -33.37
C SER C 233 -5.80 19.34 -34.53
N VAL C 234 -5.46 20.26 -35.44
CA VAL C 234 -6.40 20.74 -36.49
C VAL C 234 -6.12 20.48 -37.97
N HIS C 235 -4.86 20.37 -38.40
CA HIS C 235 -4.55 19.92 -39.77
C HIS C 235 -3.90 18.55 -39.69
N PRO C 236 -4.00 17.72 -40.77
CA PRO C 236 -3.24 16.47 -40.78
C PRO C 236 -1.71 16.60 -40.87
N ASN C 237 -1.17 17.82 -40.97
CA ASN C 237 0.29 18.00 -41.05
C ASN C 237 0.93 17.56 -39.73
N LYS C 238 0.25 17.88 -38.64
CA LYS C 238 0.64 17.41 -37.33
C LYS C 238 0.76 15.90 -37.33
N TYR C 239 -0.26 15.24 -37.86
CA TYR C 239 -0.31 13.79 -37.93
C TYR C 239 0.52 13.17 -39.07
N LEU C 240 0.87 13.99 -40.10
CA LEU C 240 1.85 13.60 -41.12
C LEU C 240 3.27 13.57 -40.49
N MET C 241 3.70 14.71 -39.94
CA MET C 241 5.06 14.86 -39.40
C MET C 241 5.38 13.86 -38.28
N LEU C 242 4.39 13.60 -37.45
CA LEU C 242 4.34 12.57 -36.39
C LEU C 242 4.80 11.19 -36.80
N GLY C 243 4.36 10.82 -38.01
CA GLY C 243 4.51 9.48 -38.54
C GLY C 243 5.74 9.25 -39.39
N GLN C 244 6.24 10.28 -40.08
CA GLN C 244 7.43 10.15 -40.93
C GLN C 244 8.60 9.83 -39.98
N ASN C 245 8.77 10.65 -38.96
CA ASN C 245 9.73 10.43 -37.89
C ASN C 245 8.88 9.57 -36.97
N ARG C 246 9.20 8.39 -36.69
CA ARG C 246 8.30 7.38 -36.12
C ARG C 246 8.41 7.69 -34.62
N PHE C 247 7.48 8.50 -34.12
CA PHE C 247 7.39 8.83 -32.69
C PHE C 247 6.18 8.06 -32.17
N LEU C 248 5.24 7.69 -33.06
CA LEU C 248 3.98 7.05 -32.64
C LEU C 248 4.00 5.53 -32.71
N SER C 249 3.02 4.92 -32.05
CA SER C 249 2.87 3.45 -32.02
C SER C 249 1.90 2.94 -33.07
N SER C 250 2.07 1.67 -33.38
CA SER C 250 1.15 0.93 -34.23
C SER C 250 -0.20 0.78 -33.51
N LYS C 251 -0.15 0.38 -32.25
CA LYS C 251 -1.33 0.32 -31.37
C LYS C 251 -2.14 1.61 -31.33
N GLY C 252 -1.40 2.70 -31.13
CA GLY C 252 -1.97 4.04 -31.04
C GLY C 252 -2.53 4.35 -29.66
N ARG C 253 -1.82 3.89 -28.62
CA ARG C 253 -2.20 4.16 -27.22
C ARG C 253 -0.93 4.60 -26.42
N CYS C 254 -1.15 5.13 -25.22
CA CYS C 254 -0.09 5.56 -24.32
C CYS C 254 0.08 4.41 -23.31
N GLU C 255 1.11 3.58 -23.59
CA GLU C 255 1.54 2.52 -22.66
C GLU C 255 2.66 3.17 -21.83
N SER C 256 2.31 3.62 -20.63
CA SER C 256 3.28 4.22 -19.72
C SER C 256 4.00 3.12 -18.94
N PHE C 257 5.28 2.93 -19.26
CA PHE C 257 6.13 1.86 -18.69
C PHE C 257 5.65 0.43 -19.02
N GLY C 258 4.83 0.28 -20.06
CA GLY C 258 4.22 -1.01 -20.40
C GLY C 258 5.17 -1.92 -21.17
N GLU C 259 4.69 -3.11 -21.52
CA GLU C 259 5.50 -4.11 -22.23
C GLU C 259 5.56 -3.87 -23.75
N GLY C 260 4.44 -3.47 -24.35
CA GLY C 260 4.41 -3.05 -25.76
C GLY C 260 4.95 -1.66 -25.44
N GLY C 261 6.06 -1.27 -25.81
CA GLY C 261 6.66 0.01 -25.43
C GLY C 261 6.87 0.12 -26.92
N ASP C 262 6.44 1.18 -27.52
CA ASP C 262 6.54 1.40 -28.96
C ASP C 262 6.25 2.91 -28.82
N GLY C 263 6.08 3.73 -29.73
CA GLY C 263 5.62 5.10 -29.63
C GLY C 263 4.23 5.65 -29.30
N TYR C 264 4.15 6.99 -29.04
CA TYR C 264 2.94 7.54 -28.38
C TYR C 264 1.93 8.34 -29.18
N VAL C 265 0.80 8.69 -28.58
CA VAL C 265 -0.25 9.42 -29.31
C VAL C 265 -0.52 10.86 -28.89
N PRO C 266 -0.82 11.75 -29.86
CA PRO C 266 -0.98 13.16 -29.52
C PRO C 266 -2.39 13.43 -29.05
N GLY C 267 -2.52 13.63 -27.75
CA GLY C 267 -3.74 14.15 -27.16
C GLY C 267 -3.70 15.66 -27.25
N GLU C 268 -4.81 16.25 -27.68
CA GLU C 268 -5.04 17.69 -27.59
C GLU C 268 -5.14 18.10 -26.09
N GLY C 269 -5.18 19.40 -25.80
CA GLY C 269 -5.36 19.87 -24.42
C GLY C 269 -5.18 21.35 -24.21
N VAL C 270 -5.79 21.86 -23.15
CA VAL C 270 -5.61 23.26 -22.73
C VAL C 270 -5.77 23.37 -21.22
N GLY C 271 -5.00 24.26 -20.61
CA GLY C 271 -5.00 24.39 -19.16
C GLY C 271 -4.41 25.71 -18.70
N ALA C 272 -4.74 26.06 -17.46
CA ALA C 272 -4.30 27.33 -16.88
C ALA C 272 -4.35 27.29 -15.35
N VAL C 273 -3.38 27.96 -14.72
CA VAL C 273 -3.30 28.04 -13.27
C VAL C 273 -2.94 29.46 -12.83
N LEU C 274 -3.42 29.84 -11.65
CA LEU C 274 -3.18 31.17 -11.09
C LEU C 274 -2.28 31.05 -9.86
N LEU C 275 -1.16 31.76 -9.91
CA LEU C 275 -0.11 31.64 -8.91
C LEU C 275 0.16 32.97 -8.23
N LYS C 276 0.55 32.91 -6.96
CA LYS C 276 0.89 34.09 -6.14
C LYS C 276 1.64 33.63 -4.89
N PRO C 277 2.50 34.50 -4.30
CA PRO C 277 3.16 34.13 -3.05
C PRO C 277 2.27 33.73 -1.89
N LEU C 278 2.75 32.74 -1.12
CA LEU C 278 2.17 32.35 0.15
C LEU C 278 2.08 33.52 1.12
N SER C 279 3.09 34.40 1.07
CA SER C 279 3.15 35.61 1.89
C SER C 279 1.79 36.33 1.96
N LYS C 280 1.21 36.61 0.81
CA LYS C 280 -0.08 37.30 0.74
C LYS C 280 -1.30 36.39 0.73
N ALA C 281 -1.15 35.16 0.23
CA ALA C 281 -2.23 34.16 0.25
C ALA C 281 -2.92 33.95 1.61
N LYS C 282 -2.18 34.13 2.71
CA LYS C 282 -2.80 34.06 4.06
C LYS C 282 -3.57 35.35 4.38
N ALA C 283 -2.98 36.51 4.05
CA ALA C 283 -3.52 37.82 4.45
C ALA C 283 -4.84 38.17 3.77
N ASP C 284 -4.85 38.12 2.43
CA ASP C 284 -6.08 38.34 1.65
C ASP C 284 -6.16 36.82 1.82
N GLY C 285 -7.25 36.33 2.41
CA GLY C 285 -7.50 34.90 2.50
C GLY C 285 -7.89 34.49 1.11
N ASP C 286 -7.17 33.54 0.55
CA ASP C 286 -7.45 33.00 -0.77
C ASP C 286 -7.54 31.49 -0.62
N HIS C 287 -8.24 30.89 -1.57
CA HIS C 287 -8.45 29.46 -1.66
C HIS C 287 -7.17 28.84 -2.22
N ILE C 288 -6.60 27.87 -1.52
CA ILE C 288 -5.33 27.21 -1.94
C ILE C 288 -5.56 25.78 -2.42
N TYR C 289 -4.97 25.45 -3.57
CA TYR C 289 -4.90 24.08 -4.08
C TYR C 289 -3.58 23.42 -3.68
N GLY C 290 -2.47 24.13 -3.85
CA GLY C 290 -1.14 23.60 -3.50
C GLY C 290 -0.03 24.64 -3.48
N LEU C 291 1.19 24.17 -3.25
CA LEU C 291 2.36 25.02 -3.13
C LEU C 291 3.48 24.55 -4.07
N ILE C 292 3.82 25.38 -5.05
CA ILE C 292 5.01 25.15 -5.87
C ILE C 292 6.21 25.61 -5.04
N LYS C 293 6.77 24.67 -4.30
CA LYS C 293 7.91 24.96 -3.41
C LYS C 293 9.25 24.87 -4.11
N GLY C 294 9.29 24.21 -5.27
CA GLY C 294 10.52 24.05 -6.05
C GLY C 294 10.31 24.01 -7.56
N THR C 295 11.24 24.65 -8.28
CA THR C 295 11.21 24.76 -9.74
C THR C 295 12.60 24.54 -10.32
N ALA C 296 12.67 23.90 -11.49
CA ALA C 296 13.97 23.60 -12.12
C ALA C 296 13.81 23.36 -13.61
N VAL C 297 14.87 23.65 -14.35
CA VAL C 297 14.90 23.47 -15.80
C VAL C 297 16.33 23.51 -16.33
N ASN C 298 16.61 22.70 -17.36
CA ASN C 298 17.89 22.77 -18.09
C ASN C 298 17.78 22.16 -19.50
N HIS C 299 18.90 22.11 -20.22
CA HIS C 299 19.00 21.39 -21.48
C HIS C 299 19.78 20.10 -21.28
N ASP C 300 19.60 19.13 -22.19
CA ASP C 300 20.29 17.83 -22.12
C ASP C 300 21.68 17.67 -22.77
N GLY C 301 22.37 18.76 -23.10
CA GLY C 301 23.72 18.70 -23.67
C GLY C 301 23.80 17.99 -25.01
N LYS C 302 25.02 17.59 -25.38
CA LYS C 302 25.22 16.72 -26.55
C LYS C 302 24.92 15.26 -26.22
N THR C 303 23.79 14.78 -26.70
CA THR C 303 23.48 13.35 -26.79
C THR C 303 24.01 12.78 -28.11
N ASN C 304 23.93 11.46 -28.24
CA ASN C 304 24.38 10.76 -29.46
C ASN C 304 23.53 11.12 -30.68
N GLY C 305 22.21 11.13 -30.51
CA GLY C 305 21.26 11.59 -31.53
C GLY C 305 20.62 12.90 -31.13
N TYR C 306 19.82 13.49 -32.03
CA TYR C 306 19.15 14.76 -31.75
C TYR C 306 18.01 14.59 -30.76
N SER C 307 17.11 13.65 -31.06
CA SER C 307 15.88 13.44 -30.28
C SER C 307 16.04 12.43 -29.11
N VAL C 308 17.26 12.23 -28.63
CA VAL C 308 17.54 11.34 -27.51
C VAL C 308 17.57 12.18 -26.22
N PRO C 309 17.07 11.61 -25.10
CA PRO C 309 17.23 12.24 -23.79
C PRO C 309 18.42 11.67 -23.02
N ASN C 310 19.07 12.51 -22.20
CA ASN C 310 20.25 12.11 -21.44
C ASN C 310 19.88 11.86 -19.97
N PRO C 311 19.99 10.60 -19.49
CA PRO C 311 19.63 10.31 -18.10
C PRO C 311 20.44 11.07 -17.05
N ASN C 312 21.73 11.26 -17.31
CA ASN C 312 22.58 12.07 -16.42
C ASN C 312 22.04 13.50 -16.29
N ALA C 313 21.58 14.04 -17.42
CA ALA C 313 20.99 15.38 -17.48
C ALA C 313 19.68 15.51 -16.71
N GLN C 314 18.97 14.39 -16.54
CA GLN C 314 17.63 14.40 -15.93
C GLN C 314 17.64 14.59 -14.42
N ALA C 315 18.57 13.92 -13.75
CA ALA C 315 18.77 14.11 -12.32
C ALA C 315 19.35 15.48 -12.00
N ALA C 316 20.11 16.06 -12.94
CA ALA C 316 20.64 17.43 -12.79
C ALA C 316 19.54 18.49 -12.68
N VAL C 317 18.36 18.20 -13.25
CA VAL C 317 17.17 19.02 -13.03
C VAL C 317 16.65 18.71 -11.62
N ILE C 318 16.36 17.44 -11.38
CA ILE C 318 15.57 17.05 -10.21
C ILE C 318 16.33 17.31 -8.91
N LYS C 319 17.65 17.06 -8.91
CA LYS C 319 18.53 17.50 -7.81
C LYS C 319 18.33 18.99 -7.51
N GLN C 320 18.31 19.79 -8.58
CA GLN C 320 18.19 21.26 -8.52
C GLN C 320 16.79 21.70 -8.10
N ALA C 321 15.78 20.93 -8.50
CA ALA C 321 14.41 21.15 -8.02
C ALA C 321 14.33 20.95 -6.50
N LEU C 322 14.96 19.87 -6.02
CA LEU C 322 14.98 19.55 -4.59
C LEU C 322 15.99 20.38 -3.81
N LYS C 323 17.00 20.94 -4.48
CA LYS C 323 17.96 21.87 -3.86
C LYS C 323 17.23 23.07 -3.26
N ASP C 324 16.59 23.86 -4.12
CA ASP C 324 15.95 25.12 -3.70
C ASP C 324 14.64 24.88 -2.95
N ALA C 325 13.99 23.74 -3.19
CA ALA C 325 12.85 23.31 -2.40
C ALA C 325 13.22 23.03 -0.94
N GLY C 326 14.43 22.51 -0.72
CA GLY C 326 14.93 22.22 0.62
C GLY C 326 14.16 21.09 1.29
N THR C 327 13.70 20.14 0.49
CA THR C 327 12.98 18.96 0.96
C THR C 327 13.75 17.73 0.49
N ASP C 328 13.79 16.72 1.33
CA ASP C 328 14.52 15.49 1.02
C ASP C 328 13.88 14.72 -0.13
N PRO C 329 14.67 13.95 -0.90
CA PRO C 329 14.10 12.94 -1.79
C PRO C 329 13.27 11.87 -1.06
N ARG C 330 13.62 11.60 0.19
CA ARG C 330 12.86 10.63 1.02
C ARG C 330 11.52 11.14 1.55
N ALA C 331 11.28 12.44 1.43
CA ALA C 331 9.95 12.99 1.72
C ALA C 331 8.95 12.69 0.60
N VAL C 332 9.45 12.56 -0.65
CA VAL C 332 8.59 12.55 -1.83
C VAL C 332 7.84 11.22 -1.95
N SER C 333 6.52 11.30 -2.12
CA SER C 333 5.61 10.15 -2.16
C SER C 333 4.96 9.86 -3.52
N TYR C 334 5.06 10.80 -4.48
CA TYR C 334 4.56 10.58 -5.85
C TYR C 334 5.37 11.37 -6.88
N ILE C 335 5.61 10.75 -8.03
CA ILE C 335 6.21 11.42 -9.17
C ILE C 335 5.25 11.32 -10.35
N GLU C 336 4.75 12.47 -10.78
CA GLU C 336 4.05 12.56 -12.06
C GLU C 336 5.11 12.62 -13.14
N ALA C 337 5.43 11.46 -13.71
CA ALA C 337 6.51 11.31 -14.69
C ALA C 337 6.09 11.84 -16.05
N HIS C 338 7.09 12.10 -16.90
CA HIS C 338 6.82 12.45 -18.32
C HIS C 338 6.12 11.30 -19.00
N GLY C 339 6.51 10.07 -18.71
CA GLY C 339 5.89 8.81 -19.22
C GLY C 339 5.69 8.70 -20.72
N THR C 340 6.75 9.05 -21.46
CA THR C 340 6.71 9.06 -22.94
C THR C 340 6.14 7.75 -23.44
N GLY C 341 6.75 6.67 -22.97
CA GLY C 341 6.33 5.31 -23.29
C GLY C 341 7.21 4.61 -24.33
N THR C 342 8.10 5.37 -24.99
CA THR C 342 8.98 4.81 -26.02
C THR C 342 9.96 3.80 -25.41
N SER C 343 10.47 2.89 -26.25
CA SER C 343 11.39 1.83 -25.81
C SER C 343 12.66 2.38 -25.17
N LEU C 344 13.13 3.54 -25.65
CA LEU C 344 14.30 4.22 -25.11
C LEU C 344 13.95 5.16 -23.95
N GLY C 345 12.86 5.93 -24.11
CA GLY C 345 12.50 7.01 -23.21
C GLY C 345 12.19 6.66 -21.76
N ASP C 346 11.33 5.67 -21.55
CA ASP C 346 10.87 5.32 -20.20
C ASP C 346 11.97 4.72 -19.30
N PRO C 347 12.75 3.74 -19.81
CA PRO C 347 13.88 3.22 -19.02
C PRO C 347 14.90 4.28 -18.62
N ILE C 348 15.20 5.18 -19.55
CA ILE C 348 16.11 6.30 -19.32
C ILE C 348 15.60 7.21 -18.19
N GLU C 349 14.30 7.54 -18.22
CA GLU C 349 13.60 8.29 -17.15
C GLU C 349 13.85 7.65 -15.79
N ILE C 350 13.55 6.36 -15.72
CA ILE C 350 13.64 5.59 -14.49
C ILE C 350 15.08 5.60 -13.96
N THR C 351 16.05 5.37 -14.86
CA THR C 351 17.48 5.42 -14.50
C THR C 351 17.90 6.83 -14.05
N GLY C 352 17.36 7.86 -14.71
CA GLY C 352 17.61 9.25 -14.32
C GLY C 352 17.03 9.61 -12.97
N LEU C 353 15.79 9.20 -12.74
CA LEU C 353 15.16 9.35 -11.44
C LEU C 353 15.95 8.62 -10.34
N THR C 354 16.44 7.41 -10.63
CA THR C 354 17.20 6.60 -9.66
C THR C 354 18.41 7.35 -9.12
N LYS C 355 19.27 7.82 -10.04
CA LYS C 355 20.50 8.54 -9.68
C LYS C 355 20.27 9.71 -8.72
N ALA C 356 19.18 10.45 -8.93
CA ALA C 356 18.83 11.59 -8.08
C ALA C 356 18.52 11.17 -6.65
N PHE C 357 17.71 10.12 -6.53
CA PHE C 357 17.26 9.64 -5.23
C PHE C 357 18.33 8.80 -4.51
N SER C 358 19.27 8.22 -5.26
CA SER C 358 20.31 7.35 -4.71
C SER C 358 21.53 8.07 -4.11
N GLU C 359 21.67 9.37 -4.36
CA GLU C 359 22.79 10.16 -3.77
C GLU C 359 22.56 10.30 -2.26
N GLN C 360 21.32 10.52 -1.87
CA GLN C 360 20.88 10.26 -0.49
C GLN C 360 20.64 8.72 -0.39
N THR C 361 20.68 8.14 0.82
CA THR C 361 20.72 6.64 0.98
C THR C 361 19.28 6.08 1.12
N GLN C 362 19.09 4.86 0.63
CA GLN C 362 17.74 4.32 0.44
C GLN C 362 17.27 3.75 1.77
N ASP C 363 15.98 3.71 1.98
CA ASP C 363 15.34 3.43 3.27
C ASP C 363 13.82 3.24 3.05
N LYS C 364 13.08 2.94 4.14
CA LYS C 364 11.66 2.50 4.03
C LYS C 364 10.69 3.26 3.11
N GLN C 365 10.94 4.54 2.85
CA GLN C 365 9.95 5.34 2.09
C GLN C 365 9.95 5.05 0.59
N PHE C 366 8.86 4.45 0.09
CA PHE C 366 8.72 3.98 -1.30
C PHE C 366 7.78 4.94 -2.08
N CYS C 367 8.27 5.44 -3.21
CA CYS C 367 7.61 6.52 -3.95
C CYS C 367 6.75 5.88 -5.03
N ALA C 368 5.60 6.51 -5.29
CA ALA C 368 4.68 6.05 -6.32
C ALA C 368 4.96 6.81 -7.61
N ILE C 369 4.95 6.11 -8.74
CA ILE C 369 5.07 6.74 -10.05
C ILE C 369 3.80 6.48 -10.86
N GLY C 370 3.29 7.55 -11.47
CA GLY C 370 2.18 7.43 -12.40
C GLY C 370 2.26 8.51 -13.47
N SER C 371 1.35 8.42 -14.43
CA SER C 371 1.26 9.36 -15.55
C SER C 371 -0.19 9.71 -15.86
N ALA C 372 -0.45 11.00 -16.04
CA ALA C 372 -1.72 11.48 -16.55
C ALA C 372 -1.79 11.14 -18.03
N LYS C 373 -0.63 11.16 -18.67
CA LYS C 373 -0.47 10.86 -20.08
C LYS C 373 -0.94 9.48 -20.52
N SER C 374 -1.16 8.58 -19.58
CA SER C 374 -1.80 7.31 -19.85
C SER C 374 -3.30 7.49 -20.11
N ASN C 375 -3.97 8.24 -19.23
CA ASN C 375 -5.42 8.42 -19.28
C ASN C 375 -5.83 9.28 -20.47
N ILE C 376 -5.25 10.47 -20.54
CA ILE C 376 -5.35 11.36 -21.72
C ILE C 376 -4.16 11.06 -22.63
N GLY C 377 -4.04 11.76 -23.75
CA GLY C 377 -2.91 11.56 -24.64
C GLY C 377 -1.70 12.41 -24.26
N HIS C 378 -0.67 12.38 -25.11
CA HIS C 378 0.44 13.32 -24.97
C HIS C 378 -0.20 14.64 -25.35
N CYS C 379 -0.23 15.56 -24.38
CA CYS C 379 -0.66 16.93 -24.60
C CYS C 379 0.67 17.59 -24.95
N GLU C 380 0.93 17.84 -26.20
CA GLU C 380 2.26 18.15 -26.75
C GLU C 380 2.84 19.33 -25.94
N SER C 381 2.03 20.38 -25.78
CA SER C 381 2.40 21.52 -24.96
C SER C 381 1.88 21.40 -23.55
N ALA C 382 0.61 21.05 -23.43
CA ALA C 382 -0.07 21.00 -22.14
C ALA C 382 0.27 19.62 -21.58
N ALA C 383 1.51 19.36 -21.27
CA ALA C 383 1.99 18.07 -20.80
C ALA C 383 2.50 18.15 -19.37
N GLY C 384 2.81 19.38 -18.97
CA GLY C 384 3.15 19.72 -17.60
C GLY C 384 1.99 20.38 -16.87
N ILE C 385 1.01 20.87 -17.57
CA ILE C 385 -0.13 21.57 -16.95
C ILE C 385 -1.19 20.50 -16.66
N ALA C 386 -1.32 19.52 -17.56
CA ALA C 386 -2.24 18.40 -17.36
C ALA C 386 -1.80 17.54 -16.20
N GLY C 387 -0.50 17.22 -16.18
CA GLY C 387 0.11 16.54 -15.07
C GLY C 387 -0.10 17.30 -13.77
N LEU C 388 0.21 18.59 -13.80
CA LEU C 388 0.01 19.45 -12.64
C LEU C 388 -1.42 19.38 -12.18
N THR C 389 -2.34 19.51 -13.13
CA THR C 389 -3.76 19.39 -12.85
C THR C 389 -4.07 18.04 -12.18
N LYS C 390 -3.62 16.93 -12.78
CA LYS C 390 -3.78 15.60 -12.16
C LYS C 390 -3.24 15.59 -10.73
N VAL C 391 -2.01 16.07 -10.57
CA VAL C 391 -1.36 16.13 -9.25
C VAL C 391 -2.24 16.87 -8.24
N LEU C 392 -2.76 18.02 -8.63
CA LEU C 392 -3.59 18.82 -7.74
C LEU C 392 -4.97 18.20 -7.47
N LEU C 393 -5.50 17.48 -8.46
CA LEU C 393 -6.74 16.72 -8.25
C LEU C 393 -6.51 15.55 -7.30
N GLN C 394 -5.32 14.93 -7.40
CA GLN C 394 -4.93 13.87 -6.47
C GLN C 394 -4.82 14.38 -5.03
N MET C 395 -4.38 15.64 -4.87
CA MET C 395 -4.32 16.27 -3.56
C MET C 395 -5.67 16.54 -2.88
N LYS C 396 -6.60 17.17 -3.60
CA LYS C 396 -7.90 17.55 -3.01
C LYS C 396 -8.72 16.36 -2.50
N HIS C 397 -8.84 15.29 -3.31
CA HIS C 397 -9.62 14.10 -2.93
C HIS C 397 -8.79 13.05 -2.19
N LYS C 398 -7.52 13.37 -1.87
CA LYS C 398 -6.65 12.55 -1.04
C LYS C 398 -6.37 11.12 -1.57
N GLN C 399 -6.33 10.94 -2.89
CA GLN C 399 -6.23 9.61 -3.51
C GLN C 399 -5.14 9.56 -4.58
N LEU C 400 -4.62 8.36 -4.83
CA LEU C 400 -3.59 8.09 -5.83
C LEU C 400 -4.19 7.40 -7.05
N ALA C 401 -4.34 8.14 -8.13
CA ALA C 401 -4.96 7.61 -9.34
C ALA C 401 -4.04 6.64 -10.08
N PRO C 402 -4.60 5.75 -10.93
CA PRO C 402 -3.80 4.77 -11.67
C PRO C 402 -3.12 5.26 -12.95
N SER C 403 -1.96 4.66 -13.23
CA SER C 403 -1.33 4.74 -14.54
C SER C 403 -1.87 3.58 -15.36
N LEU C 404 -2.60 3.90 -16.41
CA LEU C 404 -3.22 2.88 -17.27
C LEU C 404 -2.16 2.13 -18.09
N HIS C 405 -2.60 1.03 -18.70
CA HIS C 405 -1.77 0.18 -19.58
C HIS C 405 -0.38 -0.17 -19.01
N SER C 406 -0.34 -0.42 -17.70
CA SER C 406 0.83 -0.91 -17.02
C SER C 406 0.62 -2.33 -16.45
N ARG C 407 -0.26 -3.10 -17.07
CA ARG C 407 -0.52 -4.52 -16.73
C ARG C 407 0.76 -5.35 -16.66
N THR C 408 1.63 -5.19 -17.67
CA THR C 408 2.91 -5.84 -17.75
C THR C 408 3.98 -4.76 -17.97
N LEU C 409 5.15 -4.95 -17.37
CA LEU C 409 6.17 -3.90 -17.30
C LEU C 409 7.44 -4.28 -18.07
N ASN C 410 7.86 -3.40 -18.99
CA ASN C 410 9.09 -3.56 -19.82
C ASN C 410 10.25 -4.16 -19.01
N PRO C 411 10.82 -5.34 -19.42
CA PRO C 411 11.83 -6.01 -18.58
C PRO C 411 13.00 -5.14 -18.07
N ASN C 412 13.30 -4.05 -18.78
CA ASN C 412 14.28 -3.04 -18.34
C ASN C 412 13.75 -2.12 -17.17
N ILE C 413 12.58 -2.40 -16.60
CA ILE C 413 12.13 -1.81 -15.31
C ILE C 413 12.68 -2.78 -14.26
N ASP C 414 13.87 -2.77 -13.84
CA ASP C 414 14.35 -3.75 -12.87
C ASP C 414 14.15 -2.66 -11.84
N PHE C 415 13.37 -2.86 -10.83
CA PHE C 415 13.02 -1.81 -9.87
C PHE C 415 13.78 -2.25 -8.62
N LEU C 416 14.94 -2.86 -8.89
CA LEU C 416 15.67 -3.73 -7.97
C LEU C 416 16.38 -2.95 -6.84
N ALA C 417 15.67 -2.90 -5.71
CA ALA C 417 15.96 -2.04 -4.57
C ALA C 417 16.04 -0.55 -4.94
N THR C 418 15.17 -0.14 -5.88
CA THR C 418 14.98 1.28 -6.25
C THR C 418 13.79 1.71 -5.42
N PRO C 419 13.70 3.01 -5.10
CA PRO C 419 12.58 3.53 -4.32
C PRO C 419 11.25 3.55 -5.06
N PHE C 420 11.29 3.76 -6.37
CA PHE C 420 10.09 3.94 -7.19
C PHE C 420 9.30 2.66 -7.43
N LYS C 421 8.00 2.82 -7.61
CA LYS C 421 7.08 1.73 -7.92
C LYS C 421 5.86 2.21 -8.73
N VAL C 422 5.52 1.47 -9.79
CA VAL C 422 4.44 1.87 -10.70
C VAL C 422 3.10 1.69 -9.99
N GLN C 423 2.27 2.71 -10.14
CA GLN C 423 0.98 2.76 -9.48
C GLN C 423 -0.12 2.08 -10.24
N GLN C 424 -0.40 0.83 -9.88
CA GLN C 424 -1.35 0.01 -10.65
C GLN C 424 -2.82 0.46 -10.62
N THR C 425 -3.31 0.87 -9.45
CA THR C 425 -4.76 1.01 -9.21
C THR C 425 -5.09 2.16 -8.26
N LEU C 426 -6.38 2.49 -8.18
CA LEU C 426 -6.86 3.56 -7.29
C LEU C 426 -6.83 3.12 -5.83
N GLU C 427 -5.92 3.73 -5.07
CA GLU C 427 -5.81 3.53 -3.63
C GLU C 427 -5.74 4.87 -2.93
N GLU C 428 -6.01 4.85 -1.63
CA GLU C 428 -5.96 6.05 -0.80
C GLU C 428 -4.53 6.51 -0.55
N TRP C 429 -4.32 7.82 -0.64
CA TRP C 429 -3.00 8.44 -0.46
C TRP C 429 -2.77 8.71 1.04
N LYS C 430 -1.78 8.04 1.62
CA LYS C 430 -1.40 8.30 3.03
C LYS C 430 -0.10 9.13 3.14
N ARG C 431 0.04 9.84 4.26
CA ARG C 431 1.14 10.76 4.53
C ARG C 431 2.28 9.92 5.11
N PRO C 432 3.54 10.18 4.72
CA PRO C 432 4.66 9.50 5.38
C PRO C 432 4.93 10.02 6.80
N VAL C 433 5.83 9.36 7.54
CA VAL C 433 6.25 9.81 8.89
C VAL C 433 7.76 10.11 9.08
N ILE C 434 8.11 11.07 9.94
CA ILE C 434 9.53 11.55 10.07
C ILE C 434 9.98 10.85 11.37
N ASN C 435 10.59 9.76 11.30
CA ASN C 435 10.60 8.81 12.42
C ASN C 435 11.98 8.53 13.02
N GLU C 436 13.05 8.83 12.27
CA GLU C 436 14.46 8.52 12.64
C GLU C 436 14.99 9.30 13.84
N ASN C 437 14.67 10.59 13.90
CA ASN C 437 15.20 11.48 14.95
C ASN C 437 14.56 11.25 16.33
N GLY C 438 13.41 10.60 16.36
CA GLY C 438 12.64 10.37 17.59
C GLY C 438 11.52 11.37 17.81
N VAL C 439 10.99 11.94 16.72
CA VAL C 439 9.92 12.94 16.75
C VAL C 439 8.85 12.51 15.73
N ASN C 440 7.95 11.65 16.19
CA ASN C 440 7.00 10.94 15.33
C ASN C 440 5.86 11.91 14.97
N LYS C 441 5.98 12.63 13.85
CA LYS C 441 5.05 13.73 13.48
C LYS C 441 4.61 13.60 12.01
N GLU C 442 3.68 14.45 11.56
CA GLU C 442 3.18 14.31 10.18
C GLU C 442 4.17 15.00 9.27
N LEU C 443 4.73 14.23 8.34
CA LEU C 443 5.52 14.79 7.24
C LEU C 443 4.48 15.05 6.16
N PRO C 444 4.49 16.27 5.56
CA PRO C 444 3.43 16.55 4.59
C PRO C 444 3.45 15.70 3.32
N ARG C 445 2.37 15.85 2.55
CA ARG C 445 2.21 15.29 1.22
C ARG C 445 3.19 16.02 0.31
N THR C 446 4.03 15.29 -0.43
CA THR C 446 5.09 15.89 -1.26
C THR C 446 5.18 15.11 -2.56
N ALA C 447 5.12 15.81 -3.70
CA ALA C 447 5.08 15.14 -5.00
C ALA C 447 5.75 15.92 -6.13
N GLY C 448 6.49 15.19 -6.96
CA GLY C 448 7.27 15.76 -8.07
C GLY C 448 6.53 15.67 -9.39
N LEU C 449 6.88 16.58 -10.31
CA LEU C 449 6.25 16.66 -11.61
C LEU C 449 7.28 16.88 -12.70
N SER C 450 7.37 15.93 -13.62
CA SER C 450 8.39 15.91 -14.68
C SER C 450 7.79 16.18 -16.06
N SER C 451 8.60 16.76 -16.94
CA SER C 451 8.30 16.84 -18.37
C SER C 451 9.59 17.14 -19.14
N PHE C 452 9.87 16.35 -20.18
CA PHE C 452 11.15 16.39 -20.89
C PHE C 452 10.88 16.47 -22.39
N GLY C 453 11.52 17.42 -23.04
CA GLY C 453 11.35 17.64 -24.48
C GLY C 453 12.12 16.65 -25.31
N ALA C 454 11.56 16.28 -26.46
CA ALA C 454 12.27 15.53 -27.50
C ALA C 454 13.27 16.38 -28.27
N GLY C 455 13.00 17.74 -28.20
CA GLY C 455 14.00 18.75 -28.48
C GLY C 455 14.38 18.86 -27.01
N GLY C 456 15.58 18.81 -26.64
CA GLY C 456 16.03 18.34 -25.34
C GLY C 456 15.96 19.59 -24.47
N VAL C 457 14.81 19.75 -23.77
CA VAL C 457 14.66 20.72 -22.69
C VAL C 457 14.05 19.84 -21.60
N ASN C 458 14.59 19.90 -20.39
CA ASN C 458 14.10 19.10 -19.28
C ASN C 458 13.68 20.00 -18.12
N ALA C 459 12.56 19.67 -17.47
CA ALA C 459 12.02 20.49 -16.36
C ALA C 459 11.33 19.62 -15.31
N HIS C 460 11.49 19.99 -14.04
CA HIS C 460 10.86 19.29 -12.93
C HIS C 460 10.40 20.27 -11.85
N ILE C 461 9.15 20.09 -11.43
CA ILE C 461 8.51 20.93 -10.42
C ILE C 461 8.16 20.04 -9.23
N VAL C 462 8.16 20.63 -8.04
CA VAL C 462 7.93 19.88 -6.81
C VAL C 462 6.80 20.55 -6.02
N ILE C 463 5.70 19.83 -5.83
CA ILE C 463 4.48 20.38 -5.21
C ILE C 463 4.18 19.74 -3.85
N GLU C 464 3.65 20.57 -2.93
CA GLU C 464 3.31 20.16 -1.56
C GLU C 464 1.93 20.71 -1.22
N GLU C 465 1.21 19.97 -0.40
CA GLU C 465 -0.13 20.36 0.02
C GLU C 465 -0.11 21.32 1.22
N TYR C 466 -1.02 22.28 1.21
CA TYR C 466 -1.19 23.20 2.33
C TYR C 466 -2.15 22.63 3.38
N SER C 467 -1.80 22.80 4.65
CA SER C 467 -2.63 22.34 5.76
C SER C 467 -3.47 23.52 6.25
N ALA C 478 -20.46 36.19 10.59
CA ALA C 478 -21.46 36.57 9.62
C ALA C 478 -22.88 36.32 10.19
N PRO C 479 -23.90 37.05 9.68
CA PRO C 479 -25.24 36.96 10.29
C PRO C 479 -26.09 35.79 9.86
N HIS C 480 -27.23 35.57 10.52
CA HIS C 480 -27.97 34.33 10.28
C HIS C 480 -28.40 34.18 8.79
N PRO C 481 -29.08 35.18 8.16
CA PRO C 481 -29.32 35.01 6.71
C PRO C 481 -28.17 35.51 5.83
N SER C 482 -27.98 34.87 4.67
CA SER C 482 -26.89 35.22 3.72
C SER C 482 -27.40 35.46 2.29
N MET C 483 -26.65 36.28 1.56
CA MET C 483 -27.02 36.77 0.24
C MET C 483 -26.32 35.97 -0.87
N ILE C 484 -27.08 35.16 -1.62
CA ILE C 484 -26.50 34.37 -2.71
C ILE C 484 -26.90 35.18 -3.93
N VAL C 485 -25.98 36.00 -4.39
CA VAL C 485 -26.23 36.89 -5.53
C VAL C 485 -25.56 36.15 -6.70
N LEU C 486 -26.12 36.29 -7.91
CA LEU C 486 -25.52 35.74 -9.14
C LEU C 486 -25.86 36.61 -10.35
N SER C 487 -24.99 36.63 -11.35
CA SER C 487 -25.11 37.57 -12.48
C SER C 487 -24.67 37.00 -13.84
N ALA C 488 -25.15 37.62 -14.92
CA ALA C 488 -24.77 37.26 -16.31
C ALA C 488 -25.03 38.41 -17.29
N LYS C 489 -24.65 38.19 -18.55
CA LYS C 489 -24.74 39.25 -19.59
C LYS C 489 -26.05 39.22 -20.43
N ASN C 490 -26.75 38.08 -20.49
CA ASN C 490 -28.11 38.04 -21.09
C ASN C 490 -29.06 36.97 -20.45
N GLU C 491 -30.33 37.02 -20.86
CA GLU C 491 -31.43 36.24 -20.27
C GLU C 491 -31.16 34.76 -20.05
N GLN C 492 -30.77 34.06 -21.12
CA GLN C 492 -30.82 32.59 -21.14
C GLN C 492 -29.63 31.95 -20.41
N ARG C 493 -28.59 32.72 -20.12
CA ARG C 493 -27.41 32.21 -19.43
C ARG C 493 -27.62 32.10 -17.92
N LEU C 494 -28.54 32.91 -17.40
CA LEU C 494 -28.99 32.80 -16.01
C LEU C 494 -29.80 31.53 -15.69
N GLN C 495 -30.46 30.95 -16.69
CA GLN C 495 -31.00 29.58 -16.57
C GLN C 495 -29.93 28.47 -16.33
N LYS C 496 -28.68 28.71 -16.70
CA LYS C 496 -27.62 27.70 -16.63
C LYS C 496 -26.67 27.93 -15.47
N ARG C 497 -26.13 29.14 -15.37
CA ARG C 497 -25.35 29.58 -14.22
C ARG C 497 -25.88 29.08 -12.85
N ALA C 498 -27.20 29.05 -12.70
CA ALA C 498 -27.85 28.41 -11.57
C ALA C 498 -27.80 26.90 -11.71
N LYS C 499 -28.22 26.38 -12.87
CA LYS C 499 -28.22 24.93 -13.11
C LYS C 499 -26.90 24.24 -12.81
N ARG C 500 -25.80 24.89 -13.19
CA ARG C 500 -24.45 24.38 -12.91
C ARG C 500 -24.09 24.51 -11.43
N LEU C 501 -24.59 25.55 -10.76
CA LEU C 501 -24.49 25.64 -9.30
C LEU C 501 -25.42 24.63 -8.60
N LEU C 502 -26.57 24.34 -9.21
CA LEU C 502 -27.47 23.27 -8.73
C LEU C 502 -26.77 21.92 -8.77
N ASP C 503 -26.28 21.52 -9.95
CA ASP C 503 -25.68 20.19 -10.16
C ASP C 503 -24.44 19.92 -9.29
N ALA C 504 -23.80 20.98 -8.80
CA ALA C 504 -22.74 20.87 -7.80
C ALA C 504 -23.32 20.53 -6.43
N LEU C 505 -24.36 21.24 -6.03
CA LEU C 505 -25.02 21.05 -4.73
C LEU C 505 -25.87 19.77 -4.69
N ARG C 506 -26.35 19.34 -5.86
CA ARG C 506 -26.90 17.99 -6.13
C ARG C 506 -25.95 16.88 -5.62
N SER C 507 -24.72 16.90 -6.15
CA SER C 507 -23.69 15.90 -5.80
C SER C 507 -23.10 16.10 -4.40
N GLY C 508 -23.28 17.30 -3.84
CA GLY C 508 -22.96 17.57 -2.44
C GLY C 508 -21.48 17.79 -2.22
N ARG C 509 -20.84 18.52 -3.13
CA ARG C 509 -19.39 18.71 -3.06
C ARG C 509 -18.95 19.54 -1.82
N TYR C 510 -19.85 20.40 -1.30
CA TYR C 510 -19.62 21.23 -0.10
C TYR C 510 -20.72 20.99 0.89
N ARG C 511 -20.49 21.36 2.15
CA ARG C 511 -21.45 21.08 3.25
C ARG C 511 -22.06 22.38 3.84
N GLU C 512 -22.96 22.25 4.83
CA GLU C 512 -23.60 23.41 5.50
C GLU C 512 -22.60 24.40 6.14
N ALA C 513 -21.46 23.90 6.64
CA ALA C 513 -20.48 24.71 7.40
C ALA C 513 -19.97 25.96 6.69
N ASP C 514 -19.90 25.92 5.36
CA ASP C 514 -19.29 26.94 4.52
C ASP C 514 -20.25 27.85 3.76
N LEU C 515 -21.48 27.97 4.24
CA LEU C 515 -22.49 28.84 3.62
C LEU C 515 -22.25 30.36 3.53
N SER C 516 -21.37 30.85 4.38
CA SER C 516 -20.95 32.26 4.40
C SER C 516 -19.85 32.43 3.37
N ARG C 517 -19.04 31.38 3.25
CA ARG C 517 -17.97 31.31 2.26
C ARG C 517 -18.51 31.34 0.83
N ILE C 518 -19.56 30.57 0.55
CA ILE C 518 -20.18 30.51 -0.78
C ILE C 518 -20.77 31.86 -1.17
N ALA C 519 -21.48 32.47 -0.22
CA ALA C 519 -22.08 33.79 -0.41
C ALA C 519 -21.01 34.84 -0.72
N TYR C 520 -20.02 34.92 0.18
CA TYR C 520 -18.90 35.87 0.09
C TYR C 520 -18.22 35.87 -1.29
N THR C 521 -17.99 34.67 -1.82
CA THR C 521 -17.40 34.51 -3.14
C THR C 521 -18.23 35.19 -4.20
N LEU C 522 -19.50 34.82 -4.27
CA LEU C 522 -20.41 35.29 -5.33
C LEU C 522 -20.68 36.80 -5.29
N GLN C 523 -20.39 37.43 -4.15
CA GLN C 523 -20.52 38.86 -3.98
C GLN C 523 -19.29 39.61 -4.50
N VAL C 524 -18.14 39.37 -3.88
CA VAL C 524 -16.92 40.16 -4.17
C VAL C 524 -16.07 39.58 -5.31
N GLY C 525 -16.04 38.26 -5.43
CA GLY C 525 -15.21 37.58 -6.44
C GLY C 525 -15.97 37.01 -7.63
N ARG C 526 -17.06 37.68 -8.01
CA ARG C 526 -17.74 37.44 -9.27
C ARG C 526 -18.13 38.77 -9.88
N GLU C 527 -18.09 38.87 -11.20
CA GLU C 527 -18.36 40.17 -11.87
C GLU C 527 -19.84 40.56 -11.75
N PRO C 528 -20.10 41.83 -11.42
CA PRO C 528 -21.47 42.33 -11.41
C PRO C 528 -21.93 42.64 -12.84
N MET C 529 -22.39 41.59 -13.53
CA MET C 529 -22.83 41.71 -14.93
C MET C 529 -24.20 42.35 -15.08
N GLU C 530 -24.63 42.54 -16.34
CA GLU C 530 -25.83 43.32 -16.71
C GLU C 530 -27.15 42.74 -16.15
N GLU C 531 -27.43 41.47 -16.46
CA GLU C 531 -28.59 40.74 -15.91
C GLU C 531 -28.25 40.11 -14.57
N ARG C 532 -29.23 40.01 -13.67
CA ARG C 532 -28.97 39.68 -12.27
C ARG C 532 -30.03 38.80 -11.60
N LEU C 533 -29.66 38.25 -10.45
CA LEU C 533 -30.54 37.46 -9.55
C LEU C 533 -29.89 37.20 -8.19
N GLY C 534 -30.65 37.29 -7.11
CA GLY C 534 -30.20 36.85 -5.78
C GLY C 534 -31.26 36.11 -4.97
N MET C 535 -30.86 35.54 -3.83
CA MET C 535 -31.78 34.83 -2.91
C MET C 535 -31.31 34.91 -1.46
N ILE C 536 -32.25 34.70 -0.54
CA ILE C 536 -32.01 34.69 0.92
C ILE C 536 -32.02 33.28 1.51
N VAL C 537 -30.97 32.92 2.26
CA VAL C 537 -30.87 31.61 2.91
C VAL C 537 -30.29 31.71 4.32
N SER C 538 -30.61 30.74 5.16
CA SER C 538 -29.96 30.53 6.46
C SER C 538 -29.39 29.11 6.67
N ASN C 539 -29.39 28.29 5.62
CA ASN C 539 -28.91 26.89 5.66
C ASN C 539 -28.82 26.34 4.22
N LEU C 540 -28.25 25.15 4.07
CA LEU C 540 -27.94 24.59 2.75
C LEU C 540 -29.18 23.95 2.08
N ARG C 541 -30.26 23.72 2.83
CA ARG C 541 -31.45 23.00 2.30
C ARG C 541 -32.39 23.92 1.50
N GLU C 542 -32.64 25.13 2.02
CA GLU C 542 -33.38 26.17 1.28
C GLU C 542 -32.60 26.73 0.08
N LEU C 543 -31.35 26.29 -0.09
CA LEU C 543 -30.61 26.55 -1.33
C LEU C 543 -31.21 25.82 -2.53
N GLU C 544 -31.60 24.55 -2.33
CA GLU C 544 -31.95 23.68 -3.45
C GLU C 544 -33.44 23.86 -3.74
N GLU C 545 -34.22 24.04 -2.68
CA GLU C 545 -35.65 24.39 -2.77
C GLU C 545 -35.94 25.56 -3.72
N LYS C 546 -34.99 26.48 -3.85
CA LYS C 546 -35.06 27.54 -4.84
C LYS C 546 -34.56 27.13 -6.20
N LEU C 547 -33.33 26.63 -6.25
CA LEU C 547 -32.66 26.37 -7.53
C LEU C 547 -33.48 25.47 -8.45
N ASP C 548 -34.13 24.45 -7.89
CA ASP C 548 -35.00 23.54 -8.66
C ASP C 548 -36.23 24.24 -9.26
N GLU C 549 -36.70 25.30 -8.60
CA GLU C 549 -37.86 26.07 -9.08
C GLU C 549 -37.54 26.88 -10.34
N PHE C 550 -36.28 27.32 -10.50
CA PHE C 550 -35.87 28.03 -11.73
C PHE C 550 -35.74 27.09 -12.91
N THR C 551 -35.16 25.91 -12.66
CA THR C 551 -35.07 24.84 -13.65
C THR C 551 -36.45 24.19 -13.92
N GLY C 552 -37.38 24.26 -13.01
CA GLY C 552 -38.73 23.71 -13.21
C GLY C 552 -38.95 25.16 -12.85
N GLY C 553 -39.27 25.85 -13.95
CA GLY C 553 -39.58 27.25 -14.09
C GLY C 553 -41.02 27.59 -13.83
N LYS C 554 -41.31 28.84 -14.12
CA LYS C 554 -42.65 29.39 -14.00
C LYS C 554 -43.11 29.74 -12.60
N GLU C 555 -42.32 29.93 -11.59
CA GLU C 555 -43.05 30.29 -10.39
C GLU C 555 -42.06 31.18 -9.62
N SER C 556 -42.39 32.35 -9.26
CA SER C 556 -41.52 33.30 -8.58
C SER C 556 -42.37 33.84 -7.43
N ILE C 557 -42.60 32.98 -6.46
CA ILE C 557 -43.48 33.30 -5.31
C ILE C 557 -42.71 34.05 -4.20
N ASP C 558 -42.33 35.28 -4.51
CA ASP C 558 -41.76 36.25 -3.55
C ASP C 558 -40.73 35.65 -2.56
N GLN C 559 -39.92 34.70 -3.04
CA GLN C 559 -38.78 34.20 -2.28
C GLN C 559 -37.58 34.46 -3.21
N LEU C 560 -37.70 35.33 -4.17
CA LEU C 560 -36.64 35.67 -5.10
C LEU C 560 -36.90 36.94 -5.87
N TYR C 561 -35.80 37.38 -6.47
CA TYR C 561 -35.64 38.73 -6.91
C TYR C 561 -34.80 38.79 -8.19
N ARG C 562 -35.32 39.47 -9.20
CA ARG C 562 -34.72 39.54 -10.51
C ARG C 562 -34.89 40.91 -11.16
N GLY C 563 -33.86 41.39 -11.83
CA GLY C 563 -33.90 42.72 -12.45
C GLY C 563 -32.78 42.98 -13.45
N GLN C 564 -32.60 44.25 -13.83
CA GLN C 564 -31.53 44.67 -14.76
C GLN C 564 -30.94 46.02 -14.36
N GLN C 567 -31.10 49.35 -17.60
CA GLN C 567 -32.32 50.18 -17.60
C GLN C 567 -32.36 51.33 -16.56
N ASN C 568 -32.24 50.99 -15.28
CA ASN C 568 -32.44 51.97 -14.21
C ASN C 568 -31.16 52.72 -13.78
N LYS C 569 -30.82 53.78 -14.53
CA LYS C 569 -29.52 54.53 -14.45
C LYS C 569 -29.71 56.09 -14.48
N ASP C 570 -30.41 56.52 -13.39
CA ASP C 570 -30.23 57.90 -12.82
C ASP C 570 -29.94 57.61 -11.36
N THR C 571 -30.06 56.38 -10.93
CA THR C 571 -29.64 55.93 -9.61
C THR C 571 -28.11 55.78 -9.46
N MET C 572 -27.42 55.33 -10.53
CA MET C 572 -25.93 55.25 -10.56
C MET C 572 -25.30 56.57 -10.10
N ALA C 573 -25.64 57.66 -10.80
CA ALA C 573 -25.11 58.98 -10.50
C ALA C 573 -25.66 59.57 -9.20
N LEU C 574 -26.88 59.17 -8.84
CA LEU C 574 -27.48 59.49 -7.54
C LEU C 574 -26.72 58.81 -6.39
N PHE C 575 -26.40 57.53 -6.54
CA PHE C 575 -25.85 56.70 -5.45
C PHE C 575 -24.36 56.91 -5.17
N THR C 576 -23.54 57.00 -6.21
CA THR C 576 -22.08 56.97 -6.06
C THR C 576 -21.51 58.25 -5.46
N ALA C 577 -21.84 59.40 -6.05
CA ALA C 577 -21.25 60.69 -5.69
C ALA C 577 -21.98 61.36 -4.53
N ASP C 578 -21.92 60.74 -3.36
CA ASP C 578 -22.64 61.21 -2.17
C ASP C 578 -22.16 60.42 -0.94
N GLU C 579 -22.04 61.13 0.18
CA GLU C 579 -21.59 60.53 1.45
C GLU C 579 -22.72 59.93 2.30
N ASP C 580 -23.93 60.52 2.22
CA ASP C 580 -25.06 60.18 3.09
C ASP C 580 -25.71 58.81 2.73
N MET C 581 -25.88 58.53 1.44
CA MET C 581 -26.46 57.25 0.94
C MET C 581 -25.57 56.05 1.23
N GLU C 582 -24.27 56.29 1.36
CA GLU C 582 -23.33 55.24 1.75
C GLU C 582 -23.47 54.95 3.26
N LYS C 583 -23.85 55.97 4.04
CA LYS C 583 -24.22 55.77 5.46
C LYS C 583 -25.54 54.99 5.63
N THR C 584 -26.39 55.00 4.61
CA THR C 584 -27.66 54.24 4.63
C THR C 584 -27.41 52.79 4.30
N ILE C 585 -26.48 52.54 3.40
CA ILE C 585 -26.03 51.17 3.11
C ILE C 585 -25.26 50.65 4.34
N GLU C 586 -24.45 51.51 4.96
CA GLU C 586 -23.84 51.21 6.27
C GLU C 586 -24.91 50.92 7.33
N ALA C 587 -25.94 51.77 7.38
CA ALA C 587 -27.04 51.63 8.33
C ALA C 587 -27.96 50.46 7.98
N TRP C 588 -27.88 49.98 6.74
CA TRP C 588 -28.55 48.74 6.38
C TRP C 588 -28.02 47.51 7.05
N LEU C 589 -26.68 47.41 7.10
CA LEU C 589 -26.03 46.21 7.70
C LEU C 589 -26.30 46.18 9.22
N GLU C 590 -26.35 47.36 9.85
CA GLU C 590 -26.70 47.51 11.28
C GLU C 590 -27.93 46.67 11.70
N LYS C 591 -29.00 46.78 10.91
CA LYS C 591 -30.23 45.98 11.12
C LYS C 591 -30.11 44.57 10.61
N GLY C 592 -29.75 44.45 9.34
CA GLY C 592 -29.60 43.16 8.67
C GLY C 592 -30.88 42.57 8.09
N LYS C 593 -31.90 43.40 7.86
CA LYS C 593 -33.11 42.96 7.15
C LYS C 593 -32.79 42.76 5.68
N ALA C 594 -32.95 41.53 5.22
CA ALA C 594 -32.26 41.05 4.03
C ALA C 594 -32.96 41.39 2.71
N ALA C 595 -34.18 40.88 2.56
CA ALA C 595 -34.95 40.98 1.29
C ALA C 595 -35.07 42.39 0.72
N LYS C 596 -35.16 43.38 1.61
CA LYS C 596 -35.42 44.77 1.22
C LYS C 596 -34.27 45.39 0.43
N VAL C 597 -33.04 44.95 0.69
CA VAL C 597 -31.86 45.45 -0.03
C VAL C 597 -31.67 44.73 -1.36
N LEU C 598 -31.92 43.43 -1.38
CA LEU C 598 -31.72 42.63 -2.58
C LEU C 598 -32.61 43.06 -3.78
N GLU C 599 -33.74 43.70 -3.49
CA GLU C 599 -34.56 44.37 -4.53
C GLU C 599 -33.76 45.45 -5.25
N LEU C 600 -32.90 46.14 -4.50
CA LEU C 600 -32.13 47.28 -4.94
C LEU C 600 -30.82 46.85 -5.64
N TRP C 601 -30.30 45.68 -5.26
CA TRP C 601 -29.13 45.10 -5.93
C TRP C 601 -29.46 44.68 -7.35
N VAL C 602 -30.53 43.91 -7.52
CA VAL C 602 -30.95 43.43 -8.85
C VAL C 602 -31.29 44.57 -9.81
N LYS C 603 -31.75 45.71 -9.26
CA LYS C 603 -32.04 46.92 -10.05
C LYS C 603 -30.56 47.01 -9.60
N GLY C 604 -29.75 47.72 -10.38
CA GLY C 604 -28.32 47.90 -10.10
C GLY C 604 -28.10 48.94 -9.03
N LEU C 605 -27.74 48.44 -7.82
CA LEU C 605 -27.08 49.25 -6.82
C LEU C 605 -25.69 48.64 -7.01
N PRO C 606 -24.63 49.51 -7.03
CA PRO C 606 -23.28 48.99 -6.82
C PRO C 606 -22.99 49.27 -5.35
N LEU C 607 -22.27 48.35 -4.72
CA LEU C 607 -22.08 48.32 -3.31
C LEU C 607 -20.67 47.92 -2.96
N ASN C 608 -20.13 48.51 -1.91
CA ASN C 608 -18.87 48.08 -1.34
C ASN C 608 -19.19 46.95 -0.35
N TRP C 609 -19.02 45.71 -0.77
CA TRP C 609 -19.44 44.54 0.01
C TRP C 609 -18.55 44.12 1.19
N ASP C 610 -17.42 44.80 1.39
CA ASP C 610 -16.43 44.47 2.46
C ASP C 610 -16.97 44.90 3.85
N LYS C 611 -17.96 45.80 3.83
CA LYS C 611 -18.57 46.34 5.04
C LYS C 611 -18.68 45.28 6.13
N LEU C 612 -19.24 44.14 5.76
CA LEU C 612 -19.40 43.07 6.74
C LEU C 612 -18.20 42.55 7.51
N TYR C 613 -18.22 42.53 8.79
CA TYR C 613 -17.12 41.99 9.58
C TYR C 613 -17.23 40.80 10.53
N GLN C 614 -18.21 39.95 10.26
CA GLN C 614 -18.42 38.77 11.10
C GLN C 614 -17.13 38.17 11.62
N PRO C 618 -13.39 36.53 5.84
CA PRO C 618 -13.54 35.13 5.43
C PRO C 618 -12.38 34.66 4.55
N GLN C 619 -12.67 33.77 3.62
CA GLN C 619 -11.65 33.25 2.70
C GLN C 619 -12.57 32.84 1.56
N LYS C 620 -11.93 32.41 0.47
CA LYS C 620 -12.60 31.95 -0.74
C LYS C 620 -13.11 30.49 -0.87
N ILE C 621 -13.79 30.17 -1.98
CA ILE C 621 -14.17 28.79 -2.32
C ILE C 621 -13.91 28.52 -3.82
N SER C 622 -14.19 27.28 -4.23
CA SER C 622 -14.15 26.86 -5.63
C SER C 622 -15.60 26.77 -6.02
N LEU C 623 -16.09 27.72 -6.81
CA LEU C 623 -17.43 27.64 -7.39
C LEU C 623 -17.35 27.53 -8.91
N PRO C 624 -18.41 27.00 -9.56
CA PRO C 624 -18.45 26.84 -11.01
C PRO C 624 -18.33 28.16 -11.76
N ALA C 625 -17.43 28.21 -12.74
CA ALA C 625 -17.19 29.42 -13.52
C ALA C 625 -18.42 29.70 -14.36
N TYR C 626 -18.46 30.82 -14.99
CA TYR C 626 -19.72 31.30 -15.58
C TYR C 626 -20.11 30.47 -16.82
N PRO C 627 -21.37 30.60 -17.26
CA PRO C 627 -21.79 29.95 -18.49
C PRO C 627 -21.15 30.50 -19.77
N PHE C 628 -20.92 29.58 -20.72
CA PHE C 628 -20.20 29.83 -21.98
C PHE C 628 -21.08 29.58 -23.19
N ALA C 629 -21.17 30.53 -24.14
CA ALA C 629 -22.02 30.37 -25.34
C ALA C 629 -21.48 29.32 -26.33
N LYS C 630 -22.36 28.92 -27.26
CA LYS C 630 -22.13 27.78 -28.15
C LYS C 630 -22.15 28.13 -29.67
N ASP C 631 -21.62 29.29 -30.03
CA ASP C 631 -21.57 29.73 -31.44
C ASP C 631 -20.31 29.19 -32.13
N ARG C 632 -20.47 28.70 -33.37
CA ARG C 632 -19.39 28.09 -34.15
C ARG C 632 -18.70 28.88 -35.29
N TYR C 633 -17.42 29.22 -35.11
CA TYR C 633 -16.66 30.07 -36.04
C TYR C 633 -15.53 29.25 -36.71
N TRP C 634 -15.31 29.41 -37.97
CA TRP C 634 -14.39 28.59 -38.77
C TRP C 634 -14.28 29.26 -40.16
N ILE C 635 -13.40 28.73 -41.02
CA ILE C 635 -13.11 29.30 -42.35
C ILE C 635 -13.89 28.67 -43.51
N ASP C 636 -14.02 29.41 -44.62
CA ASP C 636 -14.66 28.83 -45.83
C ASP C 636 -13.91 27.62 -46.36
N GLU D 25 20.64 42.05 -4.30
CA GLU D 25 21.83 41.65 -5.12
C GLU D 25 21.71 42.20 -6.54
N ARG D 26 21.92 43.52 -6.71
CA ARG D 26 21.77 44.18 -8.02
C ARG D 26 23.10 44.13 -8.82
N GLU D 27 23.35 43.01 -9.50
CA GLU D 27 24.65 42.76 -10.18
C GLU D 27 24.52 43.11 -11.66
N ASP D 28 25.54 43.76 -12.19
CA ASP D 28 25.52 44.19 -13.59
C ASP D 28 25.74 42.98 -14.47
N ILE D 29 25.24 43.03 -15.70
CA ILE D 29 25.54 42.04 -16.72
C ILE D 29 26.45 42.64 -17.79
N ALA D 30 27.55 41.97 -18.07
CA ALA D 30 28.47 42.36 -19.13
C ALA D 30 28.11 41.64 -20.42
N ILE D 31 28.20 42.36 -21.54
CA ILE D 31 28.02 41.80 -22.87
C ILE D 31 29.43 41.66 -23.43
N ILE D 32 29.80 40.43 -23.76
CA ILE D 32 31.17 40.15 -24.16
C ILE D 32 31.33 39.76 -25.63
N GLY D 33 30.30 39.18 -26.23
CA GLY D 33 30.32 38.79 -27.64
C GLY D 33 29.07 39.27 -28.33
N ILE D 34 29.23 39.72 -29.57
CA ILE D 34 28.10 40.14 -30.40
C ILE D 34 28.30 39.68 -31.84
N SER D 35 27.19 39.56 -32.56
CA SER D 35 27.19 39.34 -34.01
C SER D 35 25.77 39.48 -34.52
N GLY D 36 25.62 39.49 -35.84
CA GLY D 36 24.30 39.55 -36.45
C GLY D 36 24.41 39.80 -37.94
N ARG D 37 23.34 39.66 -38.65
CA ARG D 37 23.29 39.76 -40.10
C ARG D 37 22.01 40.55 -40.38
N TYR D 38 22.19 41.71 -41.00
CA TYR D 38 21.10 42.64 -41.29
C TYR D 38 21.23 43.10 -42.76
N PRO D 39 20.15 43.71 -43.32
CA PRO D 39 20.15 44.13 -44.73
C PRO D 39 21.42 44.85 -45.20
N GLN D 40 22.00 44.37 -46.29
CA GLN D 40 23.25 44.89 -46.85
C GLN D 40 24.38 44.92 -45.81
N ALA D 41 24.42 43.89 -44.95
CA ALA D 41 25.48 43.76 -43.94
C ALA D 41 25.94 42.30 -43.84
N GLU D 42 27.13 42.04 -44.37
CA GLU D 42 27.77 40.73 -44.29
C GLU D 42 28.22 40.43 -42.85
N ASN D 43 28.86 41.42 -42.21
CA ASN D 43 29.26 41.35 -40.80
C ASN D 43 29.00 42.68 -40.10
N LEU D 44 29.27 42.72 -38.79
CA LEU D 44 29.11 43.93 -37.98
C LEU D 44 29.98 45.09 -38.45
N GLN D 45 31.15 44.77 -38.99
CA GLN D 45 32.07 45.78 -39.50
C GLN D 45 31.37 46.61 -40.58
N GLU D 46 30.81 45.94 -41.59
CA GLU D 46 30.13 46.64 -42.70
C GLU D 46 28.69 47.08 -42.35
N PHE D 47 28.08 46.52 -41.30
CA PHE D 47 26.81 47.07 -40.77
C PHE D 47 27.02 48.49 -40.23
N TRP D 48 28.08 48.66 -39.43
CA TRP D 48 28.46 49.96 -38.90
C TRP D 48 28.72 50.99 -40.01
N LYS D 49 29.38 50.55 -41.10
CA LYS D 49 29.61 51.43 -42.29
C LYS D 49 28.31 52.06 -42.68
N ASN D 50 27.32 51.21 -42.96
CA ASN D 50 26.03 51.66 -43.46
C ASN D 50 25.31 52.60 -42.50
N LEU D 51 25.43 52.32 -41.20
CA LEU D 51 24.86 53.20 -40.17
C LEU D 51 25.60 54.53 -40.10
N SER D 52 26.95 54.48 -40.07
CA SER D 52 27.77 55.69 -40.00
C SER D 52 27.64 56.58 -41.24
N GLU D 53 27.69 55.96 -42.42
CA GLU D 53 27.53 56.71 -43.68
C GLU D 53 26.08 56.23 -43.63
N GLY D 54 25.13 57.17 -43.55
CA GLY D 54 23.71 56.84 -43.48
C GLY D 54 23.57 56.34 -44.90
N THR D 55 23.09 55.13 -45.06
CA THR D 55 22.82 54.55 -46.37
C THR D 55 21.49 53.80 -46.18
N ASP D 56 20.56 54.02 -47.11
CA ASP D 56 19.30 53.28 -47.14
C ASP D 56 19.60 51.85 -47.56
N CYS D 57 19.44 50.92 -46.62
CA CYS D 57 19.71 49.49 -46.87
C CYS D 57 18.48 48.71 -47.39
N ILE D 58 17.34 49.38 -47.52
CA ILE D 58 16.10 48.74 -47.97
C ILE D 58 16.11 48.74 -49.50
N THR D 59 15.81 47.58 -50.10
CA THR D 59 15.93 47.39 -51.56
C THR D 59 14.81 46.52 -52.13
N GLU D 60 14.64 46.56 -53.46
CA GLU D 60 13.61 45.79 -54.20
C GLU D 60 13.61 44.30 -53.89
N ILE D 61 12.44 43.67 -53.91
CA ILE D 61 12.32 42.21 -53.67
C ILE D 61 13.09 41.32 -54.67
N PRO D 62 14.07 40.53 -54.19
CA PRO D 62 14.87 39.71 -55.12
C PRO D 62 14.07 38.69 -55.95
N ASN D 63 14.68 38.28 -57.06
CA ASN D 63 14.07 37.34 -58.01
C ASN D 63 13.98 35.91 -57.45
N ASP D 64 14.89 35.53 -56.53
CA ASP D 64 14.97 34.15 -56.03
C ASP D 64 13.80 33.67 -55.16
N ARG D 65 13.04 34.61 -54.58
CA ARG D 65 12.11 34.26 -53.52
C ARG D 65 10.72 33.89 -54.07
N TRP D 66 9.98 34.87 -54.56
CA TRP D 66 8.71 34.66 -55.25
C TRP D 66 8.65 35.58 -56.48
N ASP D 67 7.52 35.51 -57.18
CA ASP D 67 7.15 36.47 -58.25
C ASP D 67 6.06 37.47 -57.83
N HIS D 68 6.39 38.77 -57.88
CA HIS D 68 5.49 39.85 -57.42
C HIS D 68 4.92 40.74 -58.51
N SER D 69 5.04 40.30 -59.77
CA SER D 69 4.16 40.82 -60.82
C SER D 69 2.76 40.16 -60.74
N LEU D 70 2.61 39.15 -59.87
CA LEU D 70 1.36 38.45 -59.60
C LEU D 70 0.54 38.97 -58.36
N TYR D 71 1.07 39.88 -57.51
CA TYR D 71 0.36 40.37 -56.30
C TYR D 71 0.32 41.91 -56.07
N TYR D 72 0.78 42.73 -57.03
CA TYR D 72 0.93 44.19 -56.81
C TYR D 72 -0.32 45.01 -57.15
N ASP D 73 -0.87 45.77 -56.20
CA ASP D 73 -1.93 46.75 -56.49
C ASP D 73 -2.05 47.91 -55.48
N ALA D 74 -2.68 48.98 -55.96
CA ALA D 74 -3.17 50.13 -55.19
C ALA D 74 -4.21 49.14 -54.51
N ASP D 75 -4.96 49.66 -53.53
CA ASP D 75 -5.99 48.94 -52.72
C ASP D 75 -7.00 48.55 -53.83
N LYS D 76 -7.19 47.24 -53.99
CA LYS D 76 -7.97 46.72 -55.11
C LYS D 76 -9.03 46.12 -54.22
N ASP D 77 -10.29 46.24 -54.60
CA ASP D 77 -11.40 45.85 -53.71
C ASP D 77 -11.76 44.37 -53.93
N LYS D 78 -11.01 43.70 -54.80
CA LYS D 78 -11.13 42.25 -54.99
C LYS D 78 -10.46 41.57 -53.82
N GLU D 79 -10.52 40.24 -53.84
CA GLU D 79 -9.84 39.41 -52.86
C GLU D 79 -8.26 39.59 -52.76
N GLY D 80 -7.64 39.04 -51.79
CA GLY D 80 -6.31 39.52 -51.24
C GLY D 80 -5.25 39.80 -52.31
N LYS D 81 -4.69 41.01 -52.24
CA LYS D 81 -3.58 41.42 -53.09
C LYS D 81 -3.05 42.50 -52.16
N THR D 82 -1.75 42.79 -52.22
CA THR D 82 -1.17 43.86 -51.38
C THR D 82 -0.27 44.86 -52.11
N TYR D 83 0.13 45.89 -51.36
CA TYR D 83 0.81 47.05 -51.89
C TYR D 83 2.28 47.03 -51.40
N GLY D 84 2.69 45.91 -50.83
CA GLY D 84 3.93 45.87 -50.06
C GLY D 84 5.01 45.54 -51.04
N LYS D 85 5.60 46.58 -51.60
CA LYS D 85 6.45 46.41 -52.77
C LYS D 85 7.81 45.88 -52.32
N TRP D 86 8.54 46.64 -51.50
CA TRP D 86 9.92 46.27 -51.16
C TRP D 86 10.26 46.42 -49.68
N GLY D 87 11.35 45.75 -49.28
CA GLY D 87 11.79 45.70 -47.88
C GLY D 87 13.25 45.29 -47.71
N GLY D 88 13.71 45.23 -46.47
CA GLY D 88 15.11 44.90 -46.17
C GLY D 88 15.37 43.41 -46.25
N PHE D 89 16.35 43.01 -47.06
CA PHE D 89 16.67 41.59 -47.28
C PHE D 89 18.17 41.31 -47.32
N LEU D 90 18.52 40.03 -47.19
CA LEU D 90 19.92 39.57 -47.22
C LEU D 90 20.14 38.60 -48.40
N LYS D 91 21.30 38.72 -49.08
CA LYS D 91 21.65 37.89 -50.29
C LYS D 91 21.46 36.38 -50.09
N ASP D 92 22.22 35.88 -49.15
CA ASP D 92 22.38 34.42 -49.01
C ASP D 92 21.57 33.72 -47.87
N VAL D 93 20.36 34.18 -47.52
CA VAL D 93 19.49 33.45 -46.55
C VAL D 93 19.46 31.92 -46.73
N ASP D 94 19.43 31.46 -47.98
CA ASP D 94 19.21 30.02 -48.28
C ASP D 94 20.44 29.08 -48.22
N LYS D 95 21.52 29.51 -47.58
CA LYS D 95 22.81 28.81 -47.65
C LYS D 95 23.30 28.35 -46.28
N PHE D 96 24.02 27.22 -46.23
CA PHE D 96 24.55 26.64 -44.97
C PHE D 96 25.76 25.73 -45.20
N ASP D 97 26.58 25.59 -44.16
CA ASP D 97 27.65 24.59 -44.06
C ASP D 97 27.17 23.43 -43.16
N PRO D 98 26.54 22.40 -43.76
CA PRO D 98 25.95 21.34 -42.94
C PRO D 98 26.96 20.51 -42.14
N GLN D 99 27.96 19.96 -42.82
CA GLN D 99 28.91 19.01 -42.22
C GLN D 99 29.83 19.63 -41.13
N PHE D 100 29.96 20.96 -41.10
CA PHE D 100 30.69 21.65 -40.02
C PHE D 100 30.17 21.30 -38.62
N PHE D 101 28.85 21.21 -38.48
CA PHE D 101 28.21 20.99 -37.20
C PHE D 101 27.85 19.52 -36.94
N SER D 102 28.40 18.59 -37.73
CA SER D 102 28.04 17.18 -37.71
C SER D 102 26.53 16.98 -37.97
N ILE D 103 26.07 17.57 -39.08
CA ILE D 103 24.70 17.40 -39.58
C ILE D 103 24.77 17.00 -41.05
N SER D 104 24.03 15.95 -41.43
CA SER D 104 24.08 15.42 -42.79
C SER D 104 23.29 16.30 -43.77
N PRO D 105 23.75 16.40 -45.04
CA PRO D 105 23.03 17.19 -46.06
C PRO D 105 21.57 16.81 -46.31
N ARG D 106 21.23 15.53 -46.17
CA ARG D 106 19.84 15.08 -46.39
C ARG D 106 18.86 15.46 -45.28
N ASP D 107 19.38 15.79 -44.10
CA ASP D 107 18.60 16.44 -43.03
C ASP D 107 18.70 17.97 -43.04
N ALA D 108 19.66 18.49 -43.82
CA ALA D 108 19.75 19.93 -44.08
C ALA D 108 18.78 20.37 -45.19
N LYS D 109 18.24 19.42 -45.94
CA LYS D 109 17.15 19.73 -46.89
C LYS D 109 16.50 19.52 -45.51
N LEU D 110 15.17 19.61 -45.46
CA LEU D 110 14.44 19.49 -44.19
C LEU D 110 14.82 20.56 -43.18
N MET D 111 15.04 21.77 -43.54
CA MET D 111 15.74 22.71 -42.67
C MET D 111 14.90 23.95 -42.64
N ASP D 112 15.05 24.70 -41.55
CA ASP D 112 14.48 26.03 -41.39
C ASP D 112 15.61 27.06 -41.46
N PRO D 113 15.52 28.00 -42.41
CA PRO D 113 16.44 29.14 -42.43
C PRO D 113 16.61 29.87 -41.11
N GLN D 114 15.53 29.96 -40.36
CA GLN D 114 15.54 30.50 -39.01
C GLN D 114 16.61 29.82 -38.12
N GLU D 115 16.69 28.49 -38.16
CA GLU D 115 17.54 27.74 -37.21
C GLU D 115 19.00 27.78 -37.61
N ARG D 116 19.29 27.63 -38.90
CA ARG D 116 20.67 27.75 -39.39
C ARG D 116 21.21 29.14 -39.08
N LEU D 117 20.51 30.17 -39.54
CA LEU D 117 21.02 31.55 -39.43
C LEU D 117 21.43 31.89 -38.02
N PHE D 118 20.68 31.40 -37.03
CA PHE D 118 21.02 31.60 -35.63
C PHE D 118 22.24 30.79 -35.24
N LEU D 119 22.18 29.47 -35.37
CA LEU D 119 23.35 28.60 -35.14
C LEU D 119 24.65 29.21 -35.65
N GLN D 120 24.63 29.56 -36.92
CA GLN D 120 25.77 30.17 -37.60
C GLN D 120 26.20 31.47 -36.91
N CYS D 121 25.21 32.29 -36.51
CA CYS D 121 25.48 33.58 -35.84
C CYS D 121 25.60 33.47 -34.30
N VAL D 122 25.31 32.31 -33.71
CA VAL D 122 25.76 32.00 -32.34
C VAL D 122 27.24 31.69 -32.40
N TYR D 123 27.62 30.86 -33.37
CA TYR D 123 29.00 30.45 -33.52
C TYR D 123 29.96 31.60 -33.89
N GLU D 124 29.47 32.64 -34.58
CA GLU D 124 30.29 33.89 -34.77
C GLU D 124 30.34 34.66 -33.45
N THR D 125 29.24 34.67 -32.69
CA THR D 125 29.23 35.30 -31.37
C THR D 125 30.18 34.61 -30.39
N MET D 126 30.21 33.27 -30.42
CA MET D 126 31.22 32.52 -29.68
C MET D 126 32.63 33.08 -29.85
N GLU D 127 33.05 33.29 -31.10
CA GLU D 127 34.45 33.59 -31.40
C GLU D 127 34.77 35.07 -31.37
N ASP D 128 33.76 35.91 -31.61
CA ASP D 128 33.90 37.36 -31.42
C ASP D 128 34.08 37.68 -29.93
N ALA D 129 33.39 36.90 -29.09
CA ALA D 129 33.61 36.89 -27.64
C ALA D 129 34.98 36.34 -27.33
N GLY D 130 35.36 35.29 -28.07
CA GLY D 130 36.70 34.72 -27.99
C GLY D 130 36.79 33.49 -27.10
N TYR D 131 35.76 32.66 -27.12
CA TYR D 131 35.66 31.47 -26.28
C TYR D 131 35.47 30.22 -27.14
N THR D 132 36.05 29.09 -26.74
CA THR D 132 36.07 27.87 -27.59
C THR D 132 34.84 26.98 -27.28
N ARG D 133 34.54 25.96 -28.10
CA ARG D 133 33.50 24.98 -27.70
C ARG D 133 33.91 24.07 -26.54
N LYS D 134 35.23 24.22 -26.12
CA LYS D 134 35.66 23.81 -24.78
C LYS D 134 34.99 24.96 -24.14
N LYS D 135 34.24 24.68 -23.10
CA LYS D 135 33.63 25.75 -22.34
C LYS D 135 33.73 25.04 -21.01
N LEU D 136 33.23 25.58 -20.00
CA LEU D 136 33.19 25.05 -18.65
C LEU D 136 32.24 23.92 -18.12
N THR D 137 31.36 23.38 -18.93
CA THR D 137 30.11 22.78 -18.41
C THR D 137 29.87 21.26 -18.36
N GLU D 138 30.69 20.46 -18.81
CA GLU D 138 30.37 19.10 -19.31
C GLU D 138 29.87 18.37 -18.04
N LYS D 139 28.70 17.74 -18.07
CA LYS D 139 27.99 17.27 -16.85
C LYS D 139 28.71 16.24 -16.01
N SER D 140 29.88 15.75 -16.42
CA SER D 140 30.67 14.90 -15.49
C SER D 140 31.07 15.54 -14.12
N GLY D 141 31.54 16.79 -14.12
CA GLY D 141 31.98 17.52 -12.94
C GLY D 141 31.54 18.97 -13.10
N ASP D 142 30.64 19.46 -12.25
CA ASP D 142 30.17 20.85 -12.35
C ASP D 142 31.48 21.61 -12.10
N LEU D 143 31.95 22.40 -13.04
CA LEU D 143 33.18 23.20 -12.92
C LEU D 143 33.17 24.14 -14.14
N ASN D 147 26.30 24.37 -19.72
CA ASN D 147 25.60 25.08 -18.62
C ASN D 147 25.49 26.54 -18.99
N VAL D 148 24.81 26.74 -20.10
CA VAL D 148 24.69 28.03 -20.76
C VAL D 148 23.27 28.22 -21.27
N GLY D 149 22.70 29.38 -20.97
CA GLY D 149 21.37 29.71 -21.42
C GLY D 149 21.35 30.08 -22.89
N VAL D 150 20.24 29.76 -23.53
CA VAL D 150 19.95 30.25 -24.87
C VAL D 150 18.53 30.83 -24.82
N TYR D 151 18.41 32.10 -25.20
CA TYR D 151 17.12 32.78 -25.26
C TYR D 151 17.04 33.53 -26.58
N VAL D 152 16.22 33.02 -27.48
CA VAL D 152 15.97 33.67 -28.74
C VAL D 152 14.47 33.84 -28.91
N GLY D 153 14.07 34.92 -29.57
CA GLY D 153 12.66 35.28 -29.71
C GLY D 153 12.28 35.40 -31.15
N VAL D 154 11.48 34.47 -31.63
CA VAL D 154 11.21 34.32 -33.05
C VAL D 154 9.71 34.34 -33.41
N MET D 155 9.42 34.18 -34.72
CA MET D 155 8.07 34.11 -35.32
C MET D 155 7.82 32.78 -36.11
N TYR D 156 6.55 32.38 -36.28
CA TYR D 156 6.19 31.18 -37.11
C TYR D 156 5.52 31.42 -38.51
N GLU D 157 6.39 31.60 -39.52
CA GLU D 157 6.01 32.06 -40.89
C GLU D 157 6.30 31.13 -42.11
N GLU D 158 7.41 30.39 -42.06
CA GLU D 158 8.28 30.24 -43.25
C GLU D 158 8.15 29.10 -44.26
N TYR D 159 8.03 27.90 -43.73
CA TYR D 159 8.06 26.67 -44.50
C TYR D 159 6.93 25.77 -44.19
N GLN D 160 6.11 26.17 -43.21
CA GLN D 160 4.92 25.43 -42.85
C GLN D 160 3.98 25.44 -44.07
N LEU D 161 3.97 26.55 -44.80
CA LEU D 161 3.10 26.70 -45.98
C LEU D 161 3.54 26.07 -47.32
N TYR D 162 4.81 25.67 -47.46
CA TYR D 162 5.26 25.10 -48.72
C TYR D 162 5.29 23.58 -48.73
N GLY D 163 4.69 23.01 -47.71
CA GLY D 163 4.47 21.59 -47.62
C GLY D 163 3.07 21.95 -48.05
N ALA D 164 2.73 21.86 -49.23
CA ALA D 164 1.41 22.19 -49.60
C ALA D 164 0.94 20.86 -49.07
N GLU D 165 1.38 19.77 -49.69
CA GLU D 165 0.91 18.46 -49.24
C GLU D 165 1.75 17.19 -49.44
N GLU D 166 3.08 17.26 -49.63
CA GLU D 166 3.77 15.97 -49.73
C GLU D 166 5.03 16.05 -48.84
N GLN D 167 5.55 14.92 -48.46
CA GLN D 167 6.73 14.72 -47.57
C GLN D 167 7.24 13.32 -48.06
N ALA D 168 8.25 12.74 -47.40
CA ALA D 168 8.76 11.39 -47.76
C ALA D 168 9.60 10.69 -46.64
N ARG D 169 10.21 9.56 -47.00
CA ARG D 169 11.40 9.09 -46.31
C ARG D 169 12.34 10.24 -45.96
N GLY D 177 8.90 21.60 -37.10
CA GLY D 177 7.55 22.09 -37.07
C GLY D 177 7.39 23.10 -35.97
N ASN D 178 8.52 23.63 -35.46
CA ASN D 178 8.59 24.25 -34.14
C ASN D 178 9.58 25.44 -34.09
N PRO D 179 9.18 26.56 -33.42
CA PRO D 179 10.16 27.60 -33.10
C PRO D 179 11.20 27.23 -32.03
N SER D 180 10.86 26.30 -31.14
CA SER D 180 11.76 25.90 -30.06
C SER D 180 13.07 25.31 -30.61
N SER D 181 12.95 24.51 -31.67
CA SER D 181 14.11 23.89 -32.34
C SER D 181 15.30 24.83 -32.60
N ILE D 182 15.02 26.11 -32.80
CA ILE D 182 16.06 27.13 -33.01
C ILE D 182 17.08 27.15 -31.87
N ALA D 183 16.58 27.43 -30.66
CA ALA D 183 17.43 27.46 -29.47
C ALA D 183 17.90 26.07 -29.09
N ASN D 184 17.04 25.08 -29.27
CA ASN D 184 17.32 23.71 -28.83
C ASN D 184 18.43 23.03 -29.62
N ARG D 185 18.52 23.31 -30.91
CA ARG D 185 19.66 22.81 -31.71
C ARG D 185 20.93 23.49 -31.25
N ALA D 186 20.89 24.80 -31.11
CA ALA D 186 22.06 25.57 -30.69
C ALA D 186 22.66 25.04 -29.40
N SER D 187 21.80 24.70 -28.44
CA SER D 187 22.22 24.08 -27.18
C SER D 187 22.74 22.65 -27.38
N TYR D 188 22.02 21.85 -28.18
CA TYR D 188 22.39 20.45 -28.42
C TYR D 188 23.74 20.32 -29.13
N VAL D 189 23.89 21.08 -30.21
CA VAL D 189 25.07 20.99 -31.06
C VAL D 189 26.32 21.38 -30.28
N PHE D 190 26.31 22.57 -29.69
CA PHE D 190 27.48 23.07 -28.95
C PHE D 190 27.58 22.47 -27.54
N GLY D 191 26.51 21.83 -27.07
CA GLY D 191 26.56 21.04 -25.84
C GLY D 191 26.43 21.87 -24.59
N PHE D 192 25.41 22.73 -24.56
CA PHE D 192 25.08 23.54 -23.40
C PHE D 192 24.02 22.84 -22.55
N ASN D 193 24.20 22.90 -21.23
CA ASN D 193 23.30 22.35 -20.22
C ASN D 193 22.44 23.42 -19.55
N GLY D 194 22.04 24.43 -20.30
CA GLY D 194 21.26 25.52 -19.74
C GLY D 194 20.04 25.81 -20.59
N PRO D 195 19.04 26.50 -20.00
CA PRO D 195 17.72 26.66 -20.59
C PRO D 195 17.76 27.09 -22.05
N SER D 196 16.87 26.51 -22.84
CA SER D 196 16.80 26.77 -24.27
C SER D 196 15.33 27.02 -24.63
N MET D 197 15.06 28.23 -25.13
CA MET D 197 13.71 28.81 -25.23
C MET D 197 13.46 29.66 -26.48
N ALA D 198 12.28 29.50 -27.10
CA ALA D 198 11.80 30.37 -28.18
C ALA D 198 10.62 31.17 -27.64
N LEU D 199 10.87 32.45 -27.36
CA LEU D 199 9.86 33.35 -26.81
C LEU D 199 9.05 33.92 -27.95
N ASP D 200 7.98 34.64 -27.61
CA ASP D 200 7.23 35.41 -28.58
C ASP D 200 6.49 36.59 -27.95
N THR D 201 6.97 37.78 -28.27
CA THR D 201 6.25 39.03 -28.08
C THR D 201 6.39 39.77 -29.40
N MET D 202 5.26 40.23 -29.96
CA MET D 202 5.18 40.58 -31.39
C MET D 202 6.41 41.29 -31.97
N CYS D 203 6.74 42.48 -31.45
CA CYS D 203 7.90 43.24 -31.93
C CYS D 203 9.18 43.04 -31.08
N SER D 204 9.01 43.06 -29.76
CA SER D 204 10.13 43.14 -28.81
C SER D 204 10.62 41.79 -28.30
N SER D 205 10.44 40.72 -29.09
CA SER D 205 10.82 39.36 -28.69
C SER D 205 12.29 39.28 -28.34
N SER D 206 13.14 39.73 -29.26
CA SER D 206 14.59 39.83 -29.04
C SER D 206 14.93 40.47 -27.70
N LEU D 207 14.25 41.58 -27.40
CA LEU D 207 14.52 42.36 -26.21
C LEU D 207 13.95 41.72 -24.93
N THR D 208 12.92 40.89 -25.06
CA THR D 208 12.42 40.08 -23.93
C THR D 208 13.44 39.01 -23.55
N ALA D 209 14.02 38.38 -24.57
CA ALA D 209 15.14 37.44 -24.42
C ALA D 209 16.28 38.10 -23.66
N ILE D 210 16.64 39.31 -24.07
CA ILE D 210 17.64 40.09 -23.35
C ILE D 210 17.21 40.11 -21.89
N HIS D 211 15.98 40.58 -21.63
CA HIS D 211 15.44 40.69 -20.27
C HIS D 211 15.54 39.36 -19.49
N LEU D 212 15.01 38.29 -20.05
CA LEU D 212 14.98 36.97 -19.39
C LEU D 212 16.34 36.35 -19.18
N ALA D 213 17.24 36.56 -20.16
CA ALA D 213 18.63 36.15 -20.01
C ALA D 213 19.21 36.81 -18.79
N CYS D 214 19.14 38.14 -18.76
CA CYS D 214 19.66 38.95 -17.67
C CYS D 214 19.04 38.54 -16.33
N GLN D 215 17.74 38.29 -16.35
CA GLN D 215 17.01 37.77 -15.18
C GLN D 215 17.56 36.43 -14.72
N SER D 216 17.81 35.53 -15.67
CA SER D 216 18.35 34.20 -15.39
C SER D 216 19.79 34.20 -14.85
N LEU D 217 20.54 35.29 -15.10
CA LEU D 217 21.91 35.43 -14.60
C LEU D 217 22.00 35.98 -13.17
N ARG D 218 21.19 36.97 -12.82
CA ARG D 218 21.27 37.64 -11.51
C ARG D 218 20.97 36.65 -10.36
N ASN D 219 19.89 35.87 -10.51
CA ASN D 219 19.53 34.84 -9.52
C ASN D 219 20.52 33.67 -9.46
N GLY D 220 21.23 33.42 -10.55
CA GLY D 220 22.34 32.46 -10.59
C GLY D 220 21.93 31.04 -10.91
N GLU D 221 20.88 30.89 -11.71
CA GLU D 221 20.44 29.60 -12.22
C GLU D 221 21.36 29.15 -13.35
N CYS D 222 21.94 30.12 -14.04
CA CYS D 222 22.83 29.88 -15.17
C CYS D 222 24.02 30.81 -15.19
N GLU D 223 25.16 30.29 -15.67
CA GLU D 223 26.41 31.07 -15.72
C GLU D 223 26.42 32.15 -16.82
N ALA D 224 25.87 31.86 -18.00
CA ALA D 224 25.99 32.71 -19.18
C ALA D 224 24.85 32.46 -20.14
N ALA D 225 24.61 33.39 -21.05
CA ALA D 225 23.46 33.30 -21.94
C ALA D 225 23.77 33.75 -23.35
N PHE D 226 23.14 33.08 -24.31
CA PHE D 226 23.07 33.56 -25.69
C PHE D 226 21.67 34.12 -25.95
N ALA D 227 21.56 35.44 -25.82
CA ALA D 227 20.34 36.13 -26.17
C ALA D 227 20.42 36.53 -27.64
N GLY D 228 19.26 36.61 -28.30
CA GLY D 228 19.21 37.00 -29.71
C GLY D 228 17.81 37.09 -30.28
N GLY D 229 17.74 37.33 -31.59
CA GLY D 229 16.47 37.35 -32.33
C GLY D 229 16.71 37.01 -33.78
N VAL D 230 15.74 36.33 -34.39
CA VAL D 230 15.85 35.91 -35.80
C VAL D 230 14.57 36.26 -36.53
N ASN D 231 14.70 36.76 -37.75
CA ASN D 231 13.56 37.12 -38.56
C ASN D 231 13.88 36.92 -40.03
N VAL D 232 12.98 36.26 -40.74
CA VAL D 232 13.12 36.12 -42.19
C VAL D 232 11.79 36.24 -42.91
N SER D 233 11.88 36.77 -44.14
CA SER D 233 10.75 36.96 -45.04
C SER D 233 10.59 36.15 -46.32
N VAL D 234 9.88 35.03 -46.20
CA VAL D 234 10.02 33.91 -47.09
C VAL D 234 8.83 33.46 -47.96
N HIS D 235 7.63 33.58 -47.43
CA HIS D 235 6.40 33.43 -48.23
C HIS D 235 5.73 34.79 -48.36
N PRO D 236 4.92 35.00 -49.43
CA PRO D 236 4.14 36.23 -49.49
C PRO D 236 3.00 36.36 -48.44
N ASN D 237 2.78 35.35 -47.59
CA ASN D 237 1.74 35.40 -46.53
C ASN D 237 2.07 36.55 -45.59
N LYS D 238 3.36 36.65 -45.26
CA LYS D 238 3.88 37.72 -44.42
C LYS D 238 3.49 39.06 -45.02
N TYR D 239 3.75 39.20 -46.32
CA TYR D 239 3.46 40.43 -47.04
C TYR D 239 1.95 40.61 -47.32
N LEU D 240 1.21 39.52 -47.47
CA LEU D 240 -0.27 39.61 -47.47
C LEU D 240 -0.81 40.20 -46.19
N MET D 241 -0.54 39.50 -45.08
CA MET D 241 -1.12 39.81 -43.77
C MET D 241 -0.84 41.24 -43.35
N LEU D 242 0.38 41.68 -43.63
CA LEU D 242 0.81 43.02 -43.26
C LEU D 242 0.06 44.14 -44.02
N GLY D 243 -0.49 43.82 -45.20
CA GLY D 243 -1.22 44.78 -46.03
C GLY D 243 -2.73 44.86 -45.82
N GLN D 244 -3.35 43.74 -45.43
CA GLN D 244 -4.81 43.70 -45.18
C GLN D 244 -5.08 44.66 -44.02
N ASN D 245 -4.35 44.44 -42.95
CA ASN D 245 -4.37 45.31 -41.78
C ASN D 245 -3.30 46.30 -42.20
N ARG D 246 -3.56 47.53 -42.38
CA ARG D 246 -2.63 48.45 -43.12
C ARG D 246 -1.65 48.96 -42.05
N PHE D 247 -0.58 48.16 -41.87
CA PHE D 247 0.51 48.53 -40.98
C PHE D 247 1.60 49.21 -41.83
N LEU D 248 1.59 48.95 -43.15
CA LEU D 248 2.65 49.46 -44.05
C LEU D 248 2.29 50.77 -44.74
N SER D 249 3.32 51.40 -45.29
CA SER D 249 3.18 52.67 -46.03
C SER D 249 3.07 52.46 -47.52
N SER D 250 2.53 53.47 -48.20
CA SER D 250 2.49 53.52 -49.66
C SER D 250 3.91 53.66 -50.22
N LYS D 251 4.68 54.61 -49.67
CA LYS D 251 6.11 54.80 -50.04
C LYS D 251 6.93 53.52 -49.83
N GLY D 252 6.70 52.85 -48.70
CA GLY D 252 7.36 51.58 -48.36
C GLY D 252 8.73 51.75 -47.73
N ARG D 253 8.84 52.77 -46.87
CA ARG D 253 10.07 53.10 -46.19
C ARG D 253 9.84 53.33 -44.70
N CYS D 254 10.92 53.39 -43.90
CA CYS D 254 10.79 53.70 -42.44
C CYS D 254 11.13 55.19 -42.37
N GLU D 255 10.06 55.98 -42.14
CA GLU D 255 10.18 57.40 -41.87
C GLU D 255 10.08 57.42 -40.32
N SER D 256 11.22 57.51 -39.65
CA SER D 256 11.25 57.57 -38.19
C SER D 256 11.05 59.01 -37.73
N PHE D 257 9.88 59.29 -37.16
CA PHE D 257 9.46 60.64 -36.73
C PHE D 257 9.32 61.65 -37.89
N GLY D 258 9.19 61.15 -39.12
CA GLY D 258 9.13 62.00 -40.31
C GLY D 258 7.78 62.64 -40.54
N GLU D 259 7.65 63.43 -41.60
CA GLU D 259 6.39 64.12 -41.93
C GLU D 259 5.37 63.25 -42.67
N GLY D 260 5.86 62.39 -43.56
CA GLY D 260 5.00 61.43 -44.24
C GLY D 260 4.95 60.23 -43.30
N GLY D 261 4.22 60.36 -42.21
CA GLY D 261 4.20 59.34 -41.16
C GLY D 261 3.01 58.43 -41.42
N ASP D 262 3.23 57.41 -42.27
CA ASP D 262 2.16 56.52 -42.70
C ASP D 262 2.10 55.05 -42.18
N GLY D 263 3.12 54.30 -42.27
CA GLY D 263 3.15 52.85 -42.04
C GLY D 263 4.58 52.40 -42.26
N TYR D 264 4.94 51.16 -42.00
CA TYR D 264 6.36 50.77 -41.97
C TYR D 264 6.68 49.55 -42.84
N VAL D 265 7.95 49.25 -43.07
CA VAL D 265 8.34 48.08 -43.86
C VAL D 265 9.09 46.95 -43.15
N PRO D 266 8.82 45.67 -43.53
CA PRO D 266 9.44 44.57 -42.81
C PRO D 266 10.82 44.27 -43.35
N GLY D 267 11.82 44.64 -42.58
CA GLY D 267 13.19 44.23 -42.82
C GLY D 267 13.38 42.87 -42.17
N GLU D 268 13.99 41.96 -42.91
CA GLU D 268 14.49 40.70 -42.37
C GLU D 268 15.66 41.00 -41.35
N GLY D 269 16.12 39.99 -40.62
CA GLY D 269 17.26 40.17 -39.72
C GLY D 269 17.54 39.01 -38.79
N VAL D 270 18.79 38.91 -38.35
CA VAL D 270 19.20 37.92 -37.36
C VAL D 270 20.35 38.48 -36.52
N GLY D 271 20.37 38.12 -35.23
CA GLY D 271 21.37 38.64 -34.32
C GLY D 271 21.50 37.83 -33.07
N ALA D 272 22.63 38.00 -32.39
CA ALA D 272 22.95 37.24 -31.19
C ALA D 272 24.01 37.95 -30.34
N VAL D 273 23.86 37.83 -29.02
CA VAL D 273 24.79 38.44 -28.07
C VAL D 273 25.10 37.46 -26.93
N LEU D 274 26.31 37.56 -26.38
CA LEU D 274 26.75 36.69 -25.29
C LEU D 274 26.91 37.51 -24.02
N LEU D 275 26.20 37.09 -22.98
CA LEU D 275 26.08 37.85 -21.74
C LEU D 275 26.58 37.04 -20.55
N LYS D 276 27.11 37.75 -19.56
CA LYS D 276 27.68 37.13 -18.36
C LYS D 276 27.93 38.23 -17.31
N PRO D 277 27.87 37.91 -15.99
CA PRO D 277 28.14 38.93 -14.97
C PRO D 277 29.48 39.64 -15.06
N LEU D 278 29.46 40.93 -14.72
CA LEU D 278 30.65 41.74 -14.54
C LEU D 278 31.60 41.12 -13.50
N SER D 279 31.00 40.52 -12.46
CA SER D 279 31.75 39.85 -11.38
C SER D 279 32.90 38.98 -11.94
N LYS D 280 32.59 38.11 -12.90
CA LYS D 280 33.61 37.22 -13.51
C LYS D 280 34.30 37.79 -14.74
N ALA D 281 33.62 38.67 -15.47
CA ALA D 281 34.22 39.35 -16.64
C ALA D 281 35.59 40.01 -16.37
N LYS D 282 35.84 40.45 -15.15
CA LYS D 282 37.16 40.98 -14.78
C LYS D 282 38.17 39.88 -14.57
N ALA D 283 37.76 38.83 -13.85
CA ALA D 283 38.66 37.79 -13.37
C ALA D 283 39.21 36.93 -14.51
N ASP D 284 38.31 36.39 -15.33
CA ASP D 284 38.72 35.62 -16.53
C ASP D 284 38.61 37.02 -17.14
N GLY D 285 39.69 37.49 -17.76
CA GLY D 285 39.66 38.76 -18.50
C GLY D 285 39.07 38.62 -19.89
N ASP D 286 37.81 39.00 -20.02
CA ASP D 286 37.07 38.94 -21.28
C ASP D 286 36.95 40.31 -21.93
N HIS D 287 36.71 40.28 -23.23
CA HIS D 287 36.53 41.46 -24.10
C HIS D 287 35.13 41.98 -23.83
N ILE D 288 35.00 43.25 -23.44
CA ILE D 288 33.70 43.86 -23.11
C ILE D 288 33.27 44.86 -24.20
N TYR D 289 32.00 44.74 -24.61
CA TYR D 289 31.35 45.71 -25.48
C TYR D 289 30.56 46.73 -24.66
N GLY D 290 29.77 46.25 -23.69
CA GLY D 290 28.95 47.11 -22.84
C GLY D 290 28.36 46.41 -21.63
N LEU D 291 27.55 47.15 -20.88
CA LEU D 291 26.94 46.70 -19.64
C LEU D 291 25.44 46.90 -19.65
N ILE D 292 24.69 45.80 -19.64
CA ILE D 292 23.25 45.86 -19.43
C ILE D 292 23.03 46.06 -17.94
N LYS D 293 22.95 47.33 -17.55
CA LYS D 293 22.79 47.68 -16.12
C LYS D 293 21.33 47.71 -15.69
N GLY D 294 20.39 47.77 -16.64
CA GLY D 294 18.95 47.78 -16.34
C GLY D 294 18.09 47.10 -17.39
N THR D 295 17.06 46.40 -16.92
CA THR D 295 16.13 45.64 -17.74
C THR D 295 14.71 45.84 -17.25
N ALA D 296 13.75 45.90 -18.17
CA ALA D 296 12.35 46.10 -17.81
C ALA D 296 11.41 45.61 -18.91
N VAL D 297 10.20 45.22 -18.50
CA VAL D 297 9.17 44.73 -19.44
C VAL D 297 7.79 44.74 -18.77
N ASN D 298 6.74 45.04 -19.54
CA ASN D 298 5.35 44.89 -19.09
C ASN D 298 4.38 44.76 -20.27
N HIS D 299 3.08 44.70 -19.96
CA HIS D 299 2.02 44.78 -20.96
C HIS D 299 1.34 46.15 -20.90
N ASP D 300 0.68 46.55 -21.99
CA ASP D 300 0.00 47.85 -22.07
C ASP D 300 -1.48 47.97 -21.59
N GLY D 301 -2.00 46.99 -20.84
CA GLY D 301 -3.37 47.03 -20.32
C GLY D 301 -4.46 47.06 -21.39
N LYS D 302 -5.67 47.42 -20.97
CA LYS D 302 -6.73 47.71 -21.94
C LYS D 302 -6.55 49.09 -22.57
N THR D 303 -6.15 49.10 -23.84
CA THR D 303 -6.26 50.26 -24.73
C THR D 303 -7.63 50.27 -25.41
N ASN D 304 -7.92 51.35 -26.13
CA ASN D 304 -9.17 51.50 -26.86
C ASN D 304 -9.33 50.47 -27.99
N GLY D 305 -8.26 50.30 -28.77
CA GLY D 305 -8.18 49.24 -29.80
C GLY D 305 -7.21 48.15 -29.39
N TYR D 306 -7.12 47.10 -30.21
CA TYR D 306 -6.21 45.99 -29.91
C TYR D 306 -4.76 46.36 -30.17
N SER D 307 -4.50 46.87 -31.37
CA SER D 307 -3.13 47.18 -31.82
C SER D 307 -2.64 48.60 -31.49
N VAL D 308 -3.23 49.23 -30.47
CA VAL D 308 -2.85 50.57 -30.02
C VAL D 308 -1.85 50.43 -28.87
N PRO D 309 -0.85 51.34 -28.79
CA PRO D 309 0.04 51.39 -27.62
C PRO D 309 -0.41 52.47 -26.63
N ASN D 310 -0.17 52.22 -25.33
CA ASN D 310 -0.59 53.15 -24.26
C ASN D 310 0.61 53.94 -23.75
N PRO D 311 0.62 55.28 -23.95
CA PRO D 311 1.76 56.10 -23.52
C PRO D 311 2.02 56.06 -22.02
N ASN D 312 0.96 56.03 -21.21
CA ASN D 312 1.07 55.90 -19.76
C ASN D 312 1.82 54.59 -19.40
N ALA D 313 1.50 53.53 -20.13
CA ALA D 313 2.15 52.21 -19.97
C ALA D 313 3.64 52.19 -20.33
N GLN D 314 4.06 53.11 -21.20
CA GLN D 314 5.42 53.12 -21.74
C GLN D 314 6.45 53.64 -20.76
N ALA D 315 6.11 54.70 -20.05
CA ALA D 315 6.97 55.22 -18.98
C ALA D 315 7.02 54.27 -17.78
N ALA D 316 5.95 53.49 -17.58
CA ALA D 316 5.93 52.46 -16.52
C ALA D 316 7.00 51.38 -16.71
N VAL D 317 7.40 51.15 -17.96
CA VAL D 317 8.56 50.31 -18.25
C VAL D 317 9.82 51.10 -17.92
N ILE D 318 9.95 52.26 -18.54
CA ILE D 318 11.23 53.00 -18.56
C ILE D 318 11.61 53.51 -17.16
N LYS D 319 10.62 53.97 -16.38
CA LYS D 319 10.81 54.25 -14.95
C LYS D 319 11.42 53.03 -14.23
N GLN D 320 10.86 51.85 -14.51
CA GLN D 320 11.27 50.58 -13.91
C GLN D 320 12.64 50.10 -14.41
N ALA D 321 12.96 50.40 -15.67
CA ALA D 321 14.30 50.17 -16.21
C ALA D 321 15.34 51.02 -15.46
N LEU D 322 15.01 52.29 -15.24
CA LEU D 322 15.89 53.22 -14.51
C LEU D 322 15.85 53.06 -12.99
N LYS D 323 14.78 52.44 -12.46
CA LYS D 323 14.68 52.10 -11.03
C LYS D 323 15.83 51.17 -10.63
N ASP D 324 15.86 49.97 -11.22
CA ASP D 324 16.85 48.95 -10.83
C ASP D 324 18.25 49.24 -11.37
N ALA D 325 18.33 50.01 -12.45
CA ALA D 325 19.61 50.53 -12.95
C ALA D 325 20.26 51.49 -11.96
N GLY D 326 19.44 52.27 -11.26
CA GLY D 326 19.94 53.24 -10.27
C GLY D 326 20.72 54.38 -10.89
N THR D 327 20.33 54.75 -12.11
CA THR D 327 20.94 55.86 -12.84
C THR D 327 19.84 56.86 -13.16
N ASP D 328 20.19 58.14 -13.09
CA ASP D 328 19.22 59.22 -13.33
C ASP D 328 18.78 59.24 -14.79
N PRO D 329 17.55 59.73 -15.06
CA PRO D 329 17.17 60.10 -16.42
C PRO D 329 18.06 61.20 -17.03
N ARG D 330 18.60 62.08 -16.19
CA ARG D 330 19.52 63.14 -16.63
C ARG D 330 20.93 62.66 -16.99
N ALA D 331 21.26 61.43 -16.64
CA ALA D 331 22.51 60.81 -17.11
C ALA D 331 22.42 60.39 -18.58
N VAL D 332 21.21 60.03 -19.03
CA VAL D 332 21.02 59.36 -20.31
C VAL D 332 21.23 60.33 -21.48
N SER D 333 22.07 59.91 -22.44
CA SER D 333 22.47 60.73 -23.59
C SER D 333 21.97 60.23 -24.96
N TYR D 334 21.42 59.02 -25.03
CA TYR D 334 20.82 58.50 -26.26
C TYR D 334 19.70 57.51 -25.98
N ILE D 335 18.64 57.58 -26.78
CA ILE D 335 17.57 56.59 -26.74
C ILE D 335 17.46 55.97 -28.13
N GLU D 336 17.75 54.67 -28.21
CA GLU D 336 17.41 53.89 -29.39
C GLU D 336 15.93 53.56 -29.28
N ALA D 337 15.10 54.37 -29.93
CA ALA D 337 13.65 54.27 -29.85
C ALA D 337 13.13 53.12 -30.69
N HIS D 338 11.90 52.70 -30.41
CA HIS D 338 11.24 51.72 -31.25
C HIS D 338 11.12 52.29 -32.66
N GLY D 339 10.72 53.54 -32.79
CA GLY D 339 10.59 54.30 -34.07
C GLY D 339 9.74 53.59 -35.12
N THR D 340 8.50 53.29 -34.74
CA THR D 340 7.55 52.56 -35.61
C THR D 340 7.36 53.36 -36.89
N GLY D 341 7.04 54.64 -36.70
CA GLY D 341 6.87 55.58 -37.79
C GLY D 341 5.42 55.85 -38.16
N THR D 342 4.49 55.10 -37.59
CA THR D 342 3.05 55.31 -37.82
C THR D 342 2.57 56.65 -37.26
N SER D 343 1.47 57.16 -37.81
CA SER D 343 0.90 58.46 -37.41
C SER D 343 0.51 58.51 -35.93
N LEU D 344 0.09 57.37 -35.39
CA LEU D 344 -0.27 57.24 -33.97
C LEU D 344 0.94 56.88 -33.10
N GLY D 345 1.75 55.93 -33.59
CA GLY D 345 2.82 55.32 -32.81
C GLY D 345 3.96 56.21 -32.31
N ASP D 346 4.53 57.00 -33.22
CA ASP D 346 5.70 57.85 -32.89
C ASP D 346 5.40 58.98 -31.89
N PRO D 347 4.32 59.76 -32.11
CA PRO D 347 3.94 60.77 -31.10
C PRO D 347 3.68 60.21 -29.71
N ILE D 348 3.00 59.06 -29.66
CA ILE D 348 2.70 58.38 -28.40
C ILE D 348 3.99 57.99 -27.66
N GLU D 349 4.95 57.43 -28.39
CA GLU D 349 6.27 57.14 -27.83
C GLU D 349 6.91 58.36 -27.19
N ILE D 350 6.96 59.45 -27.96
CA ILE D 350 7.58 60.69 -27.52
C ILE D 350 6.90 61.21 -26.25
N THR D 351 5.57 61.18 -26.23
CA THR D 351 4.79 61.57 -25.05
C THR D 351 5.06 60.63 -23.85
N GLY D 352 5.19 59.33 -24.14
CA GLY D 352 5.53 58.34 -23.11
C GLY D 352 6.92 58.53 -22.54
N LEU D 353 7.89 58.76 -23.43
CA LEU D 353 9.25 59.09 -23.01
C LEU D 353 9.28 60.37 -22.16
N THR D 354 8.50 61.38 -22.56
CA THR D 354 8.46 62.67 -21.85
C THR D 354 8.08 62.49 -20.37
N LYS D 355 6.94 61.84 -20.13
CA LYS D 355 6.45 61.60 -18.76
C LYS D 355 7.48 60.96 -17.82
N ALA D 356 8.25 60.01 -18.35
CA ALA D 356 9.29 59.33 -17.56
C ALA D 356 10.40 60.29 -17.12
N PHE D 357 10.86 61.10 -18.06
CA PHE D 357 11.97 62.04 -17.82
C PHE D 357 11.53 63.31 -17.05
N SER D 358 10.25 63.67 -17.15
CA SER D 358 9.73 64.91 -16.55
C SER D 358 9.47 64.84 -15.04
N GLU D 359 9.57 63.65 -14.45
CA GLU D 359 9.21 63.43 -13.06
C GLU D 359 10.23 63.98 -12.04
N GLN D 360 11.52 64.01 -12.43
CA GLN D 360 12.61 64.55 -11.59
C GLN D 360 13.73 65.49 -12.17
N THR D 361 13.54 66.02 -13.37
CA THR D 361 14.53 66.91 -13.97
C THR D 361 13.91 67.42 -15.27
N GLN D 362 14.35 68.56 -15.73
CA GLN D 362 13.86 69.14 -16.99
C GLN D 362 14.98 69.97 -17.71
N ASP D 363 15.31 69.61 -18.95
CA ASP D 363 16.35 70.26 -19.77
C ASP D 363 17.56 70.76 -19.00
N GLN D 365 20.58 68.83 -19.46
CA GLN D 365 21.24 68.05 -20.49
C GLN D 365 20.19 67.43 -21.45
N PHE D 366 20.54 67.42 -22.74
CA PHE D 366 19.65 67.11 -23.88
C PHE D 366 19.97 65.73 -24.44
N CYS D 367 18.96 64.87 -24.54
CA CYS D 367 19.14 63.47 -24.94
C CYS D 367 18.93 63.38 -26.43
N ALA D 368 19.69 62.51 -27.08
CA ALA D 368 19.57 62.26 -28.51
C ALA D 368 18.65 61.06 -28.74
N ILE D 369 17.76 61.17 -29.73
CA ILE D 369 16.91 60.06 -30.14
C ILE D 369 17.23 59.68 -31.57
N GLY D 370 17.39 58.38 -31.80
CA GLY D 370 17.54 57.84 -33.15
C GLY D 370 17.00 56.44 -33.24
N SER D 371 17.01 55.91 -34.44
CA SER D 371 16.43 54.62 -34.73
C SER D 371 17.30 53.86 -35.77
N ALA D 372 17.65 52.61 -35.46
CA ALA D 372 18.33 51.71 -36.39
C ALA D 372 17.33 51.33 -37.47
N LYS D 373 16.06 51.25 -37.07
CA LYS D 373 14.94 50.90 -37.92
C LYS D 373 14.73 51.82 -39.12
N SER D 374 15.36 52.98 -39.11
CA SER D 374 15.41 53.85 -40.29
C SER D 374 16.34 53.28 -41.35
N ASN D 375 17.56 52.89 -40.93
CA ASN D 375 18.61 52.44 -41.87
C ASN D 375 18.28 51.07 -42.45
N ILE D 376 18.03 50.12 -41.57
CA ILE D 376 17.47 48.81 -41.93
C ILE D 376 15.96 48.89 -41.78
N GLY D 377 15.25 47.79 -42.04
CA GLY D 377 13.80 47.77 -41.92
C GLY D 377 13.35 47.43 -40.52
N HIS D 378 12.03 47.26 -40.35
CA HIS D 378 11.51 46.72 -39.10
C HIS D 378 11.79 45.24 -39.00
N CYS D 379 12.85 44.91 -38.26
CA CYS D 379 13.23 43.53 -37.99
C CYS D 379 12.07 43.18 -37.07
N GLU D 380 11.23 42.32 -37.40
CA GLU D 380 9.94 42.07 -36.77
C GLU D 380 10.31 41.55 -35.37
N SER D 381 11.12 40.51 -35.34
CA SER D 381 11.63 39.95 -34.10
C SER D 381 13.06 40.27 -33.75
N ALA D 382 13.77 40.97 -34.51
CA ALA D 382 15.19 41.20 -34.32
C ALA D 382 15.28 42.72 -34.11
N ALA D 383 14.18 43.32 -33.62
CA ALA D 383 14.06 44.77 -33.46
C ALA D 383 14.97 45.29 -32.38
N GLY D 384 14.85 44.66 -31.20
CA GLY D 384 15.68 44.98 -30.06
C GLY D 384 17.16 44.67 -30.29
N ILE D 385 17.45 43.49 -30.83
CA ILE D 385 18.83 43.03 -31.03
C ILE D 385 19.59 43.89 -32.06
N ALA D 386 18.89 44.31 -33.11
CA ALA D 386 19.47 45.21 -34.12
C ALA D 386 19.76 46.57 -33.51
N GLY D 387 18.78 47.10 -32.77
CA GLY D 387 18.94 48.32 -32.00
C GLY D 387 20.11 48.21 -31.03
N LEU D 388 20.12 47.13 -30.26
CA LEU D 388 21.21 46.86 -29.33
C LEU D 388 22.54 46.85 -30.06
N THR D 389 22.59 46.13 -31.18
CA THR D 389 23.77 46.09 -32.02
C THR D 389 24.17 47.50 -32.42
N LYS D 390 23.24 48.28 -32.98
CA LYS D 390 23.54 49.69 -33.32
C LYS D 390 24.10 50.45 -32.12
N VAL D 391 23.42 50.34 -30.98
CA VAL D 391 23.84 51.00 -29.74
C VAL D 391 25.29 50.65 -29.40
N LEU D 392 25.61 49.36 -29.47
CA LEU D 392 26.96 48.91 -29.14
C LEU D 392 28.01 49.32 -30.18
N LEU D 393 27.61 49.40 -31.45
CA LEU D 393 28.49 49.91 -32.49
C LEU D 393 28.73 51.41 -32.31
N GLN D 394 27.70 52.13 -31.85
CA GLN D 394 27.84 53.56 -31.51
C GLN D 394 28.82 53.77 -30.33
N MET D 395 28.84 52.85 -29.36
CA MET D 395 29.81 52.92 -28.24
C MET D 395 31.27 52.71 -28.65
N LYS D 396 31.58 51.68 -29.44
CA LYS D 396 32.98 51.35 -29.79
C LYS D 396 33.69 52.46 -30.57
N HIS D 397 33.04 53.00 -31.58
CA HIS D 397 33.62 54.07 -32.41
C HIS D 397 33.32 55.48 -31.90
N LYS D 398 32.69 55.57 -30.73
CA LYS D 398 32.41 56.82 -30.03
C LYS D 398 31.60 57.89 -30.79
N GLN D 399 30.69 57.45 -31.66
CA GLN D 399 29.95 58.36 -32.54
C GLN D 399 28.43 58.12 -32.47
N LEU D 400 27.67 59.17 -32.81
CA LEU D 400 26.21 59.14 -32.83
C LEU D 400 25.70 59.08 -34.26
N ALA D 401 25.22 57.91 -34.67
CA ALA D 401 24.76 57.70 -36.05
C ALA D 401 23.40 58.38 -36.28
N PRO D 402 23.08 58.68 -37.56
CA PRO D 402 21.84 59.36 -37.89
C PRO D 402 20.59 58.49 -37.97
N SER D 403 19.45 59.11 -37.63
CA SER D 403 18.13 58.56 -37.96
C SER D 403 17.77 59.11 -39.33
N LEU D 404 17.64 58.22 -40.31
CA LEU D 404 17.33 58.60 -41.69
C LEU D 404 15.85 58.99 -41.85
N HIS D 405 15.57 59.73 -42.93
CA HIS D 405 14.23 60.21 -43.28
C HIS D 405 13.55 61.02 -42.17
N SER D 406 14.35 61.86 -41.51
CA SER D 406 13.87 62.79 -40.51
C SER D 406 14.15 64.23 -40.95
N ARG D 407 14.20 64.45 -42.24
CA ARG D 407 14.32 65.78 -42.80
C ARG D 407 13.26 66.83 -42.51
N THR D 408 12.09 66.35 -42.13
CA THR D 408 10.96 67.17 -41.77
C THR D 408 10.24 66.33 -40.73
N LEU D 409 9.76 66.99 -39.68
CA LEU D 409 9.27 66.30 -38.48
C LEU D 409 7.77 66.52 -38.25
N ASN D 410 7.02 65.42 -38.11
CA ASN D 410 5.55 65.41 -37.85
C ASN D 410 5.13 66.51 -36.85
N PRO D 411 4.23 67.45 -37.25
CA PRO D 411 3.94 68.61 -36.38
C PRO D 411 3.63 68.31 -34.90
N ASN D 412 3.16 67.09 -34.62
CA ASN D 412 2.98 66.60 -33.26
C ASN D 412 4.29 66.26 -32.50
N ILE D 413 5.46 66.54 -33.07
CA ILE D 413 6.75 66.51 -32.36
C ILE D 413 6.98 67.92 -31.81
N ASP D 414 6.28 68.35 -30.77
CA ASP D 414 6.41 69.75 -30.34
C ASP D 414 7.42 69.46 -29.21
N PHE D 415 8.71 69.61 -29.47
CA PHE D 415 9.80 69.18 -28.55
C PHE D 415 10.37 70.32 -27.67
N LEU D 416 10.14 71.58 -28.05
CA LEU D 416 10.89 72.72 -27.48
C LEU D 416 10.76 72.85 -25.96
N ALA D 417 9.80 72.15 -25.32
CA ALA D 417 9.84 71.99 -23.84
C ALA D 417 10.09 70.55 -23.33
N THR D 418 10.78 69.76 -24.12
CA THR D 418 11.25 68.42 -23.76
C THR D 418 12.78 68.20 -23.86
N PRO D 419 13.32 67.20 -23.12
CA PRO D 419 14.75 66.88 -23.18
C PRO D 419 15.23 66.29 -24.50
N PHE D 420 14.36 65.50 -25.13
CA PHE D 420 14.71 64.75 -26.35
C PHE D 420 14.89 65.62 -27.60
N LYS D 421 15.75 65.16 -28.52
CA LYS D 421 16.03 65.81 -29.81
C LYS D 421 16.41 64.77 -30.87
N VAL D 422 15.80 64.86 -32.06
CA VAL D 422 16.05 63.89 -33.13
C VAL D 422 17.45 64.10 -33.67
N GLN D 423 18.17 62.98 -33.85
CA GLN D 423 19.58 62.97 -34.24
C GLN D 423 19.71 63.01 -35.77
N GLN D 424 19.89 64.21 -36.29
CA GLN D 424 19.94 64.49 -37.70
C GLN D 424 21.02 63.78 -38.55
N THR D 425 22.24 63.84 -38.04
CA THR D 425 23.46 63.55 -38.80
C THR D 425 24.54 62.92 -37.94
N LEU D 426 25.58 62.42 -38.59
CA LEU D 426 26.73 61.80 -37.91
C LEU D 426 27.60 62.86 -37.23
N GLU D 427 27.58 62.83 -35.89
CA GLU D 427 28.42 63.69 -35.07
C GLU D 427 29.10 62.85 -34.01
N GLU D 428 30.15 63.40 -33.43
CA GLU D 428 30.90 62.74 -32.36
C GLU D 428 30.13 62.72 -31.05
N TRP D 429 30.16 61.59 -30.36
CA TRP D 429 29.44 61.39 -29.10
C TRP D 429 30.30 61.89 -27.95
N LYS D 430 29.82 62.91 -27.24
CA LYS D 430 30.48 63.47 -26.08
C LYS D 430 29.88 62.93 -24.77
N ARG D 431 30.69 62.83 -23.72
CA ARG D 431 30.25 62.35 -22.42
C ARG D 431 29.70 63.56 -21.66
N PRO D 432 28.57 63.40 -20.94
CA PRO D 432 28.11 64.52 -20.09
C PRO D 432 29.04 64.78 -18.89
N VAL D 433 28.87 65.95 -18.25
CA VAL D 433 29.80 66.46 -17.21
C VAL D 433 29.26 66.28 -15.79
N ILE D 434 30.14 66.21 -14.79
CA ILE D 434 29.68 66.28 -13.39
C ILE D 434 29.47 67.75 -13.02
N ASN D 435 28.41 68.37 -13.56
CA ASN D 435 28.27 69.83 -13.49
C ASN D 435 27.71 70.37 -12.19
N GLU D 436 27.23 69.46 -11.32
CA GLU D 436 27.21 69.69 -9.85
C GLU D 436 28.59 70.17 -9.40
N ASN D 437 28.64 71.35 -8.78
CA ASN D 437 29.87 72.14 -8.57
C ASN D 437 30.71 72.36 -9.85
N GLU D 442 34.20 62.78 -14.86
CA GLU D 442 33.35 62.42 -16.03
C GLU D 442 32.18 61.41 -15.71
N LEU D 443 30.97 61.74 -16.19
CA LEU D 443 29.76 60.89 -16.05
C LEU D 443 29.83 59.97 -17.26
N PRO D 444 29.66 58.64 -17.06
CA PRO D 444 29.80 57.76 -18.22
C PRO D 444 28.77 57.93 -19.34
N ARG D 445 29.04 57.26 -20.44
CA ARG D 445 28.13 57.15 -21.57
C ARG D 445 26.97 56.26 -21.10
N THR D 446 25.73 56.73 -21.29
CA THR D 446 24.54 56.03 -20.82
C THR D 446 23.45 56.13 -21.88
N ALA D 447 22.85 55.01 -22.27
CA ALA D 447 21.88 54.99 -23.38
C ALA D 447 20.79 53.94 -23.25
N GLY D 448 19.56 54.34 -23.56
CA GLY D 448 18.37 53.50 -23.44
C GLY D 448 17.98 52.86 -24.76
N LEU D 449 17.28 51.73 -24.66
CA LEU D 449 16.90 50.93 -25.81
C LEU D 449 15.47 50.46 -25.65
N SER D 450 14.61 50.88 -26.58
CA SER D 450 13.17 50.60 -26.52
C SER D 450 12.73 49.63 -27.62
N SER D 451 11.65 48.87 -27.33
CA SER D 451 10.93 48.10 -28.34
C SER D 451 9.53 47.74 -27.79
N PHE D 452 8.48 48.02 -28.58
CA PHE D 452 7.08 47.91 -28.13
C PHE D 452 6.27 47.14 -29.14
N GLY D 453 5.58 46.11 -28.68
CA GLY D 453 4.79 45.25 -29.54
C GLY D 453 3.48 45.87 -29.96
N ALA D 454 3.05 45.56 -31.18
CA ALA D 454 1.70 45.88 -31.66
C ALA D 454 0.70 45.07 -30.84
N GLY D 455 1.01 43.79 -30.68
CA GLY D 455 0.41 42.98 -29.62
C GLY D 455 1.13 43.61 -28.44
N GLY D 456 0.53 44.05 -27.45
CA GLY D 456 0.98 45.14 -26.59
C GLY D 456 1.85 44.42 -25.58
N VAL D 457 3.18 44.43 -25.84
CA VAL D 457 4.20 43.99 -24.87
C VAL D 457 5.19 45.12 -25.04
N ASN D 458 5.64 45.72 -23.94
CA ASN D 458 6.58 46.83 -23.97
C ASN D 458 7.84 46.48 -23.17
N ALA D 459 9.02 46.85 -23.68
CA ALA D 459 10.30 46.54 -23.02
C ALA D 459 11.35 47.62 -23.26
N HIS D 460 12.15 47.90 -22.23
CA HIS D 460 13.21 48.91 -22.32
C HIS D 460 14.44 48.45 -21.56
N ILE D 461 15.59 48.55 -22.22
CA ILE D 461 16.88 48.16 -21.67
C ILE D 461 17.77 49.40 -21.61
N VAL D 462 18.68 49.43 -20.64
CA VAL D 462 19.54 50.59 -20.39
C VAL D 462 21.00 50.16 -20.37
N ILE D 463 21.78 50.66 -21.33
CA ILE D 463 23.16 50.22 -21.53
C ILE D 463 24.17 51.33 -21.21
N GLU D 464 25.32 50.92 -20.66
CA GLU D 464 26.41 51.81 -20.27
C GLU D 464 27.74 51.23 -20.74
N GLU D 465 28.67 52.12 -21.08
CA GLU D 465 29.98 51.71 -21.55
C GLU D 465 30.96 51.43 -20.40
N TYR D 466 31.79 50.40 -20.57
CA TYR D 466 32.83 50.08 -19.59
C TYR D 466 34.12 50.87 -19.88
N SER D 467 34.75 51.37 -18.81
CA SER D 467 36.01 52.15 -18.90
C SER D 467 37.20 51.25 -18.54
N ALA D 468 38.31 51.40 -19.26
CA ALA D 468 39.50 50.56 -19.04
C ALA D 468 40.28 51.17 -17.88
N ASP D 469 40.37 50.46 -16.75
CA ASP D 469 41.02 50.99 -15.52
C ASP D 469 42.52 51.21 -15.71
N ALA D 477 53.35 38.40 -19.47
CA ALA D 477 53.64 38.83 -20.84
C ALA D 477 54.26 37.72 -21.68
N ALA D 478 54.10 37.85 -23.00
CA ALA D 478 54.63 36.91 -23.98
C ALA D 478 56.04 37.33 -24.36
N PRO D 479 56.88 36.37 -24.83
CA PRO D 479 58.25 36.74 -25.17
C PRO D 479 58.28 37.56 -26.47
N HIS D 480 59.48 37.91 -26.92
CA HIS D 480 59.61 38.79 -28.10
C HIS D 480 58.80 38.21 -29.24
N PRO D 481 59.04 36.93 -29.64
CA PRO D 481 58.21 36.40 -30.73
C PRO D 481 56.88 35.79 -30.24
N SER D 482 55.83 35.88 -31.06
CA SER D 482 54.49 35.38 -30.72
C SER D 482 53.93 34.44 -31.78
N MET D 483 53.06 33.54 -31.35
CA MET D 483 52.52 32.44 -32.18
C MET D 483 51.13 32.79 -32.71
N ILE D 484 51.02 33.01 -34.02
CA ILE D 484 49.73 33.35 -34.63
C ILE D 484 49.39 31.96 -35.20
N VAL D 485 48.49 31.27 -34.57
CA VAL D 485 48.11 29.92 -34.99
C VAL D 485 46.71 30.18 -35.56
N LEU D 486 46.31 29.41 -36.58
CA LEU D 486 44.95 29.44 -37.15
C LEU D 486 44.55 28.08 -37.71
N SER D 487 43.26 27.78 -37.71
CA SER D 487 42.78 26.44 -38.04
C SER D 487 41.45 26.42 -38.82
N ALA D 488 41.18 25.31 -39.50
CA ALA D 488 39.91 25.08 -40.22
C ALA D 488 39.63 23.60 -40.48
N LYS D 489 38.47 23.30 -41.07
CA LYS D 489 37.99 21.94 -41.30
C LYS D 489 38.45 21.33 -42.64
N ASN D 490 38.71 22.16 -43.66
CA ASN D 490 39.29 21.68 -44.93
C ASN D 490 40.20 22.69 -45.65
N GLU D 491 40.83 22.22 -46.74
CA GLU D 491 41.86 22.96 -47.47
C GLU D 491 41.53 24.40 -47.82
N GLN D 492 40.42 24.61 -48.51
CA GLN D 492 40.17 25.88 -49.21
C GLN D 492 39.71 27.00 -48.26
N ARG D 493 39.30 26.64 -47.03
CA ARG D 493 38.78 27.62 -46.07
C ARG D 493 39.94 28.33 -45.38
N LEU D 494 41.09 27.68 -45.34
CA LEU D 494 42.36 28.31 -44.89
C LEU D 494 42.87 29.45 -45.77
N GLN D 495 42.58 29.38 -47.07
CA GLN D 495 42.78 30.54 -47.96
C GLN D 495 42.02 31.77 -47.41
N LYS D 496 40.78 31.59 -46.96
CA LYS D 496 39.88 32.65 -46.55
C LYS D 496 39.81 33.18 -45.10
N ARG D 497 40.06 32.26 -44.15
CA ARG D 497 40.30 32.59 -42.72
C ARG D 497 41.46 33.57 -42.53
N ALA D 498 42.50 33.42 -43.34
CA ALA D 498 43.59 34.37 -43.41
C ALA D 498 43.15 35.64 -44.14
N LYS D 499 42.53 35.48 -45.34
CA LYS D 499 42.07 36.63 -46.20
C LYS D 499 41.23 37.62 -45.38
N ARG D 500 40.34 37.09 -44.54
CA ARG D 500 39.48 37.90 -43.68
C ARG D 500 40.25 38.53 -42.50
N LEU D 501 41.25 37.83 -41.99
CA LEU D 501 42.19 38.42 -41.02
C LEU D 501 43.11 39.44 -41.68
N LEU D 502 43.46 39.22 -42.94
CA LEU D 502 44.22 40.19 -43.73
C LEU D 502 43.43 41.50 -43.88
N ASP D 503 42.21 41.40 -44.41
CA ASP D 503 41.38 42.58 -44.73
C ASP D 503 41.04 43.44 -43.49
N ALA D 504 41.11 42.84 -42.31
CA ALA D 504 41.02 43.59 -41.06
C ALA D 504 42.28 44.39 -40.78
N LEU D 505 43.43 43.75 -40.94
CA LEU D 505 44.73 44.37 -40.71
C LEU D 505 45.12 45.36 -41.82
N ARG D 506 44.60 45.13 -43.03
CA ARG D 506 44.60 46.11 -44.14
C ARG D 506 44.02 47.46 -43.69
N SER D 507 42.79 47.44 -43.17
CA SER D 507 42.10 48.65 -42.72
C SER D 507 42.66 49.21 -41.41
N GLY D 508 43.39 48.38 -40.66
CA GLY D 508 44.14 48.83 -39.50
C GLY D 508 43.27 49.01 -38.28
N ARG D 509 42.35 48.07 -38.07
CA ARG D 509 41.39 48.21 -36.95
C ARG D 509 42.06 48.11 -35.56
N TYR D 510 43.22 47.44 -35.47
CA TYR D 510 44.00 47.28 -34.23
C TYR D 510 45.38 47.81 -34.47
N ARG D 511 46.15 47.93 -33.42
CA ARG D 511 47.43 48.60 -33.43
C ARG D 511 48.56 47.66 -32.97
N GLU D 512 49.80 48.15 -33.03
CA GLU D 512 50.99 47.40 -32.56
C GLU D 512 50.93 46.83 -31.12
N ALA D 513 50.43 47.67 -30.22
CA ALA D 513 50.41 47.41 -28.78
C ALA D 513 49.36 46.42 -29.25
N ASP D 514 48.96 45.49 -28.38
CA ASP D 514 48.04 44.40 -28.76
C ASP D 514 48.37 43.32 -29.81
N LEU D 515 49.62 42.85 -29.78
CA LEU D 515 50.06 41.74 -30.65
C LEU D 515 49.97 40.44 -29.87
N SER D 516 50.20 40.54 -28.55
CA SER D 516 50.17 39.39 -27.63
C SER D 516 48.74 39.15 -27.12
N ARG D 517 47.84 39.93 -27.62
CA ARG D 517 46.44 39.81 -27.29
C ARG D 517 45.81 39.07 -28.49
N ILE D 518 46.22 39.43 -29.71
CA ILE D 518 45.75 38.76 -30.93
C ILE D 518 46.17 37.29 -30.93
N ALA D 519 47.44 37.05 -30.60
CA ALA D 519 47.99 35.69 -30.54
C ALA D 519 47.23 34.85 -29.53
N TYR D 520 47.14 35.36 -28.30
CA TYR D 520 46.46 34.70 -27.19
C TYR D 520 45.05 34.21 -27.53
N THR D 521 44.30 35.06 -28.21
CA THR D 521 42.96 34.73 -28.66
C THR D 521 42.97 33.49 -29.55
N LEU D 522 43.76 33.55 -30.61
CA LEU D 522 43.78 32.49 -31.64
C LEU D 522 44.29 31.15 -31.14
N GLN D 523 44.96 31.17 -29.99
CA GLN D 523 45.45 29.95 -29.34
C GLN D 523 44.36 29.29 -28.49
N VAL D 524 43.92 29.99 -27.45
CA VAL D 524 43.02 29.40 -26.45
C VAL D 524 41.53 29.55 -26.81
N GLY D 525 41.17 30.67 -27.43
CA GLY D 525 39.77 30.96 -27.77
C GLY D 525 39.39 30.79 -29.24
N ARG D 526 40.04 29.84 -29.90
CA ARG D 526 39.62 29.36 -31.22
C ARG D 526 39.74 27.86 -31.24
N GLU D 527 38.87 27.22 -32.00
CA GLU D 527 38.82 25.77 -32.06
C GLU D 527 40.03 25.18 -32.74
N PRO D 528 40.65 24.14 -32.15
CA PRO D 528 41.73 23.45 -32.83
C PRO D 528 41.16 22.45 -33.85
N MET D 529 40.85 22.97 -35.03
CA MET D 529 40.24 22.18 -36.11
C MET D 529 41.25 21.27 -36.84
N GLU D 530 40.73 20.47 -37.79
CA GLU D 530 41.48 19.40 -38.46
C GLU D 530 42.70 19.90 -39.27
N GLU D 531 42.46 20.83 -40.20
CA GLU D 531 43.53 21.48 -40.98
C GLU D 531 44.08 22.69 -40.23
N ARG D 532 45.37 22.98 -40.40
CA ARG D 532 46.06 23.94 -39.55
C ARG D 532 47.10 24.81 -40.27
N LEU D 533 47.50 25.90 -39.58
CA LEU D 533 48.57 26.81 -40.00
C LEU D 533 48.97 27.77 -38.87
N GLY D 534 50.27 28.02 -38.70
CA GLY D 534 50.76 29.08 -37.81
C GLY D 534 51.92 29.88 -38.38
N MET D 535 52.31 30.94 -37.68
CA MET D 535 53.46 31.78 -38.08
C MET D 535 54.12 32.46 -36.87
N ILE D 536 55.39 32.85 -37.04
CA ILE D 536 56.12 33.64 -35.97
C ILE D 536 56.32 35.13 -36.31
N VAL D 537 55.98 35.98 -35.34
CA VAL D 537 56.08 37.43 -35.48
C VAL D 537 56.64 38.08 -34.22
N SER D 538 57.25 39.25 -34.38
CA SER D 538 57.65 40.11 -33.26
C SER D 538 57.12 41.57 -33.38
N ASN D 539 56.25 41.82 -34.35
CA ASN D 539 55.68 43.15 -34.62
C ASN D 539 54.54 43.01 -35.66
N LEU D 540 53.82 44.08 -35.90
CA LEU D 540 52.61 44.00 -36.75
C LEU D 540 52.91 44.03 -38.24
N ARG D 541 54.14 44.38 -38.62
CA ARG D 541 54.53 44.58 -40.03
C ARG D 541 54.77 43.24 -40.73
N GLU D 542 55.52 42.37 -40.06
CA GLU D 542 55.74 40.99 -40.54
C GLU D 542 54.47 40.12 -40.48
N LEU D 543 53.39 40.67 -39.94
CA LEU D 543 52.08 40.05 -40.06
C LEU D 543 51.55 40.06 -41.48
N GLU D 544 51.71 41.17 -42.18
CA GLU D 544 51.04 41.35 -43.49
C GLU D 544 51.95 40.82 -44.58
N GLU D 545 53.27 40.96 -44.40
CA GLU D 545 54.26 40.36 -45.32
C GLU D 545 54.07 38.85 -45.52
N LYS D 546 53.51 38.15 -44.53
CA LYS D 546 53.11 36.74 -44.68
C LYS D 546 51.72 36.59 -45.31
N LEU D 547 50.72 37.26 -44.75
CA LEU D 547 49.33 37.06 -45.17
C LEU D 547 49.10 37.29 -46.67
N ASP D 548 49.76 38.31 -47.22
CA ASP D 548 49.69 38.61 -48.66
C ASP D 548 50.30 37.50 -49.55
N GLU D 549 51.29 36.78 -49.02
CA GLU D 549 51.93 35.65 -49.73
C GLU D 549 50.97 34.48 -49.92
N PHE D 550 50.06 34.26 -48.98
CA PHE D 550 49.07 33.15 -49.12
C PHE D 550 48.04 33.50 -50.16
N THR D 551 47.56 34.74 -50.13
CA THR D 551 46.61 35.26 -51.12
C THR D 551 47.29 35.37 -52.51
N GLY D 552 48.59 35.64 -52.54
CA GLY D 552 49.36 35.73 -53.78
C GLY D 552 49.66 34.41 -54.47
N GLY D 553 50.30 33.49 -53.76
CA GLY D 553 50.74 32.26 -54.40
C GLY D 553 51.32 31.20 -53.51
N LYS D 554 51.65 30.07 -54.14
CA LYS D 554 51.73 28.80 -53.45
C LYS D 554 53.19 28.31 -53.22
N GLU D 555 54.16 29.19 -53.43
CA GLU D 555 55.53 28.97 -52.87
C GLU D 555 55.50 28.52 -51.40
N SER D 556 56.46 27.68 -51.01
CA SER D 556 56.66 27.22 -49.62
C SER D 556 58.06 27.77 -49.28
N ILE D 557 58.10 28.97 -48.68
CA ILE D 557 59.35 29.61 -48.23
C ILE D 557 59.44 29.16 -46.77
N ASP D 558 60.45 29.53 -46.03
CA ASP D 558 60.67 28.93 -44.70
C ASP D 558 59.73 29.48 -43.59
N GLN D 559 59.16 30.63 -43.76
CA GLN D 559 58.18 31.22 -42.86
C GLN D 559 56.77 30.58 -42.74
N LEU D 560 56.41 29.62 -43.63
CA LEU D 560 55.09 28.91 -43.51
C LEU D 560 55.30 27.62 -42.73
N TYR D 561 54.33 27.27 -41.88
CA TYR D 561 54.24 25.91 -41.32
C TYR D 561 52.78 25.45 -41.51
N ARG D 562 52.59 24.32 -42.17
CA ARG D 562 51.25 23.78 -42.50
C ARG D 562 51.24 22.25 -42.36
N GLY D 563 50.15 21.70 -41.83
CA GLY D 563 50.02 20.25 -41.61
C GLY D 563 48.60 19.80 -41.33
N GLN D 564 48.46 18.56 -40.87
CA GLN D 564 47.14 17.98 -40.52
C GLN D 564 47.11 17.04 -39.32
N VAL D 565 46.00 17.06 -38.58
CA VAL D 565 45.75 16.10 -37.50
C VAL D 565 45.45 14.71 -38.07
N LYS D 566 44.80 14.68 -39.25
CA LYS D 566 44.35 13.43 -39.90
C LYS D 566 45.47 12.45 -40.30
N GLN D 567 46.68 12.97 -40.53
CA GLN D 567 47.80 12.18 -41.05
C GLN D 567 48.47 11.44 -39.93
N ASN D 568 48.90 12.18 -38.90
CA ASN D 568 49.73 11.62 -37.84
C ASN D 568 49.00 11.03 -36.63
N LYS D 569 48.65 9.75 -36.76
CA LYS D 569 48.04 8.95 -35.70
C LYS D 569 49.11 8.39 -34.79
N ASP D 570 48.71 7.92 -33.61
CA ASP D 570 49.56 7.35 -32.58
C ASP D 570 50.61 8.29 -31.94
N THR D 571 50.33 9.60 -31.98
CA THR D 571 51.06 10.59 -31.20
C THR D 571 50.08 11.13 -30.18
N MET D 572 48.80 11.24 -30.54
CA MET D 572 47.74 11.63 -29.59
C MET D 572 47.79 10.82 -28.30
N ALA D 573 47.72 9.50 -28.45
CA ALA D 573 47.76 8.57 -27.31
C ALA D 573 49.14 8.50 -26.65
N LEU D 574 50.18 8.74 -27.45
CA LEU D 574 51.55 8.89 -26.93
C LEU D 574 51.72 10.16 -26.09
N PHE D 575 51.18 11.29 -26.56
CA PHE D 575 51.40 12.59 -25.91
C PHE D 575 50.60 12.81 -24.62
N THR D 576 49.31 12.45 -24.64
CA THR D 576 48.38 12.87 -23.57
C THR D 576 48.61 12.13 -22.25
N ALA D 577 48.63 10.81 -22.30
CA ALA D 577 48.68 9.95 -21.11
C ALA D 577 50.12 9.69 -20.62
N ASP D 578 50.78 10.75 -20.20
CA ASP D 578 52.19 10.73 -19.82
C ASP D 578 52.57 12.03 -19.09
N GLU D 579 53.38 11.92 -18.04
CA GLU D 579 53.80 13.09 -17.25
C GLU D 579 55.07 13.78 -17.75
N ASP D 580 55.99 13.01 -18.35
CA ASP D 580 57.30 13.54 -18.73
C ASP D 580 57.29 14.42 -19.95
N MET D 581 56.53 14.04 -20.97
CA MET D 581 56.47 14.80 -22.21
C MET D 581 55.73 16.14 -22.03
N GLU D 582 54.93 16.24 -20.98
CA GLU D 582 54.34 17.53 -20.57
C GLU D 582 55.40 18.41 -19.90
N LYS D 583 56.39 17.79 -19.23
CA LYS D 583 57.57 18.52 -18.72
C LYS D 583 58.48 19.04 -19.85
N THR D 584 58.41 18.41 -21.03
CA THR D 584 59.19 18.80 -22.21
C THR D 584 58.55 19.99 -22.93
N ILE D 585 57.21 20.01 -22.91
CA ILE D 585 56.45 21.18 -23.38
C ILE D 585 56.62 22.32 -22.36
N GLU D 586 56.61 22.00 -21.07
CA GLU D 586 57.00 22.96 -19.99
C GLU D 586 58.44 23.46 -20.21
N ALA D 587 59.36 22.55 -20.51
CA ALA D 587 60.76 22.88 -20.78
C ALA D 587 60.99 23.55 -22.13
N TRP D 588 60.04 23.41 -23.06
CA TRP D 588 60.08 24.13 -24.34
C TRP D 588 59.79 25.65 -24.18
N LEU D 589 58.92 26.01 -23.26
CA LEU D 589 58.67 27.41 -22.95
C LEU D 589 59.84 28.13 -22.24
N GLU D 590 60.51 27.40 -21.34
CA GLU D 590 61.73 27.86 -20.64
C GLU D 590 62.72 28.57 -21.60
N LYS D 591 62.98 27.94 -22.74
CA LYS D 591 63.86 28.52 -23.77
C LYS D 591 63.13 29.55 -24.62
N GLY D 592 62.00 29.14 -25.19
CA GLY D 592 61.20 29.99 -26.06
C GLY D 592 61.64 30.06 -27.52
N LYS D 593 62.42 29.07 -27.98
CA LYS D 593 62.75 28.94 -29.42
C LYS D 593 61.50 28.48 -30.17
N ALA D 594 61.05 29.33 -31.09
CA ALA D 594 59.66 29.35 -31.54
C ALA D 594 59.32 28.33 -32.63
N ALA D 595 59.99 28.48 -33.77
CA ALA D 595 59.70 27.68 -34.98
C ALA D 595 59.66 26.17 -34.77
N LYS D 596 60.51 25.68 -33.86
CA LYS D 596 60.71 24.24 -33.62
C LYS D 596 59.46 23.57 -33.02
N VAL D 597 58.67 24.31 -32.25
CA VAL D 597 57.42 23.79 -31.66
C VAL D 597 56.25 23.86 -32.65
N LEU D 598 56.18 24.93 -33.41
CA LEU D 598 55.07 25.14 -34.34
C LEU D 598 54.99 24.07 -35.44
N GLU D 599 56.11 23.42 -35.75
CA GLU D 599 56.13 22.23 -36.62
C GLU D 599 55.26 21.10 -36.02
N LEU D 600 55.27 21.00 -34.69
CA LEU D 600 54.55 19.94 -33.96
C LEU D 600 53.11 20.28 -33.72
N TRP D 601 52.81 21.57 -33.64
CA TRP D 601 51.42 22.01 -33.48
C TRP D 601 50.63 21.67 -34.75
N VAL D 602 51.15 22.06 -35.90
CA VAL D 602 50.45 21.82 -37.19
C VAL D 602 50.26 20.34 -37.49
N LYS D 603 51.16 19.52 -36.97
CA LYS D 603 51.02 18.08 -37.11
C LYS D 603 50.27 18.48 -35.81
N GLY D 604 49.32 17.65 -35.39
CA GLY D 604 48.56 17.86 -34.19
C GLY D 604 49.23 17.45 -32.90
N LEU D 605 49.79 18.47 -32.20
CA LEU D 605 50.12 18.34 -30.80
C LEU D 605 48.86 19.01 -30.31
N PRO D 606 48.22 18.49 -29.26
CA PRO D 606 47.39 19.30 -28.38
C PRO D 606 48.09 19.73 -27.09
N LEU D 607 48.22 21.04 -26.90
CA LEU D 607 48.97 21.57 -25.75
C LEU D 607 48.18 22.50 -24.84
N ASN D 608 48.59 22.55 -23.59
CA ASN D 608 47.95 23.39 -22.60
C ASN D 608 48.61 24.77 -22.70
N TRP D 609 47.94 25.71 -23.37
CA TRP D 609 48.54 27.00 -23.75
C TRP D 609 48.81 27.95 -22.59
N ASP D 610 47.98 27.92 -21.54
CA ASP D 610 48.01 28.95 -20.46
C ASP D 610 49.39 29.33 -19.83
N LYS D 611 50.35 28.42 -19.93
CA LYS D 611 51.64 28.56 -19.31
C LYS D 611 52.56 29.42 -20.14
N LEU D 612 52.18 29.87 -21.35
CA LEU D 612 53.14 30.69 -22.13
C LEU D 612 53.35 31.93 -21.21
N TYR D 613 52.24 32.33 -20.55
CA TYR D 613 52.11 33.58 -19.78
C TYR D 613 52.54 33.49 -18.30
N GLN D 614 52.27 34.53 -17.51
CA GLN D 614 52.54 34.56 -16.06
C GLN D 614 51.33 33.71 -15.63
N MET D 615 51.00 33.51 -14.37
CA MET D 615 49.76 32.75 -13.93
C MET D 615 48.37 33.01 -14.60
N GLY D 616 48.31 34.20 -15.16
CA GLY D 616 47.15 34.80 -15.80
C GLY D 616 47.52 35.70 -16.98
N ARG D 617 46.69 35.62 -18.02
CA ARG D 617 47.01 36.11 -19.35
C ARG D 617 46.33 37.47 -19.74
N PRO D 618 46.83 38.11 -20.83
CA PRO D 618 46.20 39.35 -21.32
C PRO D 618 44.75 39.14 -21.79
N GLN D 619 43.94 40.19 -21.77
CA GLN D 619 42.47 40.07 -22.06
C GLN D 619 42.22 39.66 -23.52
N LYS D 620 40.97 39.32 -23.84
CA LYS D 620 40.60 38.94 -25.22
C LYS D 620 40.50 40.07 -26.24
N ILE D 621 40.39 39.74 -27.50
CA ILE D 621 40.11 40.71 -28.54
C ILE D 621 39.10 40.21 -29.60
N SER D 622 38.39 41.16 -30.20
CA SER D 622 37.47 40.89 -31.32
C SER D 622 38.24 40.53 -32.58
N LEU D 623 38.22 39.26 -32.95
CA LEU D 623 38.78 38.83 -34.23
C LEU D 623 37.69 38.23 -35.12
N PRO D 624 37.91 38.23 -36.46
CA PRO D 624 36.93 37.69 -37.41
C PRO D 624 36.61 36.22 -37.18
N ALA D 625 35.32 35.90 -37.15
CA ALA D 625 34.86 34.53 -36.92
C ALA D 625 35.04 33.69 -38.17
N TYR D 626 34.97 32.38 -37.98
CA TYR D 626 35.08 31.39 -39.04
C TYR D 626 34.12 31.65 -40.23
N PRO D 627 34.66 31.95 -41.44
CA PRO D 627 33.78 32.06 -42.61
C PRO D 627 33.27 30.71 -43.09
N PHE D 628 32.02 30.70 -43.52
CA PHE D 628 31.24 29.49 -43.70
C PHE D 628 31.11 29.14 -45.18
N ALA D 629 30.77 27.88 -45.42
CA ALA D 629 30.55 27.32 -46.76
C ALA D 629 29.31 27.89 -47.45
N LYS D 630 29.21 27.63 -48.76
CA LYS D 630 28.22 28.28 -49.64
C LYS D 630 27.27 27.32 -50.36
N ASP D 631 26.88 26.24 -49.69
CA ASP D 631 25.97 25.25 -50.29
C ASP D 631 24.50 25.67 -50.09
N ARG D 632 23.68 25.49 -51.14
CA ARG D 632 22.24 25.88 -51.11
C ARG D 632 21.16 24.80 -50.90
N TYR D 633 20.50 24.81 -49.78
CA TYR D 633 19.42 23.86 -49.46
C TYR D 633 18.03 24.49 -49.45
N TRP D 634 17.05 23.84 -50.01
CA TRP D 634 15.71 24.39 -50.23
C TRP D 634 14.80 23.19 -50.62
N ILE D 635 13.51 23.43 -50.86
CA ILE D 635 12.56 22.36 -51.21
C ILE D 635 12.80 21.58 -52.53
N ASP D 636 12.44 20.30 -52.49
CA ASP D 636 12.73 19.26 -53.47
C ASP D 636 11.43 18.85 -54.16
#